data_4ECE
#
_entry.id   4ECE
#
_cell.length_a   77.553
_cell.length_b   129.676
_cell.length_c   104.346
_cell.angle_alpha   90.00
_cell.angle_beta   105.29
_cell.angle_gamma   90.00
#
_symmetry.space_group_name_H-M   'P 1 21 1'
#
loop_
_entity.id
_entity.type
_entity.pdbx_description
1 polymer 'Purine nucleoside phosphorylase'
2 non-polymer GUANINE
3 water water
#
_entity_poly.entity_id   1
_entity_poly.type   'polypeptide(L)'
_entity_poly.pdbx_seq_one_letter_code
;MRGSHHHHHHGMASMTGGQQMGRDLYDDDDKDPTLMENGYTYEDYKNTAEYLLSHTKHRPQVAIICGSGLGGLTDKLTQA
QIFDYSEIPNFPRSTVPGHAGRLVFGFLNGRACVMMQGRFHMYEGYPLYKVTFPVRVFHLLGVDTLVVTNAAGGLNPKFE
VGDIMLIRDHINLPGFSGQNPLRGPNDERFGDRFPAMSDAYDRTMRQRALSTYKQMGEQRELQEGTYVMVAGPSFETVAE
CRVLQKLGADAVGMSTVPEVIVARHCGLRVFGFSLITNKVIMDYESLEKANWEEVLAAGKQAAQKLEQFVSILMASIPLP
DKAS
;
_entity_poly.pdbx_strand_id   A,B,C,D,E,F
#
loop_
_chem_comp.id
_chem_comp.type
_chem_comp.name
_chem_comp.formula
GUN non-polymer GUANINE 'C5 H5 N5 O'
#
# COMPACT_ATOMS: atom_id res chain seq x y z
N GLY A 39 -2.03 17.84 12.80
CA GLY A 39 -1.43 17.02 11.73
C GLY A 39 -0.01 16.54 12.03
N TYR A 40 0.98 17.38 11.75
CA TYR A 40 2.41 17.03 11.89
C TYR A 40 2.99 17.64 13.14
N THR A 41 4.03 17.02 13.69
CA THR A 41 4.78 17.65 14.80
C THR A 41 5.98 18.43 14.29
N TYR A 42 6.57 19.25 15.14
CA TYR A 42 7.77 19.96 14.72
C TYR A 42 8.91 19.00 14.27
N GLU A 43 9.09 17.88 15.00
CA GLU A 43 10.00 16.79 14.61
C GLU A 43 9.83 16.36 13.16
N ASP A 44 8.58 16.06 12.80
CA ASP A 44 8.29 15.54 11.49
C ASP A 44 8.90 16.42 10.43
N TYR A 45 8.71 17.73 10.59
CA TYR A 45 9.18 18.69 9.58
C TYR A 45 10.69 18.63 9.54
N LYS A 46 11.27 18.63 10.73
CA LYS A 46 12.70 18.57 10.91
C LYS A 46 13.28 17.32 10.27
N ASN A 47 12.69 16.16 10.53
CA ASN A 47 13.14 14.91 9.91
C ASN A 47 13.19 15.01 8.40
N THR A 48 12.11 15.51 7.82
CA THR A 48 12.00 15.61 6.37
C THR A 48 13.09 16.49 5.83
N ALA A 49 13.38 17.57 6.56
CA ALA A 49 14.41 18.52 6.11
C ALA A 49 15.78 17.88 6.21
N GLU A 50 16.04 17.21 7.34
CA GLU A 50 17.30 16.50 7.61
C GLU A 50 17.55 15.44 6.57
N TYR A 51 16.52 14.69 6.21
CA TYR A 51 16.65 13.69 5.16
C TYR A 51 17.16 14.34 3.89
N LEU A 52 16.55 15.44 3.48
CA LEU A 52 16.91 16.09 2.24
C LEU A 52 18.30 16.69 2.31
N LEU A 53 18.58 17.36 3.43
CA LEU A 53 19.86 18.04 3.61
C LEU A 53 21.00 17.03 3.56
N SER A 54 20.80 15.89 4.22
CA SER A 54 21.81 14.83 4.27
C SER A 54 21.98 14.10 2.94
N HIS A 55 21.03 14.23 2.00
CA HIS A 55 21.11 13.50 0.74
C HIS A 55 21.39 14.36 -0.46
N THR A 56 21.80 15.60 -0.21
CA THR A 56 22.21 16.50 -1.30
C THR A 56 23.10 17.55 -0.73
N LYS A 57 23.96 18.09 -1.59
CA LYS A 57 24.86 19.17 -1.19
C LYS A 57 24.29 20.53 -1.59
N HIS A 58 23.29 20.51 -2.47
CA HIS A 58 22.54 21.71 -2.83
C HIS A 58 21.96 22.34 -1.60
N ARG A 59 22.03 23.66 -1.57
CA ARG A 59 21.48 24.44 -0.48
C ARG A 59 20.67 25.59 -1.07
N PRO A 60 19.36 25.40 -1.27
CA PRO A 60 18.59 26.35 -2.06
C PRO A 60 18.27 27.65 -1.30
N GLN A 61 18.31 28.78 -2.00
CA GLN A 61 17.89 30.07 -1.44
C GLN A 61 16.42 30.33 -1.78
N VAL A 62 16.04 29.86 -2.96
CA VAL A 62 14.75 30.11 -3.51
C VAL A 62 13.98 28.80 -3.74
N ALA A 63 12.75 28.67 -3.21
CA ALA A 63 11.85 27.60 -3.61
C ALA A 63 10.86 28.13 -4.62
N ILE A 64 10.57 27.32 -5.64
CA ILE A 64 9.66 27.71 -6.71
C ILE A 64 8.59 26.61 -6.82
N ILE A 65 7.33 26.99 -6.68
CA ILE A 65 6.21 26.08 -6.85
C ILE A 65 5.61 26.30 -8.23
N CYS A 66 5.74 25.32 -9.11
CA CYS A 66 5.32 25.47 -10.51
C CYS A 66 3.85 25.16 -10.60
N GLY A 67 3.08 26.06 -11.16
CA GLY A 67 1.64 25.96 -11.01
C GLY A 67 1.10 24.74 -11.68
N SER A 68 0.08 24.12 -11.05
CA SER A 68 -0.67 23.05 -11.71
C SER A 68 -1.43 23.59 -12.95
N GLY A 69 -0.96 23.20 -14.14
CA GLY A 69 -1.35 23.80 -15.44
C GLY A 69 -0.22 24.53 -16.18
N LEU A 70 1.01 24.54 -15.64
CA LEU A 70 2.08 25.46 -16.11
C LEU A 70 3.39 24.86 -16.73
N GLY A 71 4.51 25.58 -16.64
CA GLY A 71 5.80 25.17 -17.24
C GLY A 71 6.65 24.07 -16.59
N GLY A 72 7.20 23.18 -17.43
CA GLY A 72 8.26 22.19 -17.10
C GLY A 72 9.67 22.78 -17.17
N LEU A 73 9.88 23.75 -16.30
CA LEU A 73 11.04 24.58 -16.09
C LEU A 73 12.29 23.88 -15.53
N THR A 74 12.13 22.63 -15.10
CA THR A 74 13.26 21.83 -14.58
C THR A 74 14.39 21.67 -15.61
N ASP A 75 14.00 21.63 -16.88
CA ASP A 75 14.94 21.51 -17.99
C ASP A 75 15.96 22.64 -18.06
N LYS A 76 15.67 23.77 -17.42
CA LYS A 76 16.61 24.87 -17.44
C LYS A 76 17.54 24.84 -16.22
N LEU A 77 17.28 23.92 -15.31
CA LEU A 77 18.14 23.71 -14.15
C LEU A 77 19.47 23.09 -14.55
N THR A 78 20.56 23.61 -14.01
CA THR A 78 21.87 22.97 -14.17
C THR A 78 22.22 22.28 -12.88
N GLN A 79 22.91 21.14 -12.98
CA GLN A 79 23.29 20.30 -11.83
C GLN A 79 22.06 19.81 -11.09
N ALA A 80 21.03 19.47 -11.86
CA ALA A 80 19.78 18.96 -11.32
C ALA A 80 19.97 17.72 -10.44
N GLN A 81 19.17 17.63 -9.36
CA GLN A 81 19.09 16.40 -8.58
C GLN A 81 17.65 16.19 -8.09
N ILE A 82 17.05 15.09 -8.52
CA ILE A 82 15.64 14.77 -8.30
C ILE A 82 15.40 13.94 -7.05
N PHE A 83 14.29 14.21 -6.35
CA PHE A 83 13.77 13.39 -5.29
C PHE A 83 12.30 13.22 -5.62
N ASP A 84 11.79 11.98 -5.60
CA ASP A 84 10.36 11.75 -5.77
C ASP A 84 9.66 11.84 -4.43
N TYR A 85 8.39 12.25 -4.44
CA TYR A 85 7.65 12.43 -3.17
C TYR A 85 7.59 11.15 -2.37
N SER A 86 7.51 10.03 -3.10
CA SER A 86 7.58 8.68 -2.54
C SER A 86 8.86 8.42 -1.74
N GLU A 87 9.99 8.97 -2.18
CA GLU A 87 11.24 8.88 -1.42
C GLU A 87 11.23 9.68 -0.13
N ILE A 88 10.53 10.83 -0.11
CA ILE A 88 10.73 11.80 0.98
C ILE A 88 9.80 11.50 2.13
N PRO A 89 10.38 11.31 3.34
CA PRO A 89 9.59 10.98 4.54
C PRO A 89 8.59 12.07 4.92
N ASN A 90 7.37 11.65 5.28
CA ASN A 90 6.28 12.53 5.69
C ASN A 90 5.57 13.31 4.56
N PHE A 91 6.11 13.24 3.35
CA PHE A 91 5.49 13.90 2.24
C PHE A 91 4.19 13.22 1.89
N PRO A 92 3.15 14.01 1.64
CA PRO A 92 1.87 13.48 1.18
C PRO A 92 2.08 13.02 -0.25
N ARG A 93 1.21 12.18 -0.80
CA ARG A 93 1.40 11.70 -2.17
C ARG A 93 0.14 11.78 -3.01
N SER A 94 0.29 12.26 -4.25
CA SER A 94 -0.82 12.36 -5.20
C SER A 94 -1.16 10.96 -5.73
N THR A 95 -2.43 10.59 -5.67
CA THR A 95 -2.91 9.33 -6.28
C THR A 95 -3.09 9.51 -7.80
N VAL A 96 -3.09 10.77 -8.24
CA VAL A 96 -3.05 11.17 -9.66
C VAL A 96 -2.03 10.28 -10.41
N PRO A 97 -2.49 9.58 -11.48
CA PRO A 97 -1.83 8.35 -11.99
C PRO A 97 -0.38 8.46 -12.47
N GLY A 98 -0.06 9.53 -13.20
CA GLY A 98 1.26 9.68 -13.83
C GLY A 98 2.45 9.52 -12.89
N HIS A 99 2.43 10.28 -11.79
CA HIS A 99 3.55 10.34 -10.84
C HIS A 99 3.12 10.93 -9.50
N ALA A 100 3.89 10.65 -8.46
CA ALA A 100 3.67 11.29 -7.16
C ALA A 100 4.05 12.76 -7.28
N GLY A 101 5.03 13.06 -8.13
CA GLY A 101 5.63 14.39 -8.22
C GLY A 101 6.99 14.44 -7.55
N ARG A 102 7.73 15.51 -7.77
CA ARG A 102 9.13 15.50 -7.40
C ARG A 102 9.60 16.86 -6.95
N LEU A 103 10.60 16.89 -6.07
CA LEU A 103 11.43 18.07 -5.83
C LEU A 103 12.71 17.95 -6.64
N VAL A 104 13.07 19.03 -7.33
CA VAL A 104 14.28 19.04 -8.15
C VAL A 104 15.17 20.19 -7.72
N PHE A 105 16.28 19.88 -7.06
CA PHE A 105 17.25 20.90 -6.72
C PHE A 105 18.13 21.25 -7.92
N GLY A 106 18.83 22.37 -7.82
CA GLY A 106 19.67 22.83 -8.93
C GLY A 106 19.98 24.32 -8.89
N PHE A 107 20.46 24.81 -10.03
CA PHE A 107 20.74 26.21 -10.20
C PHE A 107 19.90 26.66 -11.36
N LEU A 108 19.26 27.81 -11.20
CA LEU A 108 18.58 28.46 -12.31
C LEU A 108 19.21 29.84 -12.40
N ASN A 109 19.75 30.15 -13.57
CA ASN A 109 20.66 31.30 -13.74
C ASN A 109 21.64 31.47 -12.60
N GLY A 110 22.34 30.39 -12.25
CA GLY A 110 23.31 30.39 -11.17
C GLY A 110 22.70 30.63 -9.79
N ARG A 111 21.36 30.59 -9.72
CA ARG A 111 20.68 30.73 -8.45
C ARG A 111 20.36 29.38 -7.83
N ALA A 112 20.78 29.21 -6.59
CA ALA A 112 20.58 27.96 -5.87
C ALA A 112 19.14 27.82 -5.44
N CYS A 113 18.44 26.87 -6.07
CA CYS A 113 17.04 26.70 -5.80
C CYS A 113 16.52 25.25 -5.80
N VAL A 114 15.34 25.08 -5.20
CA VAL A 114 14.56 23.85 -5.25
C VAL A 114 13.23 24.13 -5.94
N MET A 115 12.85 23.25 -6.85
CA MET A 115 11.60 23.41 -7.59
C MET A 115 10.62 22.32 -7.23
N MET A 116 9.38 22.72 -7.00
CA MET A 116 8.37 21.78 -6.61
C MET A 116 7.44 21.57 -7.78
N GLN A 117 7.36 20.32 -8.25
CA GLN A 117 6.52 19.99 -9.39
C GLN A 117 5.48 18.97 -8.98
N GLY A 118 4.22 19.34 -9.16
CA GLY A 118 3.12 18.60 -8.60
C GLY A 118 2.76 19.18 -7.23
N ARG A 119 1.50 19.57 -7.09
CA ARG A 119 1.09 20.10 -5.82
C ARG A 119 -0.18 19.45 -5.27
N PHE A 120 -0.53 19.86 -4.05
CA PHE A 120 -1.73 19.36 -3.41
C PHE A 120 -2.74 20.48 -3.26
N HIS A 121 -4.01 20.15 -3.43
CA HIS A 121 -5.04 21.14 -3.52
C HIS A 121 -6.15 20.84 -2.59
N MET A 122 -6.75 21.88 -2.06
CA MET A 122 -7.90 21.73 -1.17
C MET A 122 -9.02 20.92 -1.84
N TYR A 123 -9.26 21.15 -3.13
CA TYR A 123 -10.36 20.52 -3.82
C TYR A 123 -10.15 19.01 -3.97
N GLU A 124 -8.90 18.56 -3.85
CA GLU A 124 -8.58 17.15 -3.94
C GLU A 124 -8.86 16.43 -2.64
N GLY A 125 -9.13 17.17 -1.57
CA GLY A 125 -9.45 16.58 -0.28
C GLY A 125 -8.34 16.78 0.74
N TYR A 126 -7.16 17.20 0.30
CA TYR A 126 -6.08 17.42 1.26
C TYR A 126 -6.44 18.48 2.32
N PRO A 127 -6.13 18.19 3.60
CA PRO A 127 -6.20 19.26 4.59
C PRO A 127 -5.11 20.28 4.28
N LEU A 128 -5.27 21.49 4.80
CA LEU A 128 -4.35 22.57 4.48
C LEU A 128 -2.95 22.36 5.03
N TYR A 129 -2.86 21.70 6.17
CA TYR A 129 -1.54 21.43 6.72
C TYR A 129 -0.75 20.46 5.87
N LYS A 130 -1.44 19.62 5.11
CA LYS A 130 -0.74 18.84 4.08
C LYS A 130 -0.39 19.66 2.84
N VAL A 131 -1.36 20.47 2.38
CA VAL A 131 -1.14 21.37 1.22
C VAL A 131 0.13 22.23 1.35
N THR A 132 0.34 22.70 2.58
CA THR A 132 1.43 23.62 2.89
C THR A 132 2.63 22.97 3.59
N PHE A 133 2.56 21.67 3.83
CA PHE A 133 3.72 20.95 4.37
C PHE A 133 5.08 21.31 3.68
N PRO A 134 5.15 21.26 2.34
CA PRO A 134 6.44 21.52 1.70
C PRO A 134 7.04 22.90 2.07
N VAL A 135 6.16 23.91 2.24
CA VAL A 135 6.62 25.27 2.48
C VAL A 135 7.39 25.30 3.78
N ARG A 136 6.82 24.71 4.83
CA ARG A 136 7.51 24.63 6.11
C ARG A 136 8.89 23.92 5.97
N VAL A 137 8.93 22.86 5.15
CA VAL A 137 10.18 22.12 4.88
C VAL A 137 11.19 23.00 4.14
N PHE A 138 10.76 23.69 3.09
CA PHE A 138 11.64 24.69 2.46
C PHE A 138 12.31 25.66 3.47
N HIS A 139 11.53 26.15 4.42
CA HIS A 139 12.05 27.09 5.37
C HIS A 139 13.21 26.43 6.13
N LEU A 140 12.96 25.17 6.53
CA LEU A 140 13.94 24.42 7.29
C LEU A 140 15.15 24.03 6.42
N LEU A 141 14.99 23.98 5.11
CA LEU A 141 16.15 23.83 4.26
C LEU A 141 17.04 25.07 4.22
N GLY A 142 16.61 26.17 4.85
CA GLY A 142 17.30 27.47 4.71
C GLY A 142 16.90 28.35 3.50
N VAL A 143 15.89 27.93 2.72
CA VAL A 143 15.29 28.80 1.70
C VAL A 143 14.81 30.10 2.36
N ASP A 144 14.95 31.22 1.67
CA ASP A 144 14.42 32.48 2.19
C ASP A 144 13.45 33.23 1.22
N THR A 145 13.25 32.68 0.03
CA THR A 145 12.37 33.32 -0.92
C THR A 145 11.54 32.24 -1.56
N LEU A 146 10.21 32.45 -1.59
CA LEU A 146 9.27 31.54 -2.25
C LEU A 146 8.62 32.21 -3.43
N VAL A 147 8.77 31.59 -4.59
CA VAL A 147 8.10 32.01 -5.81
C VAL A 147 6.98 31.01 -6.12
N VAL A 148 5.73 31.49 -6.14
CA VAL A 148 4.56 30.64 -6.39
C VAL A 148 3.94 31.07 -7.68
N THR A 149 3.47 30.13 -8.49
CA THR A 149 2.82 30.51 -9.73
C THR A 149 1.62 29.61 -9.93
N ASN A 150 0.68 30.03 -10.76
CA ASN A 150 -0.51 29.26 -10.92
C ASN A 150 -1.19 29.71 -12.16
N ALA A 151 -2.25 29.03 -12.53
CA ALA A 151 -3.16 29.51 -13.58
C ALA A 151 -4.30 30.20 -12.87
N ALA A 152 -5.02 31.08 -13.57
CA ALA A 152 -6.13 31.79 -12.99
C ALA A 152 -7.04 32.28 -14.09
N GLY A 153 -8.32 32.41 -13.81
CA GLY A 153 -9.31 33.01 -14.69
C GLY A 153 -9.31 34.51 -14.52
N GLY A 154 -9.41 35.25 -15.64
CA GLY A 154 -9.31 36.70 -15.70
C GLY A 154 -10.65 37.29 -15.33
N LEU A 155 -10.67 38.12 -14.29
CA LEU A 155 -11.90 38.84 -13.89
C LEU A 155 -11.88 40.29 -14.39
N ASN A 156 -10.70 40.89 -14.38
CA ASN A 156 -10.47 42.21 -14.88
C ASN A 156 -10.54 42.24 -16.40
N PRO A 157 -11.44 43.06 -16.93
CA PRO A 157 -11.74 43.12 -18.38
C PRO A 157 -10.54 43.47 -19.23
N LYS A 158 -9.55 44.12 -18.65
CA LYS A 158 -8.35 44.45 -19.37
C LYS A 158 -7.42 43.30 -19.65
N PHE A 159 -7.56 42.21 -18.90
CA PHE A 159 -6.66 41.07 -19.07
C PHE A 159 -7.02 40.27 -20.32
N GLU A 160 -5.98 39.71 -20.91
CA GLU A 160 -6.12 38.84 -22.05
C GLU A 160 -5.49 37.48 -21.78
N VAL A 161 -6.09 36.43 -22.34
CA VAL A 161 -5.52 35.10 -22.26
C VAL A 161 -4.05 35.21 -22.66
N GLY A 162 -3.15 34.66 -21.87
CA GLY A 162 -1.74 34.75 -22.17
C GLY A 162 -1.02 35.71 -21.25
N ASP A 163 -1.76 36.65 -20.64
CA ASP A 163 -1.12 37.64 -19.75
C ASP A 163 -0.57 36.98 -18.53
N ILE A 164 0.49 37.58 -18.00
CA ILE A 164 1.03 37.29 -16.67
C ILE A 164 0.57 38.41 -15.74
N MET A 165 -0.03 38.03 -14.62
CA MET A 165 -0.45 39.00 -13.63
C MET A 165 0.39 38.81 -12.39
N LEU A 166 1.18 39.82 -12.03
CA LEU A 166 1.85 39.79 -10.76
C LEU A 166 0.83 39.88 -9.64
N ILE A 167 0.94 39.01 -8.65
CA ILE A 167 0.01 39.06 -7.55
C ILE A 167 0.48 40.13 -6.61
N ARG A 168 -0.34 41.18 -6.48
CA ARG A 168 0.03 42.30 -5.59
C ARG A 168 -0.56 41.98 -4.21
N ASP A 169 -1.69 41.27 -4.22
CA ASP A 169 -2.43 40.99 -2.99
C ASP A 169 -3.38 39.83 -3.23
N HIS A 170 -3.92 39.26 -2.16
CA HIS A 170 -4.92 38.23 -2.36
C HIS A 170 -6.16 38.40 -1.46
N ILE A 171 -7.24 37.70 -1.84
CA ILE A 171 -8.44 37.61 -1.04
C ILE A 171 -8.64 36.16 -0.72
N ASN A 172 -8.50 35.83 0.54
CA ASN A 172 -8.52 34.44 0.94
C ASN A 172 -9.88 34.07 1.41
N LEU A 173 -10.76 33.69 0.48
CA LEU A 173 -12.15 33.36 0.88
C LEU A 173 -12.28 32.18 1.82
N PRO A 174 -11.55 31.06 1.57
CA PRO A 174 -11.64 29.92 2.51
C PRO A 174 -11.18 30.32 3.90
N GLY A 175 -10.12 31.12 3.93
CA GLY A 175 -9.58 31.67 5.17
C GLY A 175 -10.64 32.36 6.00
N PHE A 176 -11.59 33.04 5.37
CA PHE A 176 -12.58 33.77 6.16
C PHE A 176 -13.46 32.84 6.99
N SER A 177 -13.68 31.63 6.49
CA SER A 177 -14.58 30.65 7.10
C SER A 177 -13.93 29.63 8.03
N GLY A 178 -12.61 29.63 8.12
CA GLY A 178 -11.94 28.69 9.00
C GLY A 178 -10.86 27.95 8.28
N GLN A 179 -10.94 27.91 6.95
CA GLN A 179 -9.97 27.12 6.19
C GLN A 179 -8.70 27.87 6.01
N ASN A 180 -7.97 28.04 7.11
CA ASN A 180 -6.71 28.76 7.11
C ASN A 180 -5.61 27.78 7.56
N PRO A 181 -4.45 27.72 6.87
CA PRO A 181 -3.50 26.65 7.16
C PRO A 181 -2.87 26.79 8.51
N LEU A 182 -3.04 27.92 9.16
CA LEU A 182 -2.41 28.14 10.47
C LEU A 182 -3.34 27.79 11.60
N ARG A 183 -4.53 27.31 11.26
CA ARG A 183 -5.51 26.92 12.25
C ARG A 183 -4.97 25.79 13.13
N GLY A 184 -5.23 25.85 14.43
CA GLY A 184 -4.68 24.88 15.38
C GLY A 184 -3.69 25.60 16.28
N PRO A 185 -2.87 24.84 17.01
CA PRO A 185 -1.89 25.40 17.93
C PRO A 185 -0.79 26.08 17.15
N ASN A 186 -0.30 27.22 17.63
CA ASN A 186 0.81 27.85 16.92
C ASN A 186 2.13 27.33 17.46
N ASP A 187 3.11 27.15 16.58
CA ASP A 187 4.43 26.84 17.00
C ASP A 187 5.32 28.06 16.80
N GLU A 188 5.70 28.67 17.91
CA GLU A 188 6.56 29.85 17.90
C GLU A 188 7.91 29.63 17.24
N ARG A 189 8.27 28.37 17.01
CA ARG A 189 9.50 28.03 16.27
C ARG A 189 9.35 28.32 14.81
N PHE A 190 8.11 28.39 14.35
CA PHE A 190 7.85 28.80 12.98
C PHE A 190 7.53 30.29 12.85
N GLY A 191 6.74 30.85 13.77
CA GLY A 191 6.23 32.20 13.58
C GLY A 191 5.24 32.62 14.66
N ASP A 192 4.64 33.79 14.47
CA ASP A 192 3.70 34.32 15.48
C ASP A 192 2.29 33.68 15.46
N ARG A 193 1.60 33.74 16.60
CA ARG A 193 0.22 33.32 16.68
C ARG A 193 -0.69 34.04 15.67
N PHE A 194 -0.46 35.35 15.49
CA PHE A 194 -1.26 36.19 14.60
C PHE A 194 -0.40 36.91 13.56
N PRO A 195 0.13 36.18 12.56
CA PRO A 195 0.92 36.91 11.53
C PRO A 195 0.11 37.91 10.66
N ALA A 196 0.77 38.97 10.23
CA ALA A 196 0.16 39.95 9.33
C ALA A 196 0.32 39.52 7.88
N MET A 197 -0.67 39.81 7.04
CA MET A 197 -0.55 39.50 5.63
C MET A 197 -0.56 40.73 4.74
N SER A 198 -0.75 41.93 5.32
CA SER A 198 -0.84 43.18 4.52
C SER A 198 0.37 43.46 3.63
N ASP A 199 1.55 42.96 3.99
CA ASP A 199 2.72 43.10 3.13
C ASP A 199 3.24 41.76 2.56
N ALA A 200 2.33 40.82 2.26
CA ALA A 200 2.74 39.47 1.90
C ALA A 200 3.55 39.41 0.62
N TYR A 201 3.14 40.17 -0.38
CA TYR A 201 3.82 40.08 -1.67
C TYR A 201 4.84 41.20 -1.87
N ASP A 202 6.11 40.83 -1.73
CA ASP A 202 7.24 41.75 -1.70
C ASP A 202 7.19 42.87 -2.71
N ARG A 203 7.13 44.09 -2.21
CA ARG A 203 7.01 45.23 -3.11
C ARG A 203 8.24 45.47 -3.97
N THR A 204 9.43 45.22 -3.42
CA THR A 204 10.67 45.41 -4.18
C THR A 204 10.75 44.45 -5.37
N MET A 205 10.51 43.18 -5.09
CA MET A 205 10.50 42.16 -6.14
C MET A 205 9.52 42.47 -7.24
N ARG A 206 8.39 43.07 -6.88
CA ARG A 206 7.38 43.44 -7.88
C ARG A 206 7.83 44.62 -8.68
N GLN A 207 8.32 45.65 -7.97
CA GLN A 207 8.85 46.83 -8.66
C GLN A 207 9.94 46.36 -9.63
N ARG A 208 10.91 45.56 -9.18
CA ARG A 208 11.96 45.08 -10.11
C ARG A 208 11.40 44.30 -11.28
N ALA A 209 10.41 43.47 -11.01
CA ALA A 209 9.84 42.62 -12.06
C ALA A 209 9.23 43.48 -13.13
N LEU A 210 8.40 44.43 -12.72
CA LEU A 210 7.72 45.33 -13.65
C LEU A 210 8.78 46.19 -14.35
N SER A 211 9.81 46.52 -13.59
CA SER A 211 10.87 47.39 -14.04
C SER A 211 11.65 46.78 -15.20
N THR A 212 12.12 45.55 -14.99
CA THR A 212 12.94 44.86 -15.98
C THR A 212 12.13 44.15 -17.04
N TYR A 213 10.81 44.31 -17.01
CA TYR A 213 9.97 43.59 -17.94
C TYR A 213 10.20 44.03 -19.37
N LYS A 214 10.62 45.29 -19.52
CA LYS A 214 11.07 45.79 -20.84
C LYS A 214 11.83 44.73 -21.63
N GLN A 215 12.75 44.04 -20.94
CA GLN A 215 13.60 42.98 -21.50
C GLN A 215 12.80 41.87 -22.14
N MET A 216 11.74 41.43 -21.48
CA MET A 216 10.73 40.59 -22.09
C MET A 216 10.13 41.49 -23.14
N GLY A 217 10.63 41.40 -24.38
CA GLY A 217 10.22 42.32 -25.44
C GLY A 217 8.88 41.90 -25.99
N GLU A 218 7.85 42.02 -25.15
CA GLU A 218 6.50 41.57 -25.49
C GLU A 218 5.73 42.74 -26.02
N GLN A 219 4.71 42.46 -26.84
CA GLN A 219 3.78 43.49 -27.26
C GLN A 219 2.87 43.89 -26.07
N ARG A 220 2.47 42.88 -25.28
CA ARG A 220 1.59 43.03 -24.11
C ARG A 220 2.43 43.14 -22.82
N GLU A 221 1.97 43.96 -21.88
CA GLU A 221 2.73 44.17 -20.63
C GLU A 221 2.33 43.34 -19.44
N LEU A 222 3.13 43.54 -18.40
CA LEU A 222 3.00 42.85 -17.18
C LEU A 222 1.83 43.40 -16.39
N GLN A 223 0.82 42.58 -16.16
CA GLN A 223 -0.30 43.01 -15.36
C GLN A 223 0.05 42.93 -13.88
N GLU A 224 -0.72 43.59 -13.02
CA GLU A 224 -0.53 43.51 -11.55
C GLU A 224 -1.87 43.64 -10.91
N GLY A 225 -2.16 42.82 -9.90
CA GLY A 225 -3.53 42.73 -9.41
C GLY A 225 -3.77 41.87 -8.19
N THR A 226 -5.04 41.78 -7.83
CA THR A 226 -5.47 40.96 -6.74
C THR A 226 -5.96 39.60 -7.19
N TYR A 227 -5.39 38.55 -6.59
CA TYR A 227 -5.79 37.16 -6.81
C TYR A 227 -6.78 36.71 -5.74
N VAL A 228 -7.90 36.16 -6.14
CA VAL A 228 -8.81 35.62 -5.15
C VAL A 228 -8.79 34.08 -5.17
N MET A 229 -8.75 33.45 -3.99
CA MET A 229 -8.82 32.00 -3.88
C MET A 229 -10.21 31.54 -3.56
N VAL A 230 -10.66 30.56 -4.35
CA VAL A 230 -11.88 29.88 -4.11
C VAL A 230 -11.50 28.38 -4.06
N ALA A 231 -12.31 27.56 -3.39
CA ALA A 231 -11.94 26.15 -3.09
C ALA A 231 -11.99 25.27 -4.32
N GLY A 232 -12.97 25.52 -5.18
CA GLY A 232 -13.19 24.64 -6.33
C GLY A 232 -13.88 23.36 -5.93
N PRO A 233 -13.90 22.36 -6.80
CA PRO A 233 -13.22 22.29 -8.09
C PRO A 233 -14.06 22.73 -9.26
N SER A 234 -15.37 22.94 -9.10
CA SER A 234 -16.17 23.41 -10.24
C SER A 234 -15.87 24.90 -10.51
N PHE A 235 -16.09 25.35 -11.73
CA PHE A 235 -15.83 26.75 -12.12
C PHE A 235 -16.99 27.65 -11.73
N GLU A 236 -16.72 28.95 -11.68
CA GLU A 236 -17.67 29.95 -11.22
C GLU A 236 -18.87 30.05 -12.13
N THR A 237 -20.04 30.31 -11.55
CA THR A 237 -21.17 30.80 -12.33
C THR A 237 -20.95 32.27 -12.73
N VAL A 238 -21.87 32.82 -13.55
CA VAL A 238 -21.85 34.24 -13.90
C VAL A 238 -22.05 35.09 -12.66
N ALA A 239 -23.09 34.82 -11.89
CA ALA A 239 -23.26 35.55 -10.63
C ALA A 239 -22.02 35.56 -9.74
N GLU A 240 -21.33 34.42 -9.65
CA GLU A 240 -20.16 34.34 -8.76
C GLU A 240 -19.05 35.21 -9.30
N CYS A 241 -18.89 35.16 -10.61
CA CYS A 241 -17.95 36.00 -11.36
CA CYS A 241 -17.90 35.99 -11.25
C CYS A 241 -18.16 37.47 -10.97
N ARG A 242 -19.41 37.89 -11.05
CA ARG A 242 -19.72 39.26 -10.73
C ARG A 242 -19.44 39.58 -9.27
N VAL A 243 -19.74 38.64 -8.37
CA VAL A 243 -19.41 38.81 -6.97
C VAL A 243 -17.90 39.07 -6.82
N LEU A 244 -17.09 38.21 -7.44
CA LEU A 244 -15.66 38.31 -7.24
C LEU A 244 -15.12 39.64 -7.80
N GLN A 245 -15.73 40.09 -8.89
CA GLN A 245 -15.39 41.38 -9.48
C GLN A 245 -15.71 42.53 -8.53
N LYS A 246 -16.94 42.53 -8.00
CA LYS A 246 -17.31 43.56 -7.00
C LYS A 246 -16.38 43.58 -5.80
N LEU A 247 -15.88 42.42 -5.38
CA LEU A 247 -15.01 42.37 -4.19
C LEU A 247 -13.65 42.90 -4.54
N GLY A 248 -13.39 43.12 -5.81
CA GLY A 248 -12.12 43.73 -6.23
C GLY A 248 -11.04 42.80 -6.69
N ALA A 249 -11.38 41.59 -7.09
CA ALA A 249 -10.38 40.64 -7.51
C ALA A 249 -10.11 40.79 -9.02
N ASP A 250 -8.88 40.55 -9.44
CA ASP A 250 -8.60 40.64 -10.86
C ASP A 250 -8.50 39.27 -11.51
N ALA A 251 -8.02 38.30 -10.74
CA ALA A 251 -7.88 36.94 -11.17
C ALA A 251 -8.39 35.99 -10.08
N VAL A 252 -9.02 34.87 -10.48
CA VAL A 252 -9.51 33.84 -9.57
C VAL A 252 -8.86 32.47 -9.80
N GLY A 253 -8.41 31.83 -8.71
CA GLY A 253 -7.81 30.54 -8.75
C GLY A 253 -8.14 29.67 -7.56
N MET A 254 -7.57 28.47 -7.51
CA MET A 254 -7.94 27.47 -6.50
C MET A 254 -6.76 27.03 -5.67
N SER A 255 -5.66 27.81 -5.74
CA SER A 255 -4.42 27.47 -5.05
C SER A 255 -3.65 28.69 -4.50
N THR A 256 -2.38 28.48 -4.14
CA THR A 256 -1.39 29.50 -3.83
C THR A 256 -1.53 30.19 -2.48
N VAL A 257 -2.74 30.61 -2.16
CA VAL A 257 -2.91 31.44 -0.97
C VAL A 257 -2.45 30.74 0.30
N PRO A 258 -2.85 29.47 0.51
CA PRO A 258 -2.44 28.81 1.76
C PRO A 258 -0.90 28.78 1.90
N GLU A 259 -0.24 28.56 0.78
CA GLU A 259 1.20 28.44 0.76
C GLU A 259 1.82 29.76 1.14
N VAL A 260 1.31 30.83 0.51
CA VAL A 260 1.74 32.17 0.82
C VAL A 260 1.56 32.46 2.30
N ILE A 261 0.42 32.06 2.85
CA ILE A 261 0.19 32.37 4.27
C ILE A 261 1.23 31.67 5.15
N VAL A 262 1.51 30.41 4.83
CA VAL A 262 2.53 29.67 5.58
C VAL A 262 3.94 30.25 5.36
N ALA A 263 4.31 30.50 4.13
CA ALA A 263 5.60 31.14 3.90
C ALA A 263 5.79 32.42 4.73
N ARG A 264 4.81 33.34 4.70
CA ARG A 264 4.93 34.61 5.45
C ARG A 264 4.99 34.34 6.94
N HIS A 265 4.22 33.37 7.44
CA HIS A 265 4.24 32.99 8.88
C HIS A 265 5.63 32.65 9.33
N CYS A 266 6.43 32.05 8.47
CA CYS A 266 7.79 31.76 8.91
C CYS A 266 8.87 32.66 8.35
N GLY A 267 8.48 33.80 7.80
CA GLY A 267 9.42 34.84 7.47
C GLY A 267 9.93 34.86 6.05
N LEU A 268 9.47 33.97 5.21
CA LEU A 268 9.91 33.99 3.83
C LEU A 268 9.49 35.22 3.07
N ARG A 269 10.32 35.62 2.11
CA ARG A 269 9.98 36.62 1.15
C ARG A 269 9.16 35.86 0.14
N VAL A 270 8.08 36.48 -0.35
CA VAL A 270 7.15 35.85 -1.30
C VAL A 270 6.94 36.71 -2.52
N PHE A 271 6.90 36.05 -3.67
CA PHE A 271 6.62 36.67 -4.91
C PHE A 271 5.78 35.64 -5.65
N GLY A 272 4.79 36.10 -6.40
CA GLY A 272 3.85 35.21 -7.04
C GLY A 272 3.23 35.82 -8.25
N PHE A 273 2.79 34.97 -9.19
CA PHE A 273 2.09 35.46 -10.37
C PHE A 273 1.23 34.40 -10.97
N SER A 274 0.30 34.85 -11.79
CA SER A 274 -0.72 34.02 -12.38
C SER A 274 -0.63 34.15 -13.88
N LEU A 275 -0.73 33.04 -14.57
CA LEU A 275 -0.93 33.09 -15.99
C LEU A 275 -2.43 33.16 -16.21
N ILE A 276 -2.92 34.19 -16.89
CA ILE A 276 -4.33 34.26 -17.21
C ILE A 276 -4.62 33.27 -18.33
N THR A 277 -5.30 32.17 -18.00
CA THR A 277 -5.50 31.11 -18.93
C THR A 277 -6.85 31.15 -19.60
N ASN A 278 -7.72 32.01 -19.10
CA ASN A 278 -9.08 32.09 -19.69
C ASN A 278 -9.73 33.33 -19.07
N LYS A 279 -10.75 33.88 -19.74
CA LYS A 279 -11.49 34.99 -19.22
C LYS A 279 -12.84 34.44 -18.73
N VAL A 280 -13.08 34.63 -17.45
CA VAL A 280 -14.21 34.07 -16.77
C VAL A 280 -15.47 34.60 -17.44
N ILE A 281 -16.48 33.75 -17.61
CA ILE A 281 -17.70 34.18 -18.28
C ILE A 281 -18.43 35.19 -17.42
N MET A 282 -18.72 36.37 -17.97
CA MET A 282 -19.37 37.50 -17.25
C MET A 282 -20.80 37.78 -17.70
N ASP A 283 -21.34 37.01 -18.65
CA ASP A 283 -22.73 37.28 -19.09
C ASP A 283 -23.47 36.04 -19.55
N TYR A 284 -24.81 36.09 -19.49
CA TYR A 284 -25.65 34.93 -19.76
C TYR A 284 -25.78 34.56 -21.24
N GLU A 285 -25.42 35.51 -22.12
CA GLU A 285 -25.58 35.32 -23.58
C GLU A 285 -24.53 34.38 -24.13
N SER A 286 -23.26 34.56 -23.74
CA SER A 286 -22.16 33.71 -24.18
C SER A 286 -22.43 32.21 -24.14
N LEU A 287 -21.79 31.46 -25.04
CA LEU A 287 -21.95 29.99 -25.15
C LEU A 287 -20.61 29.32 -24.89
N GLU A 288 -19.60 30.17 -24.71
CA GLU A 288 -18.33 29.75 -24.12
C GLU A 288 -18.48 29.27 -22.67
N LYS A 289 -17.57 28.39 -22.26
CA LYS A 289 -17.54 27.82 -20.91
C LYS A 289 -16.11 27.61 -20.50
N ALA A 290 -15.83 27.82 -19.21
CA ALA A 290 -14.50 27.47 -18.78
C ALA A 290 -14.37 25.94 -18.89
N ASN A 291 -13.15 25.48 -19.09
CA ASN A 291 -12.85 24.06 -19.28
C ASN A 291 -11.39 23.89 -19.13
N TRP A 292 -10.97 22.70 -18.73
CA TRP A 292 -9.57 22.52 -18.37
C TRP A 292 -8.63 22.32 -19.57
N GLU A 293 -9.15 21.94 -20.74
CA GLU A 293 -8.28 21.83 -21.92
C GLU A 293 -7.77 23.17 -22.43
N GLU A 294 -8.68 24.13 -22.51
CA GLU A 294 -8.36 25.54 -22.70
C GLU A 294 -7.25 25.98 -21.76
N VAL A 295 -7.38 25.62 -20.49
CA VAL A 295 -6.34 25.98 -19.50
C VAL A 295 -5.00 25.37 -19.85
N LEU A 296 -4.97 24.08 -20.18
CA LEU A 296 -3.69 23.42 -20.57
C LEU A 296 -3.08 23.99 -21.88
N ALA A 297 -3.93 24.30 -22.87
CA ALA A 297 -3.50 24.96 -24.09
C ALA A 297 -2.78 26.27 -23.74
N ALA A 298 -3.45 27.16 -23.01
CA ALA A 298 -2.83 28.45 -22.65
C ALA A 298 -1.48 28.27 -21.93
N GLY A 299 -1.43 27.28 -21.03
CA GLY A 299 -0.20 26.95 -20.32
C GLY A 299 0.88 26.56 -21.29
N LYS A 300 0.46 25.95 -22.42
CA LYS A 300 1.42 25.55 -23.46
C LYS A 300 1.92 26.74 -24.28
N GLN A 301 1.02 27.52 -24.87
CA GLN A 301 1.43 28.75 -25.57
C GLN A 301 2.41 29.61 -24.77
N ALA A 302 2.19 29.70 -23.46
CA ALA A 302 2.95 30.59 -22.59
C ALA A 302 4.21 29.98 -22.01
N ALA A 303 4.38 28.67 -22.18
CA ALA A 303 5.50 27.94 -21.56
C ALA A 303 6.84 28.66 -21.64
N GLN A 304 7.21 29.11 -22.85
CA GLN A 304 8.51 29.74 -23.07
C GLN A 304 8.61 31.10 -22.46
N LYS A 305 7.58 31.92 -22.70
CA LYS A 305 7.45 33.24 -22.05
C LYS A 305 7.63 33.12 -20.54
N LEU A 306 6.99 32.12 -19.94
CA LEU A 306 7.07 31.89 -18.50
C LEU A 306 8.46 31.46 -18.07
N GLU A 307 9.01 30.48 -18.79
CA GLU A 307 10.35 29.94 -18.53
C GLU A 307 11.37 31.08 -18.54
N GLN A 308 11.29 31.90 -19.58
CA GLN A 308 12.16 33.06 -19.74
C GLN A 308 12.04 34.00 -18.54
N PHE A 309 10.80 34.38 -18.25
CA PHE A 309 10.47 35.29 -17.15
C PHE A 309 10.96 34.88 -15.78
N VAL A 310 10.87 33.59 -15.46
CA VAL A 310 11.35 33.12 -14.17
C VAL A 310 12.86 33.17 -14.07
N SER A 311 13.54 32.92 -15.19
CA SER A 311 14.99 32.93 -15.22
C SER A 311 15.47 34.34 -14.94
N ILE A 312 14.96 35.27 -15.75
CA ILE A 312 15.27 36.69 -15.63
C ILE A 312 15.10 37.11 -14.18
N LEU A 313 13.93 36.80 -13.64
CA LEU A 313 13.61 37.12 -12.27
C LEU A 313 14.64 36.65 -11.26
N MET A 314 15.33 35.55 -11.54
CA MET A 314 16.34 35.04 -10.62
C MET A 314 17.41 36.08 -10.30
N ALA A 315 17.79 36.82 -11.34
CA ALA A 315 18.77 37.90 -11.23
C ALA A 315 18.32 39.01 -10.26
N SER A 316 17.02 39.27 -10.22
CA SER A 316 16.45 40.31 -9.36
C SER A 316 16.41 39.97 -7.88
N ILE A 317 16.66 38.71 -7.53
CA ILE A 317 16.44 38.29 -6.14
C ILE A 317 17.60 38.70 -5.23
N PRO A 318 17.31 39.34 -4.09
CA PRO A 318 18.35 39.72 -3.13
C PRO A 318 19.18 38.53 -2.64
N LEU A 319 20.40 38.79 -2.17
CA LEU A 319 21.29 37.74 -1.70
C LEU A 319 21.03 37.52 -0.21
N PRO A 320 21.39 36.34 0.30
CA PRO A 320 21.04 35.91 1.68
C PRO A 320 21.45 36.87 2.82
N GLY B 39 -16.18 9.31 1.12
CA GLY B 39 -17.49 8.76 1.60
C GLY B 39 -17.90 7.44 0.95
N TYR B 40 -18.47 7.51 -0.26
CA TYR B 40 -18.98 6.33 -0.97
C TYR B 40 -18.08 5.92 -2.09
N THR B 41 -18.12 4.65 -2.48
CA THR B 41 -17.35 4.18 -3.64
C THR B 41 -18.27 4.16 -4.85
N TYR B 42 -17.71 4.06 -6.04
CA TYR B 42 -18.53 3.90 -7.23
C TYR B 42 -19.51 2.72 -7.10
N GLU B 43 -19.00 1.57 -6.63
CA GLU B 43 -19.82 0.39 -6.32
C GLU B 43 -21.07 0.66 -5.51
N ASP B 44 -20.89 1.40 -4.41
CA ASP B 44 -22.00 1.79 -3.57
C ASP B 44 -23.16 2.42 -4.33
N TYR B 45 -22.84 3.35 -5.21
CA TYR B 45 -23.84 4.05 -5.99
C TYR B 45 -24.52 3.05 -6.91
N LYS B 46 -23.66 2.23 -7.53
CA LYS B 46 -24.10 1.22 -8.47
C LYS B 46 -25.04 0.19 -7.81
N ASN B 47 -24.66 -0.28 -6.62
CA ASN B 47 -25.53 -1.17 -5.88
C ASN B 47 -26.91 -0.56 -5.59
N THR B 48 -26.91 0.66 -5.08
CA THR B 48 -28.16 1.36 -4.80
C THR B 48 -29.03 1.48 -6.03
N ALA B 49 -28.42 1.77 -7.17
CA ALA B 49 -29.18 1.90 -8.42
C ALA B 49 -29.73 0.55 -8.88
N GLU B 50 -28.87 -0.46 -8.83
CA GLU B 50 -29.28 -1.88 -9.15
C GLU B 50 -30.43 -2.37 -8.29
N TYR B 51 -30.35 -2.10 -7.00
CA TYR B 51 -31.47 -2.45 -6.11
C TYR B 51 -32.76 -1.84 -6.59
N LEU B 52 -32.76 -0.55 -6.89
CA LEU B 52 -33.97 0.12 -7.35
C LEU B 52 -34.42 -0.37 -8.72
N LEU B 53 -33.50 -0.46 -9.65
CA LEU B 53 -33.81 -0.87 -11.01
C LEU B 53 -34.43 -2.27 -11.06
N SER B 54 -33.91 -3.17 -10.22
CA SER B 54 -34.39 -4.54 -10.15
C SER B 54 -35.71 -4.66 -9.39
N HIS B 55 -36.10 -3.63 -8.63
CA HIS B 55 -37.36 -3.70 -7.88
C HIS B 55 -38.50 -2.85 -8.42
N THR B 56 -38.33 -2.33 -9.64
CA THR B 56 -39.38 -1.60 -10.30
C THR B 56 -39.13 -1.63 -11.78
N LYS B 57 -40.22 -1.50 -12.52
CA LYS B 57 -40.17 -1.49 -13.96
C LYS B 57 -40.20 -0.05 -14.45
N HIS B 58 -40.55 0.88 -13.56
CA HIS B 58 -40.48 2.30 -13.87
C HIS B 58 -39.04 2.65 -14.28
N ARG B 59 -38.93 3.50 -15.29
CA ARG B 59 -37.66 4.00 -15.74
C ARG B 59 -37.71 5.54 -15.88
N PRO B 60 -37.44 6.28 -14.79
CA PRO B 60 -37.67 7.74 -14.82
C PRO B 60 -36.76 8.56 -15.76
N GLN B 61 -37.31 9.56 -16.42
CA GLN B 61 -36.50 10.47 -17.20
C GLN B 61 -36.11 11.69 -16.34
N VAL B 62 -36.99 12.02 -15.42
CA VAL B 62 -36.93 13.23 -14.66
C VAL B 62 -36.97 12.90 -13.16
N ALA B 63 -36.01 13.44 -12.41
CA ALA B 63 -36.06 13.42 -10.96
C ALA B 63 -36.53 14.77 -10.46
N ILE B 64 -37.39 14.77 -9.45
CA ILE B 64 -37.92 15.98 -8.89
C ILE B 64 -37.67 15.96 -7.39
N ILE B 65 -36.89 16.93 -6.91
CA ILE B 65 -36.64 17.07 -5.49
C ILE B 65 -37.64 18.06 -4.92
N CYS B 66 -38.56 17.59 -4.07
CA CYS B 66 -39.63 18.44 -3.58
C CYS B 66 -39.19 19.25 -2.39
N GLY B 67 -39.34 20.57 -2.52
CA GLY B 67 -39.09 21.52 -1.43
C GLY B 67 -40.43 21.94 -0.89
N SER B 68 -40.44 22.95 -0.02
CA SER B 68 -41.69 23.37 0.64
C SER B 68 -42.80 23.60 -0.37
N GLY B 69 -43.98 23.11 -0.01
CA GLY B 69 -45.17 23.28 -0.83
C GLY B 69 -45.46 22.16 -1.81
N LEU B 70 -44.54 21.20 -1.90
CA LEU B 70 -44.77 20.05 -2.78
C LEU B 70 -44.89 18.75 -2.01
N GLY B 71 -45.16 18.87 -0.71
CA GLY B 71 -45.39 17.71 0.14
C GLY B 71 -46.43 16.78 -0.43
N GLY B 72 -47.38 17.33 -1.17
CA GLY B 72 -48.49 16.56 -1.73
C GLY B 72 -48.41 16.29 -3.22
N LEU B 73 -47.26 16.58 -3.83
CA LEU B 73 -47.16 16.37 -5.27
C LEU B 73 -47.27 14.88 -5.70
N THR B 74 -46.92 13.96 -4.78
CA THR B 74 -47.01 12.50 -5.05
C THR B 74 -48.42 12.09 -5.41
N ASP B 75 -49.40 12.78 -4.82
CA ASP B 75 -50.82 12.50 -5.07
C ASP B 75 -51.21 12.65 -6.53
N LYS B 76 -50.41 13.36 -7.31
CA LYS B 76 -50.74 13.57 -8.71
C LYS B 76 -50.05 12.54 -9.60
N LEU B 77 -49.16 11.76 -8.99
CA LEU B 77 -48.55 10.63 -9.68
C LEU B 77 -49.56 9.52 -10.01
N THR B 78 -49.49 9.01 -11.24
CA THR B 78 -50.22 7.81 -11.61
C THR B 78 -49.26 6.62 -11.63
N GLN B 79 -49.76 5.45 -11.22
CA GLN B 79 -48.96 4.21 -11.14
C GLN B 79 -47.80 4.36 -10.16
N ALA B 80 -48.10 5.07 -9.06
CA ALA B 80 -47.11 5.31 -8.02
C ALA B 80 -46.54 4.02 -7.45
N GLN B 81 -45.23 4.03 -7.19
CA GLN B 81 -44.59 2.98 -6.40
C GLN B 81 -43.59 3.58 -5.46
N ILE B 82 -43.80 3.36 -4.16
CA ILE B 82 -43.00 3.91 -3.07
C ILE B 82 -41.86 3.00 -2.60
N PHE B 83 -40.71 3.60 -2.28
CA PHE B 83 -39.59 2.98 -1.58
C PHE B 83 -39.26 3.89 -0.41
N ASP B 84 -39.10 3.36 0.80
CA ASP B 84 -38.68 4.18 1.92
C ASP B 84 -37.17 4.22 1.97
N TYR B 85 -36.60 5.30 2.49
CA TYR B 85 -35.15 5.39 2.58
C TYR B 85 -34.54 4.24 3.38
N SER B 86 -35.28 3.76 4.37
CA SER B 86 -34.87 2.60 5.19
C SER B 86 -34.74 1.32 4.35
N GLU B 87 -35.58 1.15 3.34
CA GLU B 87 -35.44 0.04 2.38
C GLU B 87 -34.21 0.14 1.47
N ILE B 88 -33.78 1.35 1.14
CA ILE B 88 -32.79 1.52 0.07
C ILE B 88 -31.35 1.44 0.59
N PRO B 89 -30.58 0.49 0.07
CA PRO B 89 -29.21 0.34 0.53
C PRO B 89 -28.40 1.63 0.29
N ASN B 90 -27.60 2.00 1.30
CA ASN B 90 -26.62 3.08 1.26
C ASN B 90 -27.25 4.45 1.46
N PHE B 91 -28.56 4.52 1.36
CA PHE B 91 -29.25 5.77 1.63
C PHE B 91 -29.07 6.24 3.04
N PRO B 92 -28.71 7.52 3.21
CA PRO B 92 -28.66 8.14 4.54
C PRO B 92 -30.08 8.22 5.07
N ARG B 93 -30.24 8.37 6.38
CA ARG B 93 -31.59 8.44 6.95
C ARG B 93 -31.78 9.60 7.91
N SER B 94 -32.92 10.30 7.76
CA SER B 94 -33.29 11.39 8.64
C SER B 94 -33.74 10.85 10.00
N THR B 95 -33.16 11.37 11.08
CA THR B 95 -33.62 11.02 12.45
C THR B 95 -34.88 11.82 12.81
N VAL B 96 -35.18 12.85 12.01
CA VAL B 96 -36.44 13.60 12.04
C VAL B 96 -37.63 12.63 12.20
N PRO B 97 -38.46 12.83 13.25
CA PRO B 97 -39.30 11.77 13.84
C PRO B 97 -40.35 11.11 12.92
N GLY B 98 -41.05 11.91 12.13
CA GLY B 98 -42.17 11.42 11.31
C GLY B 98 -41.87 10.22 10.42
N HIS B 99 -40.81 10.33 9.62
CA HIS B 99 -40.44 9.32 8.61
C HIS B 99 -39.00 9.50 8.16
N ALA B 100 -38.42 8.43 7.61
CA ALA B 100 -37.11 8.54 6.96
C ALA B 100 -37.24 9.35 5.67
N GLY B 101 -38.40 9.25 5.01
CA GLY B 101 -38.60 9.85 3.71
C GLY B 101 -38.63 8.77 2.65
N ARG B 102 -39.03 9.13 1.44
CA ARG B 102 -39.29 8.14 0.45
C ARG B 102 -38.98 8.61 -0.96
N LEU B 103 -38.65 7.66 -1.84
CA LEU B 103 -38.70 7.90 -3.28
C LEU B 103 -40.00 7.36 -3.84
N VAL B 104 -40.65 8.10 -4.72
CA VAL B 104 -41.89 7.62 -5.28
C VAL B 104 -41.79 7.69 -6.80
N PHE B 105 -41.78 6.52 -7.47
CA PHE B 105 -41.76 6.47 -8.94
C PHE B 105 -43.19 6.54 -9.46
N GLY B 106 -43.34 6.85 -10.75
CA GLY B 106 -44.65 7.07 -11.34
C GLY B 106 -44.63 7.87 -12.64
N PHE B 107 -45.81 8.30 -13.06
CA PHE B 107 -45.93 9.22 -14.16
C PHE B 107 -46.60 10.48 -13.68
N LEU B 108 -46.07 11.61 -14.11
CA LEU B 108 -46.67 12.92 -13.86
C LEU B 108 -46.95 13.51 -15.23
N ASN B 109 -48.23 13.77 -15.52
CA ASN B 109 -48.68 14.06 -16.87
C ASN B 109 -48.03 13.15 -17.90
N GLY B 110 -48.11 11.85 -17.67
CA GLY B 110 -47.55 10.88 -18.56
C GLY B 110 -46.05 10.93 -18.68
N ARG B 111 -45.42 11.68 -17.79
CA ARG B 111 -43.97 11.73 -17.82
C ARG B 111 -43.38 10.79 -16.79
N ALA B 112 -42.43 9.98 -17.24
CA ALA B 112 -41.80 9.00 -16.36
C ALA B 112 -40.80 9.68 -15.39
N CYS B 113 -41.16 9.71 -14.11
CA CYS B 113 -40.33 10.43 -13.13
C CYS B 113 -40.19 9.71 -11.78
N VAL B 114 -39.18 10.11 -11.03
CA VAL B 114 -39.01 9.71 -9.66
C VAL B 114 -39.01 10.98 -8.82
N MET B 115 -39.75 10.94 -7.72
CA MET B 115 -39.88 12.08 -6.82
C MET B 115 -39.27 11.82 -5.47
N MET B 116 -38.49 12.79 -5.00
CA MET B 116 -37.79 12.64 -3.75
C MET B 116 -38.45 13.50 -2.72
N GLN B 117 -38.93 12.86 -1.67
CA GLN B 117 -39.58 13.57 -0.59
C GLN B 117 -38.85 13.37 0.71
N GLY B 118 -38.37 14.47 1.30
CA GLY B 118 -37.49 14.45 2.45
C GLY B 118 -36.09 14.59 1.93
N ARG B 119 -35.35 15.56 2.46
CA ARG B 119 -34.01 15.74 1.98
C ARG B 119 -33.05 15.87 3.13
N PHE B 120 -31.77 15.94 2.80
CA PHE B 120 -30.72 16.10 3.78
C PHE B 120 -30.05 17.46 3.60
N HIS B 121 -29.76 18.11 4.70
CA HIS B 121 -29.24 19.46 4.64
C HIS B 121 -27.93 19.59 5.37
N MET B 122 -27.09 20.45 4.85
CA MET B 122 -25.83 20.76 5.50
C MET B 122 -26.05 21.21 6.97
N TYR B 123 -27.11 21.97 7.23
CA TYR B 123 -27.28 22.50 8.60
C TYR B 123 -27.63 21.40 9.60
N GLU B 124 -28.06 20.25 9.09
CA GLU B 124 -28.41 19.10 9.93
C GLU B 124 -27.20 18.29 10.34
N GLY B 125 -26.03 18.60 9.77
CA GLY B 125 -24.79 17.84 10.07
C GLY B 125 -24.35 16.91 8.97
N TYR B 126 -25.20 16.65 7.98
CA TYR B 126 -24.79 15.78 6.86
C TYR B 126 -23.62 16.35 6.03
N PRO B 127 -22.59 15.53 5.76
CA PRO B 127 -21.59 15.96 4.79
C PRO B 127 -22.27 16.08 3.43
N LEU B 128 -21.66 16.86 2.55
CA LEU B 128 -22.25 17.10 1.24
C LEU B 128 -22.32 15.89 0.35
N TYR B 129 -21.41 14.94 0.50
CA TYR B 129 -21.53 13.70 -0.33
C TYR B 129 -22.79 12.88 0.07
N LYS B 130 -23.25 13.06 1.29
CA LYS B 130 -24.50 12.44 1.69
C LYS B 130 -25.69 13.22 1.20
N VAL B 131 -25.63 14.55 1.34
CA VAL B 131 -26.65 15.44 0.81
C VAL B 131 -26.96 15.17 -0.67
N THR B 132 -25.92 14.88 -1.44
CA THR B 132 -26.04 14.74 -2.86
C THR B 132 -25.96 13.33 -3.38
N PHE B 133 -25.92 12.37 -2.48
CA PHE B 133 -25.97 10.96 -2.83
C PHE B 133 -27.14 10.61 -3.81
N PRO B 134 -28.37 11.00 -3.48
CA PRO B 134 -29.48 10.64 -4.39
C PRO B 134 -29.29 11.04 -5.84
N VAL B 135 -28.66 12.21 -6.04
CA VAL B 135 -28.52 12.76 -7.38
C VAL B 135 -27.65 11.86 -8.20
N ARG B 136 -26.56 11.39 -7.64
CA ARG B 136 -25.73 10.46 -8.39
C ARG B 136 -26.48 9.14 -8.70
N VAL B 137 -27.34 8.73 -7.78
CA VAL B 137 -28.13 7.54 -7.98
C VAL B 137 -29.10 7.77 -9.14
N PHE B 138 -29.81 8.89 -9.12
CA PHE B 138 -30.73 9.23 -10.21
C PHE B 138 -30.03 9.10 -11.57
N HIS B 139 -28.79 9.55 -11.64
CA HIS B 139 -28.06 9.58 -12.90
C HIS B 139 -27.94 8.13 -13.34
N LEU B 140 -27.53 7.28 -12.41
CA LEU B 140 -27.40 5.84 -12.69
C LEU B 140 -28.73 5.13 -12.96
N LEU B 141 -29.85 5.65 -12.47
CA LEU B 141 -31.14 5.18 -12.91
C LEU B 141 -31.45 5.49 -14.37
N GLY B 142 -30.61 6.37 -14.99
CA GLY B 142 -30.86 6.89 -16.36
C GLY B 142 -31.71 8.15 -16.47
N VAL B 143 -32.03 8.75 -15.34
CA VAL B 143 -32.61 10.11 -15.31
C VAL B 143 -31.73 11.09 -16.10
N ASP B 144 -32.34 12.04 -16.81
CA ASP B 144 -31.51 13.01 -17.55
C ASP B 144 -31.87 14.46 -17.24
N THR B 145 -32.89 14.64 -16.42
CA THR B 145 -33.35 15.95 -16.05
C THR B 145 -33.64 15.97 -14.56
N LEU B 146 -33.07 16.96 -13.88
CA LEU B 146 -33.36 17.17 -12.46
C LEU B 146 -34.13 18.46 -12.25
N VAL B 147 -35.25 18.38 -11.57
CA VAL B 147 -36.03 19.54 -11.19
C VAL B 147 -35.91 19.67 -9.66
N VAL B 148 -35.31 20.76 -9.20
CA VAL B 148 -35.14 21.04 -7.77
C VAL B 148 -36.01 22.19 -7.38
N THR B 149 -36.64 22.14 -6.22
CA THR B 149 -37.42 23.24 -5.73
C THR B 149 -37.13 23.44 -4.29
N ASN B 150 -37.45 24.61 -3.74
CA ASN B 150 -37.16 24.92 -2.35
C ASN B 150 -37.99 26.11 -1.91
N ALA B 151 -37.89 26.46 -0.64
CA ALA B 151 -38.38 27.71 -0.14
C ALA B 151 -37.19 28.66 -0.03
N ALA B 152 -37.44 29.97 -0.17
CA ALA B 152 -36.36 30.96 -0.01
C ALA B 152 -36.89 32.30 0.51
N GLY B 153 -36.05 33.03 1.20
CA GLY B 153 -36.42 34.39 1.57
C GLY B 153 -36.14 35.34 0.41
N GLY B 154 -37.08 36.28 0.21
CA GLY B 154 -37.01 37.25 -0.83
C GLY B 154 -36.05 38.34 -0.48
N LEU B 155 -35.03 38.56 -1.33
CA LEU B 155 -34.09 39.69 -1.16
C LEU B 155 -34.46 40.86 -2.08
N ASN B 156 -34.88 40.51 -3.30
CA ASN B 156 -35.35 41.44 -4.29
C ASN B 156 -36.67 42.12 -3.86
N PRO B 157 -36.65 43.46 -3.74
CA PRO B 157 -37.79 44.25 -3.21
C PRO B 157 -39.08 44.07 -4.02
N LYS B 158 -38.95 43.68 -5.28
CA LYS B 158 -40.12 43.44 -6.11
C LYS B 158 -40.85 42.15 -5.75
N PHE B 159 -40.17 41.21 -5.08
CA PHE B 159 -40.77 39.92 -4.82
C PHE B 159 -41.82 40.06 -3.73
N GLU B 160 -42.83 39.19 -3.82
CA GLU B 160 -43.88 39.11 -2.80
C GLU B 160 -43.98 37.67 -2.32
N VAL B 161 -44.31 37.51 -1.04
CA VAL B 161 -44.63 36.23 -0.46
C VAL B 161 -45.62 35.53 -1.37
N GLY B 162 -45.31 34.30 -1.77
CA GLY B 162 -46.17 33.56 -2.67
C GLY B 162 -45.59 33.47 -4.06
N ASP B 163 -44.61 34.31 -4.38
CA ASP B 163 -44.05 34.31 -5.74
C ASP B 163 -43.25 33.03 -5.97
N ILE B 164 -43.20 32.59 -7.22
CA ILE B 164 -42.27 31.59 -7.69
C ILE B 164 -41.14 32.31 -8.45
N MET B 165 -39.90 31.99 -8.09
CA MET B 165 -38.78 32.58 -8.76
C MET B 165 -38.05 31.47 -9.46
N LEU B 166 -37.97 31.56 -10.78
CA LEU B 166 -37.11 30.66 -11.54
C LEU B 166 -35.66 30.91 -11.21
N ILE B 167 -34.91 29.86 -10.96
CA ILE B 167 -33.51 30.07 -10.67
C ILE B 167 -32.78 30.25 -11.98
N ARG B 168 -32.20 31.42 -12.21
CA ARG B 168 -31.44 31.61 -13.41
C ARG B 168 -29.99 31.29 -13.14
N ASP B 169 -29.57 31.45 -11.89
CA ASP B 169 -28.17 31.26 -11.53
C ASP B 169 -28.08 31.21 -10.01
N HIS B 170 -26.94 30.77 -9.50
CA HIS B 170 -26.80 30.74 -8.03
C HIS B 170 -25.46 31.34 -7.60
N ILE B 171 -25.38 31.63 -6.30
CA ILE B 171 -24.12 31.99 -5.67
C ILE B 171 -23.88 30.98 -4.55
N ASN B 172 -22.83 30.21 -4.72
CA ASN B 172 -22.54 29.15 -3.79
C ASN B 172 -21.55 29.59 -2.72
N LEU B 173 -22.01 30.33 -1.71
CA LEU B 173 -21.08 30.76 -0.64
C LEU B 173 -20.32 29.62 0.07
N PRO B 174 -21.00 28.50 0.46
CA PRO B 174 -20.23 27.43 1.12
C PRO B 174 -19.18 26.88 0.22
N GLY B 175 -19.55 26.75 -1.07
CA GLY B 175 -18.60 26.36 -2.11
C GLY B 175 -17.32 27.15 -2.13
N PHE B 176 -17.37 28.48 -1.94
CA PHE B 176 -16.16 29.29 -1.96
C PHE B 176 -15.17 28.84 -0.90
N SER B 177 -15.68 28.39 0.24
CA SER B 177 -14.85 28.03 1.40
C SER B 177 -14.34 26.61 1.43
N GLY B 178 -14.83 25.74 0.55
CA GLY B 178 -14.37 24.39 0.58
C GLY B 178 -15.52 23.45 0.60
N GLN B 179 -16.68 23.92 1.05
CA GLN B 179 -17.86 23.09 1.15
C GLN B 179 -18.49 22.96 -0.21
N ASN B 180 -17.82 22.19 -1.06
CA ASN B 180 -18.31 21.86 -2.37
C ASN B 180 -18.45 20.32 -2.46
N PRO B 181 -19.61 19.80 -2.93
CA PRO B 181 -19.84 18.36 -2.91
C PRO B 181 -18.88 17.56 -3.75
N LEU B 182 -18.14 18.20 -4.67
CA LEU B 182 -17.21 17.46 -5.51
C LEU B 182 -15.85 17.41 -4.93
N ARG B 183 -15.70 17.91 -3.70
CA ARG B 183 -14.39 17.91 -3.07
C ARG B 183 -13.90 16.47 -2.85
N GLY B 184 -12.63 16.21 -3.09
CA GLY B 184 -12.11 14.90 -2.94
C GLY B 184 -11.67 14.41 -4.32
N PRO B 185 -11.39 13.10 -4.42
CA PRO B 185 -10.94 12.53 -5.71
C PRO B 185 -12.09 12.56 -6.69
N ASN B 186 -11.82 12.85 -7.95
CA ASN B 186 -12.89 12.87 -8.96
C ASN B 186 -12.95 11.50 -9.63
N ASP B 187 -14.16 11.07 -9.99
CA ASP B 187 -14.35 9.84 -10.65
C ASP B 187 -14.83 10.17 -12.03
N GLU B 188 -13.97 9.90 -13.00
CA GLU B 188 -14.23 10.22 -14.41
C GLU B 188 -15.45 9.47 -14.95
N ARG B 189 -15.93 8.49 -14.19
CA ARG B 189 -17.16 7.81 -14.61
C ARG B 189 -18.38 8.68 -14.38
N PHE B 190 -18.24 9.67 -13.50
CA PHE B 190 -19.33 10.61 -13.26
C PHE B 190 -19.18 11.86 -14.10
N GLY B 191 -17.97 12.38 -14.23
CA GLY B 191 -17.75 13.69 -14.87
C GLY B 191 -16.30 14.17 -14.77
N ASP B 192 -16.09 15.41 -15.19
CA ASP B 192 -14.75 16.00 -15.18
C ASP B 192 -14.26 16.42 -13.81
N ARG B 193 -12.95 16.49 -13.66
CA ARG B 193 -12.37 17.05 -12.45
C ARG B 193 -12.84 18.50 -12.18
N PHE B 194 -12.96 19.31 -13.23
CA PHE B 194 -13.33 20.73 -13.14
C PHE B 194 -14.57 21.09 -13.96
N PRO B 195 -15.76 20.66 -13.53
CA PRO B 195 -16.94 21.02 -14.34
C PRO B 195 -17.30 22.53 -14.31
N ALA B 196 -17.97 23.01 -15.35
CA ALA B 196 -18.37 24.38 -15.46
C ALA B 196 -19.75 24.52 -14.91
N MET B 197 -20.05 25.67 -14.30
CA MET B 197 -21.36 25.93 -13.77
C MET B 197 -22.05 27.12 -14.43
N SER B 198 -21.39 27.78 -15.39
CA SER B 198 -21.93 29.02 -16.00
C SER B 198 -23.23 28.80 -16.76
N ASP B 199 -23.47 27.57 -17.19
CA ASP B 199 -24.75 27.25 -17.85
C ASP B 199 -25.60 26.24 -17.05
N ALA B 200 -25.49 26.24 -15.74
CA ALA B 200 -26.14 25.22 -14.94
C ALA B 200 -27.64 25.13 -15.15
N TYR B 201 -28.31 26.27 -15.22
CA TYR B 201 -29.76 26.25 -15.23
C TYR B 201 -30.26 26.40 -16.65
N ASP B 202 -30.80 25.29 -17.18
CA ASP B 202 -31.16 25.21 -18.60
C ASP B 202 -31.95 26.41 -19.13
N ARG B 203 -31.35 27.09 -20.11
CA ARG B 203 -31.92 28.26 -20.80
C ARG B 203 -33.28 27.96 -21.40
N THR B 204 -33.33 26.87 -22.17
CA THR B 204 -34.54 26.50 -22.90
C THR B 204 -35.71 26.23 -21.97
N MET B 205 -35.48 25.47 -20.91
CA MET B 205 -36.56 25.15 -19.98
CA MET B 205 -36.58 25.16 -20.02
C MET B 205 -37.08 26.40 -19.32
N ARG B 206 -36.20 27.37 -19.11
CA ARG B 206 -36.62 28.64 -18.50
C ARG B 206 -37.51 29.45 -19.48
N GLN B 207 -37.11 29.51 -20.75
CA GLN B 207 -37.93 30.10 -21.80
C GLN B 207 -39.28 29.43 -21.83
N ARG B 208 -39.30 28.10 -21.96
CA ARG B 208 -40.56 27.37 -22.01
C ARG B 208 -41.36 27.49 -20.74
N ALA B 209 -40.68 27.64 -19.62
CA ALA B 209 -41.38 27.82 -18.35
C ALA B 209 -42.09 29.16 -18.30
N LEU B 210 -41.41 30.18 -18.83
CA LEU B 210 -41.92 31.53 -18.86
C LEU B 210 -43.21 31.59 -19.68
N SER B 211 -43.24 30.94 -20.84
CA SER B 211 -44.43 30.91 -21.71
C SER B 211 -45.56 30.23 -20.99
N THR B 212 -45.34 28.97 -20.68
CA THR B 212 -46.38 28.13 -20.12
C THR B 212 -47.00 28.63 -18.81
N TYR B 213 -46.32 29.56 -18.13
CA TYR B 213 -46.87 30.07 -16.86
C TYR B 213 -48.10 30.93 -17.11
N LYS B 214 -48.15 31.57 -18.28
CA LYS B 214 -49.35 32.33 -18.69
C LYS B 214 -50.64 31.52 -18.63
N GLN B 215 -50.54 30.25 -19.01
CA GLN B 215 -51.66 29.31 -19.00
C GLN B 215 -52.42 29.24 -17.70
N MET B 216 -51.71 29.31 -16.58
CA MET B 216 -52.37 29.22 -15.29
C MET B 216 -53.22 30.44 -14.99
N GLY B 217 -52.96 31.55 -15.69
CA GLY B 217 -53.68 32.80 -15.47
C GLY B 217 -53.56 33.23 -14.02
N GLU B 218 -52.34 33.59 -13.63
CA GLU B 218 -52.06 34.05 -12.27
C GLU B 218 -51.89 35.55 -12.30
N GLN B 219 -52.24 36.21 -11.21
CA GLN B 219 -52.06 37.67 -11.11
C GLN B 219 -50.60 38.07 -11.09
N ARG B 220 -49.85 37.51 -10.14
CA ARG B 220 -48.41 37.74 -10.02
C ARG B 220 -47.73 36.91 -11.11
N GLU B 221 -46.71 37.47 -11.74
CA GLU B 221 -45.99 36.70 -12.73
C GLU B 221 -44.88 35.89 -12.16
N LEU B 222 -44.29 35.13 -13.06
CA LEU B 222 -43.13 34.35 -12.80
C LEU B 222 -41.94 35.28 -12.63
N GLN B 223 -41.32 35.23 -11.46
CA GLN B 223 -40.05 35.90 -11.22
C GLN B 223 -38.90 35.05 -11.73
N GLU B 224 -37.76 35.66 -11.95
CA GLU B 224 -36.57 34.96 -12.37
C GLU B 224 -35.43 35.67 -11.65
N GLY B 225 -34.43 34.94 -11.18
CA GLY B 225 -33.36 35.56 -10.42
C GLY B 225 -32.26 34.64 -9.93
N THR B 226 -31.37 35.23 -9.11
CA THR B 226 -30.22 34.54 -8.56
C THR B 226 -30.52 34.05 -7.15
N TYR B 227 -30.27 32.77 -6.92
CA TYR B 227 -30.48 32.12 -5.63
C TYR B 227 -29.14 32.04 -4.96
N VAL B 228 -29.05 32.50 -3.72
CA VAL B 228 -27.81 32.37 -2.97
C VAL B 228 -27.96 31.30 -1.89
N MET B 229 -26.94 30.45 -1.73
CA MET B 229 -26.98 29.44 -0.69
C MET B 229 -26.14 29.85 0.45
N VAL B 230 -26.76 29.82 1.63
CA VAL B 230 -26.07 29.93 2.91
C VAL B 230 -26.31 28.62 3.70
N ALA B 231 -25.41 28.27 4.61
CA ALA B 231 -25.47 27.01 5.34
C ALA B 231 -26.62 26.96 6.34
N GLY B 232 -26.87 28.07 7.01
CA GLY B 232 -27.92 28.08 8.04
C GLY B 232 -27.36 27.44 9.30
N PRO B 233 -28.24 27.03 10.24
CA PRO B 233 -29.71 27.06 10.20
C PRO B 233 -30.36 28.33 10.76
N SER B 234 -29.58 29.21 11.41
CA SER B 234 -30.18 30.49 11.85
C SER B 234 -30.42 31.43 10.67
N PHE B 235 -31.42 32.31 10.79
CA PHE B 235 -31.78 33.23 9.74
C PHE B 235 -30.81 34.43 9.71
N GLU B 236 -30.87 35.20 8.64
CA GLU B 236 -29.89 36.23 8.38
C GLU B 236 -30.17 37.41 9.23
N THR B 237 -29.13 38.13 9.63
CA THR B 237 -29.29 39.42 10.26
C THR B 237 -29.60 40.43 9.16
N VAL B 238 -29.90 41.66 9.56
CA VAL B 238 -30.14 42.75 8.60
C VAL B 238 -28.88 42.98 7.80
N ALA B 239 -27.78 43.16 8.51
CA ALA B 239 -26.50 43.39 7.83
C ALA B 239 -26.18 42.28 6.79
N GLU B 240 -26.48 41.03 7.14
CA GLU B 240 -26.23 39.92 6.24
C GLU B 240 -27.11 40.00 5.01
N CYS B 241 -28.37 40.41 5.21
CA CYS B 241 -29.28 40.51 4.09
C CYS B 241 -28.80 41.56 3.16
N ARG B 242 -28.32 42.67 3.71
CA ARG B 242 -27.77 43.73 2.91
C ARG B 242 -26.58 43.27 2.10
N VAL B 243 -25.68 42.52 2.73
CA VAL B 243 -24.55 41.91 2.03
C VAL B 243 -25.06 41.06 0.84
N LEU B 244 -26.03 40.18 1.10
CA LEU B 244 -26.52 39.29 0.05
C LEU B 244 -27.14 40.04 -1.15
N GLN B 245 -27.82 41.15 -0.84
CA GLN B 245 -28.36 42.05 -1.86
C GLN B 245 -27.29 42.69 -2.68
N LYS B 246 -26.27 43.22 -2.02
CA LYS B 246 -25.14 43.82 -2.74
C LYS B 246 -24.46 42.81 -3.64
N LEU B 247 -24.38 41.55 -3.22
CA LEU B 247 -23.70 40.56 -4.03
C LEU B 247 -24.53 40.20 -5.27
N GLY B 248 -25.78 40.63 -5.30
CA GLY B 248 -26.62 40.35 -6.45
C GLY B 248 -27.64 39.24 -6.32
N ALA B 249 -27.91 38.77 -5.13
CA ALA B 249 -28.82 37.67 -4.95
C ALA B 249 -30.26 38.18 -4.87
N ASP B 250 -31.21 37.44 -5.43
CA ASP B 250 -32.63 37.79 -5.33
C ASP B 250 -33.37 37.00 -4.28
N ALA B 251 -32.86 35.79 -4.03
CA ALA B 251 -33.43 34.91 -3.03
C ALA B 251 -32.34 34.17 -2.25
N VAL B 252 -32.57 33.94 -0.95
CA VAL B 252 -31.64 33.20 -0.13
C VAL B 252 -32.26 31.92 0.48
N GLY B 253 -31.52 30.83 0.40
CA GLY B 253 -31.92 29.60 1.00
C GLY B 253 -30.74 28.76 1.48
N MET B 254 -31.08 27.54 1.94
CA MET B 254 -30.14 26.71 2.69
C MET B 254 -29.95 25.40 2.01
N SER B 255 -30.41 25.30 0.76
CA SER B 255 -30.33 24.02 0.05
C SER B 255 -30.06 24.14 -1.46
N THR B 256 -30.23 23.02 -2.18
CA THR B 256 -30.35 23.00 -3.65
C THR B 256 -29.02 23.07 -4.39
N VAL B 257 -28.19 24.04 -4.05
CA VAL B 257 -26.99 24.28 -4.82
C VAL B 257 -26.11 23.03 -4.89
N PRO B 258 -25.87 22.33 -3.75
CA PRO B 258 -24.96 21.19 -3.87
C PRO B 258 -25.55 20.16 -4.87
N GLU B 259 -26.85 19.99 -4.86
CA GLU B 259 -27.49 19.01 -5.74
C GLU B 259 -27.29 19.40 -7.19
N VAL B 260 -27.50 20.71 -7.48
CA VAL B 260 -27.29 21.25 -8.81
C VAL B 260 -25.88 20.99 -9.28
N ILE B 261 -24.89 21.29 -8.43
CA ILE B 261 -23.49 21.08 -8.84
C ILE B 261 -23.26 19.63 -9.18
N VAL B 262 -23.77 18.69 -8.38
CA VAL B 262 -23.57 17.27 -8.68
C VAL B 262 -24.29 16.86 -9.98
N ALA B 263 -25.54 17.27 -10.12
CA ALA B 263 -26.27 16.96 -11.35
C ALA B 263 -25.50 17.45 -12.58
N ARG B 264 -24.95 18.67 -12.53
CA ARG B 264 -24.28 19.22 -13.72
C ARG B 264 -23.03 18.45 -13.98
N HIS B 265 -22.30 18.12 -12.91
CA HIS B 265 -21.10 17.26 -13.01
C HIS B 265 -21.36 15.98 -13.78
N CYS B 266 -22.54 15.39 -13.63
CA CYS B 266 -22.75 14.18 -14.40
C CYS B 266 -23.65 14.33 -15.60
N GLY B 267 -23.88 15.58 -16.01
CA GLY B 267 -24.41 15.84 -17.30
C GLY B 267 -25.91 16.07 -17.33
N LEU B 268 -26.57 16.03 -16.19
CA LEU B 268 -28.00 16.23 -16.17
C LEU B 268 -28.42 17.65 -16.61
N ARG B 269 -29.58 17.75 -17.23
CA ARG B 269 -30.24 19.00 -17.45
C ARG B 269 -30.87 19.40 -16.12
N VAL B 270 -30.76 20.68 -15.76
CA VAL B 270 -31.23 21.15 -14.46
C VAL B 270 -32.17 22.32 -14.64
N PHE B 271 -33.26 22.27 -13.92
CA PHE B 271 -34.22 23.34 -13.86
C PHE B 271 -34.64 23.44 -12.38
N GLY B 272 -34.81 24.67 -11.90
CA GLY B 272 -35.11 24.88 -10.48
C GLY B 272 -35.90 26.16 -10.21
N PHE B 273 -36.60 26.17 -9.09
CA PHE B 273 -37.27 27.38 -8.67
C PHE B 273 -37.50 27.43 -7.18
N SER B 274 -37.73 28.62 -6.66
CA SER B 274 -37.94 28.85 -5.24
C SER B 274 -39.29 29.46 -5.02
N LEU B 275 -39.94 29.03 -3.96
CA LEU B 275 -41.14 29.66 -3.54
C LEU B 275 -40.70 30.74 -2.56
N ILE B 276 -40.99 32.00 -2.86
CA ILE B 276 -40.69 33.05 -1.92
C ILE B 276 -41.65 32.98 -0.71
N THR B 277 -41.15 32.53 0.42
CA THR B 277 -42.02 32.26 1.55
C THR B 277 -42.02 33.40 2.55
N ASN B 278 -41.09 34.32 2.41
CA ASN B 278 -40.99 35.42 3.37
C ASN B 278 -40.09 36.47 2.76
N LYS B 279 -40.21 37.70 3.24
CA LYS B 279 -39.38 38.78 2.74
C LYS B 279 -38.39 39.07 3.82
N VAL B 280 -37.13 38.85 3.51
CA VAL B 280 -36.06 38.98 4.49
C VAL B 280 -36.09 40.37 5.08
N ILE B 281 -35.93 40.47 6.40
CA ILE B 281 -35.89 41.80 7.08
C ILE B 281 -34.70 42.61 6.66
N MET B 282 -34.91 43.84 6.19
CA MET B 282 -33.75 44.64 5.72
C MET B 282 -33.59 45.95 6.41
N ASP B 283 -34.31 46.17 7.50
CA ASP B 283 -34.13 47.38 8.28
C ASP B 283 -34.30 47.12 9.77
N TYR B 284 -33.68 47.98 10.57
CA TYR B 284 -33.67 47.82 12.03
C TYR B 284 -34.97 48.21 12.74
N GLU B 285 -35.85 48.94 12.03
CA GLU B 285 -37.11 49.42 12.57
C GLU B 285 -38.13 48.32 12.73
N SER B 286 -38.28 47.50 11.70
CA SER B 286 -39.26 46.39 11.71
C SER B 286 -39.19 45.53 12.99
N LEU B 287 -40.34 44.97 13.38
CA LEU B 287 -40.46 44.10 14.55
C LEU B 287 -40.84 42.71 14.09
N GLU B 288 -41.04 42.60 12.78
CA GLU B 288 -41.18 41.31 12.12
C GLU B 288 -39.88 40.52 12.24
N LYS B 289 -40.00 39.20 12.19
CA LYS B 289 -38.85 38.29 12.20
C LYS B 289 -39.12 37.10 11.32
N ALA B 290 -38.11 36.61 10.61
CA ALA B 290 -38.27 35.37 9.88
C ALA B 290 -38.56 34.28 10.90
N ASN B 291 -39.41 33.33 10.52
CA ASN B 291 -39.78 32.22 11.40
C ASN B 291 -40.27 31.09 10.53
N TRP B 292 -40.13 29.86 11.02
CA TRP B 292 -40.47 28.71 10.19
C TRP B 292 -41.98 28.48 9.96
N GLU B 293 -42.83 28.91 10.89
CA GLU B 293 -44.28 28.71 10.75
C GLU B 293 -44.84 29.52 9.58
N GLU B 294 -44.37 30.75 9.48
CA GLU B 294 -44.56 31.61 8.31
C GLU B 294 -44.20 30.89 7.00
N VAL B 295 -43.02 30.28 6.97
CA VAL B 295 -42.56 29.49 5.83
C VAL B 295 -43.53 28.35 5.50
N LEU B 296 -43.97 27.62 6.51
CA LEU B 296 -44.93 26.51 6.27
C LEU B 296 -46.28 26.99 5.75
N ALA B 297 -46.77 28.11 6.30
CA ALA B 297 -48.05 28.70 5.88
C ALA B 297 -47.98 29.08 4.40
N ALA B 298 -46.92 29.79 4.03
CA ALA B 298 -46.67 30.14 2.63
C ALA B 298 -46.64 28.89 1.71
N GLY B 299 -45.96 27.83 2.19
CA GLY B 299 -45.92 26.55 1.51
C GLY B 299 -47.30 25.97 1.27
N LYS B 300 -48.19 26.20 2.23
CA LYS B 300 -49.56 25.71 2.10
C LYS B 300 -50.40 26.53 1.11
N GLN B 301 -50.39 27.86 1.26
CA GLN B 301 -51.11 28.71 0.33
C GLN B 301 -50.74 28.37 -1.11
N ALA B 302 -49.46 28.11 -1.34
CA ALA B 302 -48.96 27.96 -2.71
C ALA B 302 -49.03 26.55 -3.23
N ALA B 303 -49.38 25.60 -2.35
CA ALA B 303 -49.38 24.17 -2.69
C ALA B 303 -49.95 23.87 -4.08
N GLN B 304 -51.17 24.33 -4.33
CA GLN B 304 -51.87 24.04 -5.58
C GLN B 304 -51.24 24.68 -6.77
N LYS B 305 -50.88 25.96 -6.63
CA LYS B 305 -50.20 26.71 -7.68
C LYS B 305 -48.96 25.91 -8.09
N LEU B 306 -48.22 25.44 -7.09
CA LEU B 306 -46.96 24.75 -7.33
C LEU B 306 -47.18 23.41 -7.99
N GLU B 307 -48.11 22.64 -7.44
CA GLU B 307 -48.52 21.37 -8.03
C GLU B 307 -48.88 21.54 -9.50
N GLN B 308 -49.81 22.45 -9.78
CA GLN B 308 -50.20 22.78 -11.14
C GLN B 308 -48.98 23.07 -12.04
N PHE B 309 -48.15 23.99 -11.57
CA PHE B 309 -46.99 24.45 -12.33
C PHE B 309 -46.02 23.33 -12.69
N VAL B 310 -45.75 22.43 -11.75
CA VAL B 310 -44.81 21.34 -12.03
C VAL B 310 -45.37 20.37 -13.07
N SER B 311 -46.66 20.10 -12.98
CA SER B 311 -47.34 19.24 -13.97
C SER B 311 -47.22 19.84 -15.36
N ILE B 312 -47.73 21.06 -15.54
CA ILE B 312 -47.61 21.79 -16.80
C ILE B 312 -46.19 21.65 -17.33
N LEU B 313 -45.22 21.97 -16.49
CA LEU B 313 -43.83 22.00 -16.89
C LEU B 313 -43.39 20.66 -17.51
N MET B 314 -43.98 19.55 -17.06
CA MET B 314 -43.62 18.23 -17.55
C MET B 314 -43.69 18.17 -19.06
N ALA B 315 -44.75 18.79 -19.61
CA ALA B 315 -44.97 18.84 -21.07
C ALA B 315 -43.82 19.54 -21.77
N SER B 316 -43.20 20.53 -21.12
CA SER B 316 -42.12 21.31 -21.74
C SER B 316 -40.79 20.58 -21.79
N ILE B 317 -40.68 19.46 -21.10
CA ILE B 317 -39.39 18.78 -21.01
C ILE B 317 -39.06 17.99 -22.28
N PRO B 318 -37.86 18.18 -22.85
CA PRO B 318 -37.45 17.47 -24.05
C PRO B 318 -37.46 15.96 -23.83
N LEU B 319 -37.51 15.20 -24.91
CA LEU B 319 -37.53 13.74 -24.86
C LEU B 319 -36.10 13.19 -24.91
N PRO B 320 -35.88 11.98 -24.37
CA PRO B 320 -34.54 11.40 -24.19
C PRO B 320 -33.70 11.32 -25.48
N ASP B 321 -32.53 11.95 -25.51
CA ASP B 321 -31.71 12.04 -26.75
C ASP B 321 -32.40 12.95 -27.77
N GLY C 39 -21.43 16.72 19.48
CA GLY C 39 -20.47 16.97 20.58
C GLY C 39 -20.97 16.57 21.96
N TYR C 40 -21.75 17.45 22.60
CA TYR C 40 -22.29 17.25 23.94
C TYR C 40 -23.75 16.83 23.94
N THR C 41 -24.19 16.12 24.98
CA THR C 41 -25.62 15.79 25.15
C THR C 41 -26.27 16.83 26.05
N TYR C 42 -27.59 16.87 26.06
CA TYR C 42 -28.30 17.74 27.00
C TYR C 42 -27.86 17.51 28.47
N GLU C 43 -27.72 16.23 28.85
CA GLU C 43 -27.21 15.82 30.18
C GLU C 43 -25.92 16.51 30.55
N ASP C 44 -24.96 16.46 29.63
CA ASP C 44 -23.64 17.03 29.86
C ASP C 44 -23.75 18.47 30.33
N TYR C 45 -24.56 19.25 29.63
CA TYR C 45 -24.76 20.67 29.96
C TYR C 45 -25.37 20.79 31.35
N LYS C 46 -26.39 19.97 31.57
CA LYS C 46 -27.10 19.91 32.83
C LYS C 46 -26.17 19.56 34.00
N ASN C 47 -25.34 18.51 33.83
CA ASN C 47 -24.35 18.14 34.84
C ASN C 47 -23.44 19.29 35.20
N THR C 48 -22.89 19.94 34.18
CA THR C 48 -21.99 21.07 34.39
C THR C 48 -22.66 22.19 35.17
N ALA C 49 -23.92 22.46 34.86
CA ALA C 49 -24.68 23.51 35.56
C ALA C 49 -24.96 23.11 37.02
N GLU C 50 -25.43 21.87 37.21
CA GLU C 50 -25.64 21.31 38.57
C GLU C 50 -24.38 21.36 39.43
N TYR C 51 -23.25 20.94 38.86
CA TYR C 51 -22.00 21.02 39.60
C TYR C 51 -21.81 22.44 40.12
N LEU C 52 -21.95 23.42 39.25
CA LEU C 52 -21.70 24.82 39.62
C LEU C 52 -22.73 25.34 40.62
N LEU C 53 -24.00 25.02 40.37
CA LEU C 53 -25.09 25.48 41.21
C LEU C 53 -24.97 24.93 42.63
N SER C 54 -24.62 23.65 42.74
CA SER C 54 -24.41 23.00 44.02
C SER C 54 -23.14 23.45 44.75
N HIS C 55 -22.18 24.08 44.07
CA HIS C 55 -20.94 24.52 44.73
C HIS C 55 -20.82 26.02 44.95
N THR C 56 -21.91 26.74 44.76
CA THR C 56 -21.95 28.16 45.06
C THR C 56 -23.37 28.57 45.32
N LYS C 57 -23.51 29.61 46.14
CA LYS C 57 -24.81 30.17 46.44
C LYS C 57 -25.12 31.34 45.51
N HIS C 58 -24.09 31.85 44.83
CA HIS C 58 -24.25 32.89 43.82
C HIS C 58 -25.23 32.41 42.76
N ARG C 59 -26.10 33.32 42.35
CA ARG C 59 -27.06 33.06 41.28
C ARG C 59 -27.01 34.19 40.24
N PRO C 60 -26.16 34.05 39.20
CA PRO C 60 -25.90 35.20 38.33
C PRO C 60 -27.07 35.54 37.38
N GLN C 61 -27.29 36.84 37.18
CA GLN C 61 -28.27 37.30 36.20
C GLN C 61 -27.58 37.54 34.85
N VAL C 62 -26.34 37.99 34.95
CA VAL C 62 -25.56 38.45 33.84
C VAL C 62 -24.29 37.65 33.71
N ALA C 63 -24.03 37.11 32.51
CA ALA C 63 -22.70 36.54 32.18
C ALA C 63 -21.93 37.56 31.38
N ILE C 64 -20.64 37.70 31.71
CA ILE C 64 -19.78 38.63 31.00
C ILE C 64 -18.56 37.89 30.48
N ILE C 65 -18.41 37.84 29.15
CA ILE C 65 -17.24 37.24 28.52
C ILE C 65 -16.22 38.33 28.28
N CYS C 66 -15.10 38.28 28.99
CA CYS C 66 -14.09 39.34 28.91
C CYS C 66 -13.16 39.12 27.74
N GLY C 67 -13.06 40.14 26.89
CA GLY C 67 -12.09 40.17 25.80
C GLY C 67 -10.99 41.11 26.21
N SER C 68 -10.13 41.47 25.27
CA SER C 68 -8.97 42.31 25.58
C SER C 68 -9.34 43.56 26.37
N GLY C 69 -8.51 43.85 27.36
CA GLY C 69 -8.67 45.02 28.23
C GLY C 69 -9.50 44.80 29.49
N LEU C 70 -10.08 43.61 29.63
CA LEU C 70 -10.89 43.27 30.82
C LEU C 70 -10.27 42.14 31.62
N GLY C 71 -8.97 41.90 31.40
CA GLY C 71 -8.22 40.94 32.19
C GLY C 71 -8.35 41.19 33.69
N GLY C 72 -8.44 42.47 34.08
CA GLY C 72 -8.55 42.81 35.49
C GLY C 72 -9.95 43.17 36.01
N LEU C 73 -10.99 42.86 35.23
CA LEU C 73 -12.34 43.22 35.66
C LEU C 73 -12.82 42.43 36.89
N THR C 74 -12.24 41.24 37.11
CA THR C 74 -12.56 40.44 38.30
C THR C 74 -12.27 41.19 39.60
N ASP C 75 -11.22 42.01 39.59
CA ASP C 75 -10.84 42.82 40.75
C ASP C 75 -11.94 43.73 41.26
N LYS C 76 -12.92 44.04 40.44
CA LYS C 76 -14.00 44.93 40.86
C LYS C 76 -15.20 44.14 41.39
N LEU C 77 -15.13 42.83 41.26
CA LEU C 77 -16.11 41.95 41.85
C LEU C 77 -16.04 41.94 43.37
N THR C 78 -17.20 41.98 44.01
CA THR C 78 -17.29 41.79 45.46
C THR C 78 -17.85 40.41 45.72
N GLN C 79 -17.39 39.77 46.80
CA GLN C 79 -17.80 38.40 47.17
C GLN C 79 -17.45 37.42 46.08
N ALA C 80 -16.27 37.62 45.50
CA ALA C 80 -15.77 36.78 44.41
C ALA C 80 -15.64 35.32 44.82
N GLN C 81 -15.99 34.42 43.90
CA GLN C 81 -15.72 33.00 44.07
C GLN C 81 -15.29 32.37 42.75
N ILE C 82 -14.06 31.87 42.74
CA ILE C 82 -13.41 31.30 41.55
C ILE C 82 -13.62 29.79 41.35
N PHE C 83 -13.76 29.38 40.09
CA PHE C 83 -13.73 27.98 39.65
C PHE C 83 -12.78 27.94 38.48
N ASP C 84 -11.82 27.01 38.49
CA ASP C 84 -10.93 26.86 37.34
C ASP C 84 -11.58 25.92 36.34
N TYR C 85 -11.25 26.08 35.06
CA TYR C 85 -11.88 25.24 34.03
C TYR C 85 -11.56 23.77 34.29
N SER C 86 -10.36 23.51 34.81
CA SER C 86 -9.93 22.17 35.19
C SER C 86 -10.86 21.53 36.24
N GLU C 87 -11.38 22.34 37.17
CA GLU C 87 -12.38 21.89 38.15
C GLU C 87 -13.74 21.54 37.53
N ILE C 88 -14.12 22.24 36.47
CA ILE C 88 -15.51 22.15 35.99
C ILE C 88 -15.71 21.00 35.01
N PRO C 89 -16.64 20.09 35.31
CA PRO C 89 -16.89 18.94 34.45
C PRO C 89 -17.39 19.35 33.05
N ASN C 90 -16.85 18.65 32.04
CA ASN C 90 -17.17 18.86 30.62
C ASN C 90 -16.57 20.12 29.97
N PHE C 91 -16.04 21.04 30.78
CA PHE C 91 -15.39 22.21 30.24
C PHE C 91 -14.17 21.87 29.41
N PRO C 92 -14.07 22.46 28.21
CA PRO C 92 -12.84 22.34 27.41
C PRO C 92 -11.72 23.08 28.11
N ARG C 93 -10.47 22.79 27.77
CA ARG C 93 -9.34 23.43 28.44
C ARG C 93 -8.29 23.97 27.49
N SER C 94 -7.84 25.20 27.74
CA SER C 94 -6.79 25.83 26.95
C SER C 94 -5.44 25.22 27.29
N THR C 95 -4.69 24.79 26.27
CA THR C 95 -3.32 24.29 26.46
C THR C 95 -2.35 25.48 26.60
N VAL C 96 -2.83 26.68 26.22
CA VAL C 96 -2.14 27.97 26.48
C VAL C 96 -1.56 27.98 27.91
N PRO C 97 -0.22 28.21 28.03
CA PRO C 97 0.59 27.81 29.19
C PRO C 97 0.19 28.36 30.57
N GLY C 98 -0.12 29.65 30.63
CA GLY C 98 -0.38 30.32 31.90
C GLY C 98 -1.43 29.67 32.81
N HIS C 99 -2.60 29.39 32.26
CA HIS C 99 -3.74 28.85 33.01
C HIS C 99 -4.78 28.25 32.08
N ALA C 100 -5.64 27.39 32.62
CA ALA C 100 -6.78 26.90 31.88
C ALA C 100 -7.80 28.03 31.70
N GLY C 101 -7.86 28.94 32.69
CA GLY C 101 -8.86 29.99 32.73
C GLY C 101 -9.89 29.67 33.79
N ARG C 102 -10.75 30.64 34.08
CA ARG C 102 -11.61 30.55 35.25
C ARG C 102 -12.95 31.24 35.06
N LEU C 103 -13.98 30.72 35.72
CA LEU C 103 -15.21 31.44 35.94
C LEU C 103 -15.16 32.08 37.33
N VAL C 104 -15.53 33.35 37.41
CA VAL C 104 -15.53 34.05 38.68
C VAL C 104 -16.91 34.61 38.95
N PHE C 105 -17.62 34.04 39.92
CA PHE C 105 -18.91 34.59 40.37
C PHE C 105 -18.72 35.76 41.33
N GLY C 106 -19.75 36.57 41.51
CA GLY C 106 -19.65 37.77 42.33
C GLY C 106 -20.72 38.81 42.05
N PHE C 107 -20.50 40.00 42.57
CA PHE C 107 -21.38 41.11 42.31
C PHE C 107 -20.54 42.18 41.70
N LEU C 108 -21.05 42.77 40.62
CA LEU C 108 -20.42 43.95 40.04
C LEU C 108 -21.46 45.05 40.15
N ASN C 109 -21.10 46.14 40.85
CA ASN C 109 -22.09 47.16 41.25
C ASN C 109 -23.39 46.54 41.78
N GLY C 110 -23.24 45.60 42.70
CA GLY C 110 -24.39 44.93 43.29
C GLY C 110 -25.17 44.10 42.33
N ARG C 111 -24.59 43.86 41.15
CA ARG C 111 -25.25 43.02 40.18
C ARG C 111 -24.69 41.60 40.21
N ALA C 112 -25.60 40.63 40.31
CA ALA C 112 -25.25 39.22 40.42
C ALA C 112 -24.80 38.69 39.07
N CYS C 113 -23.50 38.45 38.94
CA CYS C 113 -22.94 38.03 37.66
C CYS C 113 -21.86 36.95 37.75
N VAL C 114 -21.66 36.28 36.62
CA VAL C 114 -20.54 35.36 36.42
C VAL C 114 -19.67 35.88 35.28
N MET C 115 -18.36 35.90 35.51
CA MET C 115 -17.42 36.41 34.55
C MET C 115 -16.55 35.31 34.00
N MET C 116 -16.38 35.30 32.69
CA MET C 116 -15.61 34.27 32.02
C MET C 116 -14.31 34.85 31.54
N GLN C 117 -13.22 34.29 32.02
CA GLN C 117 -11.89 34.80 31.68
C GLN C 117 -11.09 33.68 31.06
N GLY C 118 -10.65 33.92 29.82
CA GLY C 118 -10.06 32.90 28.98
C GLY C 118 -11.17 32.30 28.12
N ARG C 119 -10.97 32.34 26.81
CA ARG C 119 -11.98 31.79 25.92
C ARG C 119 -11.37 30.83 24.91
N PHE C 120 -12.26 30.22 24.13
CA PHE C 120 -11.85 29.31 23.10
C PHE C 120 -12.18 29.93 21.77
N HIS C 121 -11.27 29.76 20.83
CA HIS C 121 -11.43 30.34 19.51
C HIS C 121 -11.37 29.31 18.41
N MET C 122 -12.14 29.56 17.36
CA MET C 122 -12.10 28.76 16.15
C MET C 122 -10.67 28.63 15.59
N TYR C 123 -9.90 29.71 15.62
CA TYR C 123 -8.56 29.64 15.04
C TYR C 123 -7.64 28.72 15.84
N GLU C 124 -7.99 28.43 17.09
CA GLU C 124 -7.19 27.52 17.92
C GLU C 124 -7.46 26.06 17.60
N GLY C 125 -8.50 25.77 16.84
CA GLY C 125 -8.81 24.40 16.49
C GLY C 125 -10.07 23.89 17.14
N TYR C 126 -10.59 24.62 18.12
CA TYR C 126 -11.84 24.20 18.76
C TYR C 126 -13.04 24.16 17.81
N PRO C 127 -13.82 23.08 17.85
CA PRO C 127 -15.10 23.14 17.16
C PRO C 127 -15.99 24.19 17.83
N LEU C 128 -17.00 24.63 17.12
CA LEU C 128 -17.86 25.69 17.61
C LEU C 128 -18.73 25.28 18.80
N TYR C 129 -19.12 24.01 18.87
CA TYR C 129 -19.90 23.57 20.05
C TYR C 129 -19.05 23.58 21.34
N LYS C 130 -17.72 23.49 21.21
CA LYS C 130 -16.85 23.74 22.33
C LYS C 130 -16.71 25.23 22.64
N VAL C 131 -16.52 26.04 21.61
CA VAL C 131 -16.37 27.47 21.77
C VAL C 131 -17.55 28.05 22.54
N THR C 132 -18.75 27.51 22.27
CA THR C 132 -19.99 28.08 22.79
C THR C 132 -20.62 27.25 23.90
N PHE C 133 -19.90 26.23 24.36
CA PHE C 133 -20.33 25.44 25.50
C PHE C 133 -20.70 26.31 26.74
N PRO C 134 -19.80 27.23 27.16
CA PRO C 134 -20.13 28.02 28.34
C PRO C 134 -21.48 28.72 28.26
N VAL C 135 -21.83 29.18 27.06
CA VAL C 135 -23.03 30.01 26.90
C VAL C 135 -24.26 29.21 27.27
N ARG C 136 -24.32 27.97 26.79
CA ARG C 136 -25.42 27.11 27.10
C ARG C 136 -25.47 26.82 28.62
N VAL C 137 -24.31 26.69 29.24
CA VAL C 137 -24.22 26.48 30.68
C VAL C 137 -24.79 27.71 31.42
N PHE C 138 -24.33 28.90 31.04
CA PHE C 138 -24.84 30.14 31.65
C PHE C 138 -26.38 30.22 31.62
N HIS C 139 -26.97 29.80 30.51
CA HIS C 139 -28.42 29.77 30.38
C HIS C 139 -29.01 28.89 31.48
N LEU C 140 -28.42 27.70 31.64
CA LEU C 140 -28.88 26.73 32.64
C LEU C 140 -28.61 27.20 34.07
N LEU C 141 -27.61 28.05 34.28
CA LEU C 141 -27.44 28.70 35.58
C LEU C 141 -28.55 29.71 35.89
N GLY C 142 -29.44 29.98 34.94
CA GLY C 142 -30.47 31.02 35.07
C GLY C 142 -30.06 32.45 34.72
N VAL C 143 -28.85 32.63 34.15
CA VAL C 143 -28.45 33.90 33.51
C VAL C 143 -29.45 34.29 32.44
N ASP C 144 -29.71 35.59 32.29
CA ASP C 144 -30.65 36.01 31.24
C ASP C 144 -30.07 37.15 30.37
N THR C 145 -28.84 37.55 30.65
CA THR C 145 -28.20 38.59 29.91
C THR C 145 -26.75 38.20 29.70
N LEU C 146 -26.31 38.23 28.42
CA LEU C 146 -24.92 38.00 28.09
C LEU C 146 -24.27 39.29 27.59
N VAL C 147 -23.16 39.66 28.21
CA VAL C 147 -22.34 40.76 27.77
C VAL C 147 -21.03 40.21 27.20
N VAL C 148 -20.80 40.39 25.89
CA VAL C 148 -19.59 39.90 25.22
C VAL C 148 -18.74 41.08 24.82
N THR C 149 -17.44 40.97 25.00
CA THR C 149 -16.55 42.02 24.58
C THR C 149 -15.36 41.41 23.85
N ASN C 150 -14.66 42.21 23.07
CA ASN C 150 -13.52 41.70 22.32
C ASN C 150 -12.66 42.85 21.87
N ALA C 151 -11.55 42.51 21.23
CA ALA C 151 -10.77 43.48 20.51
C ALA C 151 -11.17 43.34 19.02
N ALA C 152 -11.03 44.42 18.25
CA ALA C 152 -11.31 44.37 16.82
C ALA C 152 -10.51 45.42 16.06
N GLY C 153 -10.23 45.15 14.79
CA GLY C 153 -9.56 46.09 13.93
C GLY C 153 -10.60 47.06 13.40
N GLY C 154 -10.22 48.33 13.30
CA GLY C 154 -11.12 49.38 12.83
C GLY C 154 -11.15 49.43 11.30
N LEU C 155 -12.33 49.26 10.72
CA LEU C 155 -12.52 49.34 9.28
C LEU C 155 -13.08 50.70 8.90
N ASN C 156 -13.95 51.23 9.76
CA ASN C 156 -14.53 52.54 9.61
C ASN C 156 -13.48 53.60 9.84
N PRO C 157 -13.24 54.47 8.84
CA PRO C 157 -12.19 55.49 8.87
C PRO C 157 -12.35 56.48 10.02
N LYS C 158 -13.58 56.65 10.51
CA LYS C 158 -13.83 57.54 11.65
C LYS C 158 -13.30 56.98 12.97
N PHE C 159 -13.08 55.67 13.04
CA PHE C 159 -12.68 55.06 14.29
C PHE C 159 -11.23 55.37 14.62
N GLU C 160 -10.93 55.45 15.91
CA GLU C 160 -9.57 55.67 16.38
C GLU C 160 -9.22 54.62 17.39
N VAL C 161 -7.95 54.22 17.39
CA VAL C 161 -7.43 53.30 18.38
C VAL C 161 -7.86 53.80 19.76
N GLY C 162 -8.44 52.92 20.55
CA GLY C 162 -8.95 53.30 21.86
C GLY C 162 -10.45 53.41 21.92
N ASP C 163 -11.10 53.56 20.77
CA ASP C 163 -12.55 53.68 20.75
C ASP C 163 -13.24 52.41 21.21
N ILE C 164 -14.42 52.58 21.78
CA ILE C 164 -15.32 51.48 22.07
C ILE C 164 -16.42 51.52 21.03
N MET C 165 -16.68 50.38 20.39
CA MET C 165 -17.75 50.35 19.41
C MET C 165 -18.81 49.44 19.89
N LEU C 166 -20.02 49.99 20.08
CA LEU C 166 -21.14 49.15 20.40
C LEU C 166 -21.47 48.31 19.19
N ILE C 167 -21.65 47.00 19.41
CA ILE C 167 -22.04 46.16 18.31
C ILE C 167 -23.52 46.29 18.08
N ARG C 168 -23.89 46.88 16.95
CA ARG C 168 -25.32 47.00 16.59
C ARG C 168 -25.78 45.75 15.86
N ASP C 169 -24.86 45.13 15.14
CA ASP C 169 -25.18 43.99 14.29
C ASP C 169 -23.88 43.30 13.92
N HIS C 170 -23.99 42.08 13.38
CA HIS C 170 -22.78 41.41 12.92
C HIS C 170 -22.97 40.81 11.50
N ILE C 171 -21.85 40.50 10.88
CA ILE C 171 -21.81 39.68 9.68
C ILE C 171 -21.01 38.44 10.02
N ASN C 172 -21.69 37.29 9.95
CA ASN C 172 -21.08 36.03 10.28
C ASN C 172 -20.54 35.27 9.06
N LEU C 173 -19.35 35.63 8.60
CA LEU C 173 -18.79 34.98 7.43
C LEU C 173 -18.61 33.48 7.58
N PRO C 174 -18.04 32.99 8.70
CA PRO C 174 -17.94 31.51 8.85
C PRO C 174 -19.27 30.84 8.80
N GLY C 175 -20.26 31.48 9.43
CA GLY C 175 -21.60 30.97 9.37
C GLY C 175 -22.13 30.74 7.97
N PHE C 176 -21.81 31.63 7.03
CA PHE C 176 -22.29 31.46 5.64
C PHE C 176 -21.89 30.12 5.05
N SER C 177 -20.68 29.69 5.41
CA SER C 177 -20.08 28.47 4.87
C SER C 177 -20.37 27.17 5.60
N GLY C 178 -21.02 27.22 6.75
CA GLY C 178 -21.34 25.99 7.46
C GLY C 178 -20.87 26.05 8.89
N GLN C 179 -19.90 26.91 9.17
CA GLN C 179 -19.36 27.07 10.50
C GLN C 179 -20.28 27.87 11.38
N ASN C 180 -21.40 27.25 11.71
CA ASN C 180 -22.41 27.84 12.56
C ASN C 180 -22.56 26.93 13.80
N PRO C 181 -22.51 27.52 15.03
CA PRO C 181 -22.52 26.67 16.25
C PRO C 181 -23.77 25.82 16.39
N LEU C 182 -24.87 26.20 15.73
CA LEU C 182 -26.09 25.45 15.86
C LEU C 182 -26.18 24.32 14.87
N ARG C 183 -25.13 24.11 14.10
CA ARG C 183 -25.16 23.06 13.10
C ARG C 183 -25.27 21.66 13.77
N GLY C 184 -26.08 20.79 13.21
CA GLY C 184 -26.35 19.50 13.81
C GLY C 184 -27.81 19.46 14.25
N PRO C 185 -28.17 18.44 15.05
CA PRO C 185 -29.56 18.26 15.51
C PRO C 185 -29.90 19.40 16.45
N ASN C 186 -31.12 19.93 16.34
CA ASN C 186 -31.56 20.96 17.27
C ASN C 186 -32.19 20.34 18.51
N ASP C 187 -31.91 20.92 19.67
CA ASP C 187 -32.59 20.54 20.89
C ASP C 187 -33.61 21.60 21.27
N GLU C 188 -34.88 21.25 21.14
CA GLU C 188 -35.97 22.17 21.45
C GLU C 188 -35.99 22.64 22.89
N ARG C 189 -35.24 21.97 23.76
CA ARG C 189 -35.08 22.41 25.14
C ARG C 189 -34.24 23.66 25.23
N PHE C 190 -33.42 23.92 24.21
CA PHE C 190 -32.63 25.14 24.15
C PHE C 190 -33.30 26.26 23.34
N GLY C 191 -33.93 25.90 22.22
CA GLY C 191 -34.47 26.90 21.31
C GLY C 191 -34.97 26.29 20.01
N ASP C 192 -35.34 27.17 19.07
CA ASP C 192 -35.90 26.72 17.80
C ASP C 192 -34.86 26.16 16.81
N ARG C 193 -35.33 25.32 15.89
CA ARG C 193 -34.49 24.84 14.81
C ARG C 193 -33.89 25.99 13.95
N PHE C 194 -34.67 27.06 13.73
CA PHE C 194 -34.30 28.21 12.90
C PHE C 194 -34.44 29.55 13.65
N PRO C 195 -33.54 29.82 14.58
CA PRO C 195 -33.70 31.11 15.29
C PRO C 195 -33.41 32.35 14.40
N ALA C 196 -34.02 33.49 14.72
CA ALA C 196 -33.76 34.73 14.01
C ALA C 196 -32.63 35.49 14.69
N MET C 197 -31.86 36.22 13.89
CA MET C 197 -30.74 37.01 14.42
C MET C 197 -30.88 38.50 14.13
N SER C 198 -31.98 38.88 13.48
CA SER C 198 -32.17 40.29 13.09
C SER C 198 -32.26 41.24 14.27
N ASP C 199 -32.65 40.73 15.43
CA ASP C 199 -32.70 41.56 16.65
C ASP C 199 -31.71 41.11 17.71
N ALA C 200 -30.60 40.52 17.30
CA ALA C 200 -29.68 39.92 18.27
C ALA C 200 -29.18 40.91 19.32
N TYR C 201 -28.78 42.12 18.93
CA TYR C 201 -28.18 43.04 19.88
C TYR C 201 -29.20 44.02 20.46
N ASP C 202 -29.52 43.83 21.73
CA ASP C 202 -30.62 44.52 22.39
C ASP C 202 -30.63 46.03 22.20
N ARG C 203 -31.69 46.49 21.53
CA ARG C 203 -31.96 47.89 21.24
C ARG C 203 -31.86 48.77 22.47
N THR C 204 -32.63 48.39 23.49
CA THR C 204 -32.77 49.19 24.69
C THR C 204 -31.44 49.35 25.42
N MET C 205 -30.72 48.25 25.57
CA MET C 205 -29.39 48.26 26.18
C MET C 205 -28.47 49.25 25.50
N ARG C 206 -28.56 49.30 24.16
CA ARG C 206 -27.74 50.18 23.37
C ARG C 206 -28.11 51.65 23.59
N GLN C 207 -29.42 51.92 23.64
CA GLN C 207 -29.93 53.26 23.97
C GLN C 207 -29.42 53.71 25.33
N ARG C 208 -29.64 52.87 26.33
CA ARG C 208 -29.16 53.14 27.67
C ARG C 208 -27.65 53.27 27.75
N ALA C 209 -26.94 52.40 27.03
CA ALA C 209 -25.50 52.48 26.98
C ALA C 209 -25.02 53.82 26.40
N LEU C 210 -25.72 54.33 25.39
CA LEU C 210 -25.36 55.58 24.72
C LEU C 210 -25.50 56.77 25.66
N SER C 211 -26.60 56.79 26.43
CA SER C 211 -26.83 57.82 27.46
C SER C 211 -25.73 57.81 28.50
N THR C 212 -25.69 56.71 29.24
CA THR C 212 -24.76 56.53 30.36
C THR C 212 -23.27 56.74 30.05
N TYR C 213 -22.87 56.63 28.78
CA TYR C 213 -21.47 56.87 28.42
C TYR C 213 -21.07 58.32 28.63
N LYS C 214 -22.03 59.25 28.52
CA LYS C 214 -21.78 60.67 28.81
C LYS C 214 -21.19 60.91 30.21
N GLN C 215 -21.65 60.10 31.18
CA GLN C 215 -21.24 60.19 32.58
C GLN C 215 -19.74 60.12 32.78
N MET C 216 -19.07 59.29 32.00
CA MET C 216 -17.62 59.12 32.13
C MET C 216 -16.85 60.37 31.71
N GLY C 217 -17.50 61.21 30.93
CA GLY C 217 -16.87 62.44 30.43
C GLY C 217 -15.62 62.11 29.64
N GLU C 218 -15.82 61.43 28.51
CA GLU C 218 -14.73 61.07 27.62
C GLU C 218 -14.70 62.01 26.42
N GLN C 219 -13.50 62.27 25.90
CA GLN C 219 -13.36 63.11 24.70
C GLN C 219 -13.97 62.45 23.47
N ARG C 220 -13.49 61.24 23.14
CA ARG C 220 -14.04 60.42 22.05
C ARG C 220 -15.37 59.84 22.48
N GLU C 221 -16.35 59.85 21.60
CA GLU C 221 -17.63 59.25 21.96
C GLU C 221 -17.70 57.79 21.71
N LEU C 222 -18.83 57.26 22.14
CA LEU C 222 -19.18 55.89 21.91
C LEU C 222 -19.52 55.70 20.43
N GLN C 223 -18.76 54.82 19.77
CA GLN C 223 -19.06 54.41 18.41
C GLN C 223 -20.11 53.32 18.42
N GLU C 224 -20.78 53.13 17.29
CA GLU C 224 -21.76 52.05 17.13
C GLU C 224 -21.57 51.54 15.71
N GLY C 225 -21.73 50.25 15.49
CA GLY C 225 -21.50 49.72 14.15
C GLY C 225 -21.64 48.22 14.03
N THR C 226 -21.26 47.74 12.84
CA THR C 226 -21.36 46.34 12.48
C THR C 226 -20.02 45.68 12.69
N TYR C 227 -20.05 44.53 13.36
CA TYR C 227 -18.86 43.72 13.62
C TYR C 227 -18.87 42.57 12.62
N VAL C 228 -17.74 42.35 11.94
CA VAL C 228 -17.63 41.18 11.08
C VAL C 228 -16.71 40.14 11.72
N MET C 229 -17.14 38.89 11.69
CA MET C 229 -16.29 37.80 12.17
C MET C 229 -15.60 37.08 11.03
N VAL C 230 -14.29 36.95 11.16
CA VAL C 230 -13.46 36.12 10.29
C VAL C 230 -12.73 35.12 11.17
N ALA C 231 -12.41 33.96 10.62
CA ALA C 231 -11.86 32.86 11.40
C ALA C 231 -10.44 33.17 11.93
N GLY C 232 -9.60 33.82 11.13
CA GLY C 232 -8.22 34.06 11.57
C GLY C 232 -7.43 32.78 11.35
N PRO C 233 -6.23 32.69 11.93
CA PRO C 233 -5.60 33.63 12.85
C PRO C 233 -4.71 34.69 12.21
N SER C 234 -4.43 34.59 10.93
CA SER C 234 -3.62 35.64 10.27
C SER C 234 -4.48 36.88 10.06
N PHE C 235 -3.84 38.03 10.03
CA PHE C 235 -4.55 39.30 9.82
C PHE C 235 -4.85 39.54 8.35
N GLU C 236 -5.77 40.47 8.11
CA GLU C 236 -6.33 40.74 6.78
C GLU C 236 -5.30 41.34 5.86
N THR C 237 -5.35 40.99 4.57
CA THR C 237 -4.61 41.75 3.60
C THR C 237 -5.33 43.10 3.35
N VAL C 238 -4.70 43.98 2.56
CA VAL C 238 -5.38 45.19 2.13
C VAL C 238 -6.67 44.91 1.33
N ALA C 239 -6.56 44.04 0.33
CA ALA C 239 -7.74 43.66 -0.47
C ALA C 239 -8.86 43.13 0.42
N GLU C 240 -8.51 42.32 1.42
CA GLU C 240 -9.54 41.75 2.28
C GLU C 240 -10.19 42.82 3.11
N CYS C 241 -9.40 43.78 3.58
CA CYS C 241 -9.93 44.88 4.33
CA CYS C 241 -9.95 44.93 4.32
C CYS C 241 -10.92 45.68 3.49
N ARG C 242 -10.55 45.94 2.23
CA ARG C 242 -11.47 46.62 1.35
C ARG C 242 -12.74 45.86 1.11
N VAL C 243 -12.64 44.53 0.98
CA VAL C 243 -13.83 43.68 0.86
C VAL C 243 -14.75 43.85 2.06
N LEU C 244 -14.17 43.80 3.26
CA LEU C 244 -14.98 43.89 4.49
C LEU C 244 -15.63 45.25 4.64
N GLN C 245 -14.94 46.30 4.18
CA GLN C 245 -15.52 47.65 4.12
C GLN C 245 -16.70 47.74 3.18
N LYS C 246 -16.53 47.22 1.96
CA LYS C 246 -17.63 47.18 0.99
C LYS C 246 -18.82 46.43 1.53
N LEU C 247 -18.60 45.36 2.28
CA LEU C 247 -19.74 44.59 2.80
C LEU C 247 -20.49 45.33 3.92
N GLY C 248 -19.90 46.42 4.41
CA GLY C 248 -20.56 47.22 5.40
C GLY C 248 -20.12 47.02 6.84
N ALA C 249 -18.93 46.48 7.07
CA ALA C 249 -18.49 46.18 8.40
C ALA C 249 -17.72 47.36 8.92
N ASP C 250 -17.87 47.68 10.20
CA ASP C 250 -17.09 48.78 10.79
C ASP C 250 -15.87 48.28 11.57
N ALA C 251 -16.00 47.07 12.10
CA ALA C 251 -14.89 46.44 12.82
C ALA C 251 -14.79 44.93 12.49
N VAL C 252 -13.57 44.42 12.50
CA VAL C 252 -13.34 43.00 12.21
C VAL C 252 -12.68 42.28 13.38
N GLY C 253 -13.22 41.13 13.76
CA GLY C 253 -12.57 40.30 14.77
C GLY C 253 -12.71 38.82 14.51
N MET C 254 -12.26 38.02 15.48
CA MET C 254 -12.11 36.58 15.29
C MET C 254 -12.90 35.82 16.33
N SER C 255 -13.84 36.49 16.98
CA SER C 255 -14.60 35.86 18.04
C SER C 255 -16.02 36.41 18.15
N THR C 256 -16.67 36.06 19.28
CA THR C 256 -17.96 36.68 19.73
C THR C 256 -19.20 36.18 19.03
N VAL C 257 -19.16 36.16 17.70
CA VAL C 257 -20.38 35.87 16.93
C VAL C 257 -20.98 34.49 17.24
N PRO C 258 -20.14 33.43 17.28
CA PRO C 258 -20.75 32.14 17.63
C PRO C 258 -21.46 32.19 19.02
N GLU C 259 -20.86 32.88 19.98
CA GLU C 259 -21.46 32.99 21.31
C GLU C 259 -22.82 33.68 21.23
N VAL C 260 -22.84 34.83 20.57
CA VAL C 260 -24.08 35.59 20.37
C VAL C 260 -25.16 34.70 19.77
N ILE C 261 -24.82 33.92 18.73
CA ILE C 261 -25.83 33.10 18.08
C ILE C 261 -26.40 32.12 19.08
N VAL C 262 -25.54 31.47 19.86
CA VAL C 262 -26.01 30.50 20.86
C VAL C 262 -26.86 31.16 21.95
N ALA C 263 -26.38 32.28 22.47
CA ALA C 263 -27.15 33.04 23.44
C ALA C 263 -28.58 33.32 22.92
N ARG C 264 -28.68 33.87 21.70
CA ARG C 264 -29.98 34.24 21.17
C ARG C 264 -30.86 33.02 20.98
N HIS C 265 -30.25 31.92 20.53
CA HIS C 265 -30.97 30.66 20.34
C HIS C 265 -31.69 30.26 21.63
N CYS C 266 -31.08 30.49 22.78
CA CYS C 266 -31.76 30.11 24.01
C CYS C 266 -32.44 31.23 24.78
N GLY C 267 -32.60 32.37 24.12
CA GLY C 267 -33.43 33.44 24.63
C GLY C 267 -32.73 34.52 25.43
N LEU C 268 -31.40 34.47 25.55
CA LEU C 268 -30.70 35.48 26.30
C LEU C 268 -30.75 36.86 25.66
N ARG C 269 -30.79 37.90 26.49
CA ARG C 269 -30.58 39.24 26.02
C ARG C 269 -29.09 39.36 25.80
N VAL C 270 -28.70 39.99 24.69
CA VAL C 270 -27.28 40.12 24.36
C VAL C 270 -26.91 41.56 24.16
N PHE C 271 -25.76 41.92 24.69
CA PHE C 271 -25.19 43.24 24.48
C PHE C 271 -23.68 43.01 24.30
N GLY C 272 -23.06 43.78 23.40
CA GLY C 272 -21.66 43.54 23.08
C GLY C 272 -20.94 44.76 22.59
N PHE C 273 -19.62 44.75 22.71
CA PHE C 273 -18.86 45.87 22.17
C PHE C 273 -17.43 45.47 21.90
N SER C 274 -16.76 46.27 21.09
CA SER C 274 -15.40 45.98 20.70
C SER C 274 -14.56 47.15 21.08
N LEU C 275 -13.36 46.87 21.55
CA LEU C 275 -12.35 47.87 21.69
C LEU C 275 -11.56 47.93 20.38
N ILE C 276 -11.55 49.07 19.73
CA ILE C 276 -10.79 49.23 18.53
C ILE C 276 -9.32 49.32 18.87
N THR C 277 -8.56 48.28 18.59
CA THR C 277 -7.19 48.19 19.08
C THR C 277 -6.21 48.60 18.02
N ASN C 278 -6.65 48.67 16.78
CA ASN C 278 -5.75 49.00 15.68
C ASN C 278 -6.61 49.41 14.51
N LYS C 279 -6.03 50.17 13.58
CA LYS C 279 -6.76 50.54 12.37
C LYS C 279 -6.22 49.68 11.25
N VAL C 280 -7.10 48.87 10.66
CA VAL C 280 -6.71 47.89 9.63
C VAL C 280 -6.03 48.61 8.47
N ILE C 281 -4.93 48.05 7.98
CA ILE C 281 -4.21 48.69 6.85
C ILE C 281 -5.07 48.66 5.58
N MET C 282 -5.21 49.81 4.94
CA MET C 282 -6.17 50.03 3.86
CA MET C 282 -6.16 50.03 3.85
C MET C 282 -5.48 50.43 2.55
N ASP C 283 -4.15 50.50 2.55
CA ASP C 283 -3.47 50.90 1.33
C ASP C 283 -2.10 50.23 1.25
N TYR C 284 -1.56 50.19 0.05
CA TYR C 284 -0.29 49.50 -0.22
C TYR C 284 0.94 50.30 0.11
N GLU C 285 0.76 51.60 0.34
CA GLU C 285 1.90 52.50 0.68
C GLU C 285 2.41 52.27 2.09
N SER C 286 1.50 52.21 3.05
CA SER C 286 1.88 52.07 4.45
C SER C 286 2.90 50.94 4.72
N LEU C 287 3.72 51.12 5.75
CA LEU C 287 4.72 50.13 6.17
C LEU C 287 4.33 49.61 7.54
N GLU C 288 3.28 50.18 8.11
CA GLU C 288 2.65 49.66 9.29
C GLU C 288 2.09 48.27 9.01
N LYS C 289 1.94 47.46 10.05
CA LYS C 289 1.33 46.13 9.96
C LYS C 289 0.60 45.86 11.23
N ALA C 290 -0.54 45.19 11.15
CA ALA C 290 -1.22 44.73 12.35
C ALA C 290 -0.24 43.79 13.08
N ASN C 291 -0.32 43.76 14.41
CA ASN C 291 0.53 42.92 15.25
C ASN C 291 -0.09 42.83 16.61
N TRP C 292 0.16 41.76 17.33
CA TRP C 292 -0.57 41.46 18.54
C TRP C 292 -0.10 42.28 19.74
N GLU C 293 1.14 42.77 19.71
CA GLU C 293 1.65 43.60 20.79
C GLU C 293 0.94 44.92 20.86
N GLU C 294 0.75 45.52 19.69
CA GLU C 294 -0.09 46.70 19.51
C GLU C 294 -1.46 46.48 20.14
N VAL C 295 -2.08 45.33 19.85
CA VAL C 295 -3.39 44.97 20.39
C VAL C 295 -3.34 44.91 21.92
N LEU C 296 -2.30 44.32 22.48
CA LEU C 296 -2.19 44.23 23.94
C LEU C 296 -1.99 45.61 24.58
N ALA C 297 -1.18 46.45 23.95
CA ALA C 297 -0.93 47.81 24.42
C ALA C 297 -2.23 48.61 24.47
N ALA C 298 -2.99 48.57 23.39
CA ALA C 298 -4.28 49.24 23.36
C ALA C 298 -5.20 48.72 24.45
N GLY C 299 -5.19 47.41 24.64
CA GLY C 299 -5.98 46.79 25.71
C GLY C 299 -5.62 47.33 27.09
N LYS C 300 -4.34 47.63 27.28
CA LYS C 300 -3.86 48.19 28.52
C LYS C 300 -4.28 49.65 28.71
N GLN C 301 -3.99 50.51 27.74
CA GLN C 301 -4.45 51.91 27.78
C GLN C 301 -5.93 52.03 28.14
N ALA C 302 -6.74 51.13 27.61
CA ALA C 302 -8.18 51.25 27.73
C ALA C 302 -8.73 50.55 28.96
N ALA C 303 -7.89 49.77 29.63
CA ALA C 303 -8.33 48.91 30.73
C ALA C 303 -9.30 49.61 31.69
N GLN C 304 -8.93 50.80 32.15
CA GLN C 304 -9.74 51.52 33.12
C GLN C 304 -11.06 52.03 32.54
N LYS C 305 -10.97 52.68 31.39
CA LYS C 305 -12.14 53.13 30.66
C LYS C 305 -13.13 51.98 30.53
N LEU C 306 -12.63 50.81 30.18
CA LEU C 306 -13.46 49.64 29.96
C LEU C 306 -14.07 49.13 31.26
N GLU C 307 -13.24 48.99 32.28
CA GLU C 307 -13.67 48.58 33.61
C GLU C 307 -14.80 49.48 34.10
N GLN C 308 -14.55 50.79 34.05
CA GLN C 308 -15.55 51.81 34.40
C GLN C 308 -16.87 51.60 33.65
N PHE C 309 -16.75 51.49 32.32
CA PHE C 309 -17.90 51.38 31.44
C PHE C 309 -18.78 50.16 31.72
N VAL C 310 -18.15 49.03 32.00
CA VAL C 310 -18.91 47.81 32.26
C VAL C 310 -19.68 47.92 33.58
N SER C 311 -19.05 48.52 34.56
CA SER C 311 -19.68 48.74 35.88
C SER C 311 -20.92 49.59 35.72
N ILE C 312 -20.73 50.80 35.17
CA ILE C 312 -21.82 51.71 34.85
C ILE C 312 -22.98 50.96 34.19
N LEU C 313 -22.64 50.25 33.14
CA LEU C 313 -23.61 49.50 32.36
C LEU C 313 -24.48 48.57 33.21
N MET C 314 -23.92 48.04 34.30
CA MET C 314 -24.65 47.10 35.16
C MET C 314 -25.94 47.71 35.67
N ALA C 315 -25.88 48.99 36.01
CA ALA C 315 -27.06 49.76 36.44
C ALA C 315 -28.16 49.81 35.38
N SER C 316 -27.78 49.85 34.10
CA SER C 316 -28.73 49.92 32.98
C SER C 316 -29.47 48.62 32.72
N ILE C 317 -29.00 47.52 33.28
CA ILE C 317 -29.59 46.22 32.93
C ILE C 317 -30.94 46.01 33.62
N PRO C 318 -31.96 45.63 32.84
CA PRO C 318 -33.28 45.27 33.41
C PRO C 318 -33.19 44.18 34.48
N LEU C 319 -34.21 44.12 35.34
CA LEU C 319 -34.30 43.12 36.39
C LEU C 319 -35.02 41.88 35.88
N PRO C 320 -34.78 40.71 36.51
CA PRO C 320 -35.30 39.40 36.05
C PRO C 320 -36.82 39.29 35.84
N ASP C 321 -37.25 39.02 34.62
CA ASP C 321 -38.66 38.69 34.36
C ASP C 321 -38.88 37.19 34.53
N GLY D 39 37.32 -27.85 -4.95
CA GLY D 39 37.82 -28.33 -3.64
C GLY D 39 39.25 -28.82 -3.70
N TYR D 40 39.44 -30.08 -4.12
CA TYR D 40 40.75 -30.74 -4.16
C TYR D 40 41.29 -30.82 -5.57
N THR D 41 42.62 -30.86 -5.70
CA THR D 41 43.28 -31.09 -7.00
C THR D 41 43.59 -32.58 -7.17
N TYR D 42 43.88 -33.00 -8.39
CA TYR D 42 44.26 -34.37 -8.61
C TYR D 42 45.48 -34.77 -7.73
N GLU D 43 46.45 -33.87 -7.62
CA GLU D 43 47.63 -34.04 -6.75
C GLU D 43 47.27 -34.42 -5.34
N ASP D 44 46.36 -33.64 -4.76
CA ASP D 44 45.91 -33.86 -3.39
C ASP D 44 45.50 -35.30 -3.15
N TYR D 45 44.70 -35.85 -4.07
CA TYR D 45 44.23 -37.23 -3.96
C TYR D 45 45.40 -38.17 -4.03
N LYS D 46 46.26 -37.91 -5.01
CA LYS D 46 47.46 -38.66 -5.24
C LYS D 46 48.39 -38.67 -4.02
N ASN D 47 48.65 -37.50 -3.44
CA ASN D 47 49.43 -37.41 -2.24
C ASN D 47 48.89 -38.29 -1.13
N THR D 48 47.59 -38.15 -0.86
CA THR D 48 46.92 -38.93 0.18
C THR D 48 47.10 -40.44 -0.05
N ALA D 49 46.98 -40.86 -1.30
CA ALA D 49 47.13 -42.28 -1.62
C ALA D 49 48.57 -42.75 -1.45
N GLU D 50 49.52 -41.95 -1.93
CA GLU D 50 50.95 -42.22 -1.75
C GLU D 50 51.34 -42.33 -0.30
N TYR D 51 50.85 -41.40 0.53
CA TYR D 51 51.12 -41.46 1.96
C TYR D 51 50.72 -42.83 2.49
N LEU D 52 49.50 -43.24 2.19
CA LEU D 52 48.99 -44.49 2.71
C LEU D 52 49.75 -45.69 2.15
N LEU D 53 49.96 -45.68 0.84
CA LEU D 53 50.63 -46.79 0.16
C LEU D 53 52.05 -47.00 0.69
N SER D 54 52.76 -45.89 0.92
CA SER D 54 54.11 -45.93 1.47
C SER D 54 54.16 -46.31 2.95
N HIS D 55 53.05 -46.22 3.68
CA HIS D 55 53.07 -46.54 5.11
C HIS D 55 52.38 -47.85 5.48
N THR D 56 52.07 -48.66 4.48
CA THR D 56 51.53 -49.99 4.72
C THR D 56 51.82 -50.88 3.55
N LYS D 57 51.95 -52.17 3.83
CA LYS D 57 52.17 -53.15 2.78
C LYS D 57 50.84 -53.78 2.31
N HIS D 58 49.79 -53.58 3.11
CA HIS D 58 48.42 -53.94 2.72
C HIS D 58 48.05 -53.32 1.38
N ARG D 59 47.42 -54.12 0.53
CA ARG D 59 46.93 -53.63 -0.75
C ARG D 59 45.45 -54.03 -0.95
N PRO D 60 44.52 -53.18 -0.50
CA PRO D 60 43.12 -53.62 -0.42
C PRO D 60 42.43 -53.77 -1.80
N GLN D 61 41.62 -54.82 -1.94
CA GLN D 61 40.77 -54.99 -3.12
C GLN D 61 39.42 -54.33 -2.91
N VAL D 62 38.97 -54.38 -1.66
CA VAL D 62 37.64 -53.98 -1.26
C VAL D 62 37.68 -52.88 -0.21
N ALA D 63 36.97 -51.79 -0.46
CA ALA D 63 36.74 -50.80 0.58
C ALA D 63 35.35 -51.02 1.17
N ILE D 64 35.24 -50.93 2.50
CA ILE D 64 33.97 -51.08 3.18
C ILE D 64 33.69 -49.85 4.05
N ILE D 65 32.62 -49.13 3.71
CA ILE D 65 32.18 -48.00 4.53
C ILE D 65 31.14 -48.47 5.52
N CYS D 66 31.50 -48.49 6.80
CA CYS D 66 30.63 -49.03 7.84
C CYS D 66 29.60 -48.01 8.28
N GLY D 67 28.33 -48.39 8.18
CA GLY D 67 27.22 -47.61 8.72
C GLY D 67 26.78 -48.27 10.02
N SER D 68 25.63 -47.84 10.53
CA SER D 68 25.12 -48.38 11.79
C SER D 68 25.14 -49.91 11.88
N GLY D 69 25.58 -50.39 13.04
CA GLY D 69 25.72 -51.81 13.37
C GLY D 69 27.02 -52.48 12.95
N LEU D 70 27.92 -51.72 12.32
CA LEU D 70 29.24 -52.26 11.95
C LEU D 70 30.39 -51.55 12.66
N GLY D 71 30.07 -50.87 13.76
CA GLY D 71 31.07 -50.27 14.63
C GLY D 71 32.15 -51.24 15.04
N GLY D 72 31.81 -52.51 15.22
CA GLY D 72 32.78 -53.50 15.66
C GLY D 72 33.28 -54.43 14.57
N LEU D 73 33.06 -54.09 13.30
CA LEU D 73 33.49 -55.01 12.25
C LEU D 73 35.02 -55.11 12.13
N THR D 74 35.73 -54.08 12.61
CA THR D 74 37.21 -54.09 12.62
C THR D 74 37.76 -55.26 13.42
N ASP D 75 37.06 -55.63 14.49
CA ASP D 75 37.42 -56.75 15.34
C ASP D 75 37.58 -58.06 14.60
N LYS D 76 36.98 -58.18 13.42
CA LYS D 76 37.07 -59.45 12.71
C LYS D 76 38.20 -59.41 11.68
N LEU D 77 38.81 -58.24 11.53
CA LEU D 77 40.00 -58.09 10.71
C LEU D 77 41.20 -58.83 11.32
N THR D 78 41.95 -59.52 10.47
CA THR D 78 43.26 -60.09 10.85
C THR D 78 44.36 -59.24 10.23
N GLN D 79 45.47 -59.08 10.97
CA GLN D 79 46.63 -58.27 10.55
C GLN D 79 46.24 -56.81 10.41
N ALA D 80 45.42 -56.34 11.34
CA ALA D 80 44.86 -55.00 11.27
C ALA D 80 45.98 -53.98 11.36
N GLN D 81 45.81 -52.88 10.61
CA GLN D 81 46.67 -51.71 10.77
C GLN D 81 45.85 -50.42 10.64
N ILE D 82 45.86 -49.63 11.72
CA ILE D 82 45.07 -48.40 11.86
C ILE D 82 45.80 -47.12 11.40
N PHE D 83 45.05 -46.22 10.78
CA PHE D 83 45.47 -44.84 10.50
C PHE D 83 44.33 -43.94 10.99
N ASP D 84 44.62 -42.93 11.79
CA ASP D 84 43.59 -41.97 12.20
C ASP D 84 43.44 -40.90 11.13
N TYR D 85 42.26 -40.29 11.03
CA TYR D 85 42.06 -39.29 9.99
C TYR D 85 43.01 -38.12 10.19
N SER D 86 43.30 -37.82 11.46
CA SER D 86 44.26 -36.78 11.83
C SER D 86 45.67 -37.03 11.25
N GLU D 87 46.10 -38.29 11.18
CA GLU D 87 47.36 -38.68 10.53
C GLU D 87 47.37 -38.50 9.00
N ILE D 88 46.21 -38.65 8.36
CA ILE D 88 46.18 -38.75 6.89
C ILE D 88 46.07 -37.37 6.26
N PRO D 89 47.04 -37.04 5.39
CA PRO D 89 47.02 -35.74 4.71
C PRO D 89 45.79 -35.54 3.82
N ASN D 90 45.21 -34.34 3.91
CA ASN D 90 44.06 -33.89 3.13
C ASN D 90 42.71 -34.42 3.61
N PHE D 91 42.73 -35.41 4.49
CA PHE D 91 41.51 -35.94 5.06
C PHE D 91 40.76 -34.90 5.85
N PRO D 92 39.45 -34.77 5.62
CA PRO D 92 38.59 -33.92 6.46
C PRO D 92 38.49 -34.54 7.84
N ARG D 93 38.10 -33.77 8.85
CA ARG D 93 38.03 -34.31 10.21
C ARG D 93 36.72 -34.00 10.92
N SER D 94 36.14 -35.01 11.57
CA SER D 94 34.92 -34.85 12.36
C SER D 94 35.23 -34.12 13.66
N THR D 95 34.49 -33.05 13.96
CA THR D 95 34.62 -32.35 15.25
C THR D 95 33.86 -33.12 16.35
N VAL D 96 33.00 -34.06 15.92
CA VAL D 96 32.34 -35.06 16.78
C VAL D 96 33.34 -35.59 17.83
N PRO D 97 33.01 -35.45 19.14
CA PRO D 97 33.98 -35.45 20.24
C PRO D 97 34.87 -36.70 20.40
N GLY D 98 34.27 -37.88 20.28
CA GLY D 98 34.96 -39.15 20.57
C GLY D 98 36.29 -39.35 19.84
N HIS D 99 36.26 -39.18 18.51
CA HIS D 99 37.42 -39.44 17.64
C HIS D 99 37.23 -38.79 16.28
N ALA D 100 38.34 -38.60 15.57
CA ALA D 100 38.28 -38.17 14.17
C ALA D 100 37.74 -39.29 13.31
N GLY D 101 38.02 -40.53 13.70
CA GLY D 101 37.70 -41.70 12.89
C GLY D 101 38.96 -42.25 12.24
N ARG D 102 38.85 -43.42 11.65
CA ARG D 102 40.04 -44.16 11.27
C ARG D 102 39.83 -45.02 10.04
N LEU D 103 40.89 -45.25 9.27
CA LEU D 103 40.91 -46.29 8.27
C LEU D 103 41.65 -47.47 8.84
N VAL D 104 41.09 -48.67 8.67
CA VAL D 104 41.72 -49.86 9.22
C VAL D 104 41.94 -50.87 8.12
N PHE D 105 43.20 -51.12 7.74
CA PHE D 105 43.52 -52.11 6.72
C PHE D 105 43.58 -53.47 7.36
N GLY D 106 43.48 -54.52 6.55
CA GLY D 106 43.49 -55.89 7.08
C GLY D 106 42.92 -56.91 6.11
N PHE D 107 42.67 -58.11 6.63
CA PHE D 107 42.02 -59.15 5.86
C PHE D 107 40.75 -59.48 6.57
N LEU D 108 39.67 -59.59 5.80
CA LEU D 108 38.41 -60.09 6.32
C LEU D 108 38.11 -61.36 5.51
N ASN D 109 38.01 -62.48 6.21
CA ASN D 109 37.97 -63.80 5.55
C ASN D 109 39.01 -63.92 4.45
N GLY D 110 40.25 -63.57 4.79
CA GLY D 110 41.35 -63.64 3.83
C GLY D 110 41.22 -62.69 2.67
N ARG D 111 40.30 -61.74 2.79
CA ARG D 111 40.12 -60.76 1.74
C ARG D 111 40.81 -59.46 2.11
N ALA D 112 41.62 -58.97 1.17
CA ALA D 112 42.41 -57.76 1.39
C ALA D 112 41.51 -56.54 1.31
N CYS D 113 41.26 -55.92 2.47
CA CYS D 113 40.29 -54.83 2.62
CA CYS D 113 40.30 -54.83 2.58
C CYS D 113 40.78 -53.62 3.40
N VAL D 114 40.21 -52.45 3.10
CA VAL D 114 40.31 -51.28 3.94
C VAL D 114 38.91 -50.91 4.44
N MET D 115 38.78 -50.65 5.73
CA MET D 115 37.52 -50.33 6.34
C MET D 115 37.50 -48.90 6.85
N MET D 116 36.44 -48.19 6.52
CA MET D 116 36.29 -46.80 6.90
C MET D 116 35.29 -46.69 8.02
N GLN D 117 35.73 -46.18 9.14
CA GLN D 117 34.89 -46.02 10.30
C GLN D 117 34.83 -44.57 10.69
N GLY D 118 33.62 -44.02 10.69
CA GLY D 118 33.38 -42.57 10.86
C GLY D 118 33.24 -41.97 9.48
N ARG D 119 32.12 -41.31 9.22
CA ARG D 119 31.94 -40.74 7.91
C ARG D 119 31.53 -39.29 7.99
N PHE D 120 31.46 -38.66 6.82
CA PHE D 120 31.06 -37.27 6.72
C PHE D 120 29.72 -37.17 6.02
N HIS D 121 28.84 -36.32 6.56
CA HIS D 121 27.51 -36.21 6.04
C HIS D 121 27.16 -34.82 5.59
N MET D 122 26.37 -34.74 4.55
CA MET D 122 25.86 -33.47 4.08
C MET D 122 25.16 -32.70 5.18
N TYR D 123 24.42 -33.37 6.07
CA TYR D 123 23.68 -32.64 7.09
C TYR D 123 24.61 -31.99 8.11
N GLU D 124 25.85 -32.47 8.19
CA GLU D 124 26.84 -31.92 9.10
C GLU D 124 27.44 -30.64 8.58
N GLY D 125 27.22 -30.31 7.31
CA GLY D 125 27.77 -29.13 6.71
C GLY D 125 28.85 -29.40 5.67
N TYR D 126 29.37 -30.63 5.63
CA TYR D 126 30.40 -30.95 4.66
C TYR D 126 29.94 -30.81 3.22
N PRO D 127 30.75 -30.16 2.37
CA PRO D 127 30.44 -30.22 0.94
C PRO D 127 30.60 -31.65 0.47
N LEU D 128 30.01 -31.96 -0.67
CA LEU D 128 30.02 -33.31 -1.16
C LEU D 128 31.38 -33.79 -1.60
N TYR D 129 32.24 -32.89 -2.07
CA TYR D 129 33.59 -33.35 -2.48
C TYR D 129 34.40 -33.77 -1.24
N LYS D 130 34.06 -33.22 -0.08
CA LYS D 130 34.62 -33.74 1.17
C LYS D 130 34.01 -35.06 1.61
N VAL D 131 32.69 -35.15 1.52
CA VAL D 131 31.98 -36.38 1.84
C VAL D 131 32.55 -37.59 1.07
N THR D 132 32.89 -37.36 -0.21
CA THR D 132 33.30 -38.45 -1.09
C THR D 132 34.79 -38.54 -1.36
N PHE D 133 35.56 -37.72 -0.65
CA PHE D 133 37.01 -37.71 -0.79
C PHE D 133 37.60 -39.12 -0.60
N PRO D 134 37.21 -39.84 0.48
CA PRO D 134 37.82 -41.15 0.67
C PRO D 134 37.66 -42.10 -0.52
N VAL D 135 36.51 -42.02 -1.20
CA VAL D 135 36.21 -42.94 -2.26
C VAL D 135 37.22 -42.79 -3.38
N ARG D 136 37.52 -41.56 -3.75
CA ARG D 136 38.51 -41.31 -4.79
C ARG D 136 39.88 -41.84 -4.35
N VAL D 137 40.18 -41.70 -3.06
CA VAL D 137 41.44 -42.22 -2.51
C VAL D 137 41.51 -43.74 -2.64
N PHE D 138 40.44 -44.41 -2.21
CA PHE D 138 40.36 -45.88 -2.33
C PHE D 138 40.65 -46.35 -3.76
N HIS D 139 40.09 -45.67 -4.76
CA HIS D 139 40.32 -45.99 -6.15
C HIS D 139 41.82 -45.96 -6.41
N LEU D 140 42.47 -44.87 -5.98
CA LEU D 140 43.92 -44.71 -6.17
C LEU D 140 44.75 -45.71 -5.37
N LEU D 141 44.21 -46.22 -4.26
CA LEU D 141 44.87 -47.35 -3.58
C LEU D 141 44.82 -48.66 -4.38
N GLY D 142 44.07 -48.66 -5.49
CA GLY D 142 43.85 -49.87 -6.29
C GLY D 142 42.69 -50.76 -5.85
N VAL D 143 41.87 -50.28 -4.90
CA VAL D 143 40.55 -50.89 -4.59
C VAL D 143 39.70 -50.98 -5.86
N ASP D 144 38.94 -52.06 -6.01
CA ASP D 144 38.04 -52.17 -7.18
C ASP D 144 36.58 -52.50 -6.81
N THR D 145 36.31 -52.63 -5.52
CA THR D 145 34.98 -52.93 -5.04
C THR D 145 34.72 -52.09 -3.80
N LEU D 146 33.59 -51.37 -3.81
CA LEU D 146 33.14 -50.62 -2.66
C LEU D 146 31.89 -51.23 -2.09
N VAL D 147 31.93 -51.53 -0.79
CA VAL D 147 30.77 -51.99 -0.06
C VAL D 147 30.34 -50.87 0.90
N VAL D 148 29.14 -50.33 0.70
CA VAL D 148 28.61 -49.24 1.54
C VAL D 148 27.44 -49.78 2.32
N THR D 149 27.30 -49.38 3.58
CA THR D 149 26.20 -49.80 4.39
C THR D 149 25.72 -48.59 5.15
N ASN D 150 24.50 -48.66 5.67
CA ASN D 150 23.92 -47.55 6.40
C ASN D 150 22.73 -48.02 7.20
N ALA D 151 22.16 -47.14 7.96
CA ALA D 151 20.87 -47.34 8.54
C ALA D 151 19.83 -46.59 7.64
N ALA D 152 18.60 -47.07 7.62
CA ALA D 152 17.53 -46.41 6.88
C ALA D 152 16.17 -46.66 7.51
N GLY D 153 15.26 -45.72 7.34
CA GLY D 153 13.88 -45.91 7.73
C GLY D 153 13.14 -46.74 6.70
N GLY D 154 12.31 -47.67 7.17
CA GLY D 154 11.52 -48.52 6.27
C GLY D 154 10.30 -47.79 5.74
N LEU D 155 10.20 -47.68 4.42
CA LEU D 155 9.01 -47.14 3.77
C LEU D 155 8.08 -48.25 3.26
N ASN D 156 8.67 -49.34 2.77
CA ASN D 156 7.94 -50.53 2.38
C ASN D 156 7.31 -51.21 3.59
N PRO D 157 5.97 -51.34 3.58
CA PRO D 157 5.19 -51.91 4.71
C PRO D 157 5.61 -53.36 5.05
N LYS D 158 6.17 -54.09 4.09
CA LYS D 158 6.65 -55.45 4.35
C LYS D 158 7.89 -55.49 5.23
N PHE D 159 8.63 -54.39 5.30
CA PHE D 159 9.90 -54.40 6.03
C PHE D 159 9.64 -54.41 7.50
N GLU D 160 10.55 -55.06 8.24
CA GLU D 160 10.53 -55.05 9.69
C GLU D 160 11.85 -54.53 10.25
N VAL D 161 11.77 -53.84 11.38
CA VAL D 161 12.96 -53.42 12.11
C VAL D 161 13.90 -54.64 12.24
N GLY D 162 15.15 -54.47 11.85
CA GLY D 162 16.09 -55.57 11.88
C GLY D 162 16.40 -56.12 10.51
N ASP D 163 15.57 -55.81 9.53
CA ASP D 163 15.80 -56.35 8.18
C ASP D 163 17.02 -55.73 7.55
N ILE D 164 17.64 -56.49 6.66
CA ILE D 164 18.68 -55.98 5.81
C ILE D 164 18.07 -55.84 4.43
N MET D 165 18.23 -54.67 3.83
CA MET D 165 17.73 -54.47 2.51
C MET D 165 18.87 -54.26 1.54
N LEU D 166 19.00 -55.14 0.56
CA LEU D 166 19.96 -54.92 -0.47
C LEU D 166 19.54 -53.73 -1.29
N ILE D 167 20.47 -52.85 -1.58
CA ILE D 167 20.13 -51.72 -2.38
C ILE D 167 20.20 -52.16 -3.82
N ARG D 168 19.04 -52.17 -4.49
CA ARG D 168 19.01 -52.48 -5.92
C ARG D 168 19.20 -51.26 -6.75
N ASP D 169 18.78 -50.12 -6.20
CA ASP D 169 18.82 -48.84 -6.94
C ASP D 169 18.60 -47.71 -5.92
N HIS D 170 18.81 -46.48 -6.36
CA HIS D 170 18.57 -45.35 -5.49
C HIS D 170 17.87 -44.20 -6.21
N ILE D 171 17.32 -43.29 -5.40
CA ILE D 171 16.77 -42.04 -5.88
C ILE D 171 17.52 -40.94 -5.17
N ASN D 172 18.26 -40.16 -5.96
CA ASN D 172 19.11 -39.14 -5.42
C ASN D 172 18.45 -37.78 -5.47
N LEU D 173 17.58 -37.52 -4.50
CA LEU D 173 16.89 -36.23 -4.43
C LEU D 173 17.82 -35.01 -4.39
N PRO D 174 18.87 -35.01 -3.53
CA PRO D 174 19.77 -33.83 -3.55
C PRO D 174 20.41 -33.65 -4.90
N GLY D 175 20.78 -34.76 -5.51
CA GLY D 175 21.31 -34.76 -6.88
C GLY D 175 20.44 -33.99 -7.86
N PHE D 176 19.12 -34.16 -7.78
CA PHE D 176 18.22 -33.47 -8.74
C PHE D 176 18.41 -31.96 -8.71
N SER D 177 18.70 -31.42 -7.52
CA SER D 177 18.78 -29.99 -7.28
C SER D 177 20.14 -29.33 -7.45
N GLY D 178 21.18 -30.12 -7.67
CA GLY D 178 22.49 -29.55 -7.83
C GLY D 178 23.49 -30.21 -6.91
N GLN D 179 23.02 -30.77 -5.81
CA GLN D 179 23.88 -31.42 -4.85
C GLN D 179 24.34 -32.76 -5.31
N ASN D 180 25.17 -32.74 -6.34
CA ASN D 180 25.78 -33.95 -6.88
C ASN D 180 27.31 -33.83 -6.70
N PRO D 181 27.97 -34.89 -6.18
CA PRO D 181 29.40 -34.79 -5.87
C PRO D 181 30.28 -34.52 -7.08
N LEU D 182 29.78 -34.84 -8.28
CA LEU D 182 30.56 -34.64 -9.50
C LEU D 182 30.41 -33.24 -10.05
N ARG D 183 29.71 -32.38 -9.32
CA ARG D 183 29.50 -31.03 -9.81
C ARG D 183 30.82 -30.29 -9.87
N GLY D 184 31.03 -29.50 -10.92
CA GLY D 184 32.29 -28.81 -11.13
C GLY D 184 33.01 -29.39 -12.34
N PRO D 185 34.30 -29.06 -12.52
CA PRO D 185 35.06 -29.53 -13.67
C PRO D 185 35.28 -31.02 -13.56
N ASN D 186 35.17 -31.75 -14.65
CA ASN D 186 35.42 -33.19 -14.60
C ASN D 186 36.90 -33.47 -14.87
N ASP D 187 37.45 -34.45 -14.16
CA ASP D 187 38.79 -34.91 -14.40
C ASP D 187 38.74 -36.26 -15.09
N GLU D 188 39.14 -36.27 -16.35
CA GLU D 188 39.11 -37.48 -17.16
C GLU D 188 39.98 -38.59 -16.61
N ARG D 189 40.87 -38.24 -15.68
CA ARG D 189 41.71 -39.25 -15.02
C ARG D 189 40.90 -40.08 -14.04
N PHE D 190 39.74 -39.55 -13.62
CA PHE D 190 38.84 -40.30 -12.75
C PHE D 190 37.73 -41.02 -13.52
N GLY D 191 37.16 -40.33 -14.51
CA GLY D 191 36.04 -40.89 -15.27
C GLY D 191 35.44 -39.88 -16.24
N ASP D 192 34.27 -40.24 -16.80
CA ASP D 192 33.60 -39.43 -17.80
C ASP D 192 32.88 -38.19 -17.24
N ARG D 193 32.73 -37.17 -18.07
CA ARG D 193 31.92 -36.01 -17.72
C ARG D 193 30.48 -36.39 -17.31
N PHE D 194 29.90 -37.38 -18.00
CA PHE D 194 28.51 -37.79 -17.79
C PHE D 194 28.37 -39.29 -17.51
N PRO D 195 28.73 -39.74 -16.31
CA PRO D 195 28.65 -41.17 -16.07
C PRO D 195 27.20 -41.69 -15.94
N ALA D 196 26.97 -42.95 -16.26
CA ALA D 196 25.68 -43.57 -16.13
C ALA D 196 25.52 -44.19 -14.77
N MET D 197 24.29 -44.17 -14.24
CA MET D 197 24.03 -44.77 -12.92
C MET D 197 23.02 -45.92 -12.98
N SER D 198 22.51 -46.20 -14.18
CA SER D 198 21.46 -47.21 -14.31
C SER D 198 21.90 -48.60 -13.87
N ASP D 199 23.20 -48.86 -13.91
CA ASP D 199 23.71 -50.17 -13.44
C ASP D 199 24.59 -50.04 -12.20
N ALA D 200 24.36 -49.02 -11.38
CA ALA D 200 25.25 -48.73 -10.26
C ALA D 200 25.45 -49.92 -9.30
N TYR D 201 24.39 -50.62 -8.96
CA TYR D 201 24.50 -51.67 -7.94
C TYR D 201 24.64 -53.05 -8.56
N ASP D 202 25.84 -53.60 -8.47
CA ASP D 202 26.23 -54.81 -9.18
C ASP D 202 25.22 -55.94 -9.08
N ARG D 203 24.68 -56.29 -10.25
CA ARG D 203 23.73 -57.40 -10.42
C ARG D 203 24.21 -58.70 -9.80
N THR D 204 25.41 -59.10 -10.21
CA THR D 204 25.98 -60.38 -9.82
C THR D 204 26.16 -60.50 -8.31
N MET D 205 26.73 -59.46 -7.72
CA MET D 205 26.92 -59.39 -6.28
C MET D 205 25.61 -59.61 -5.55
N ARG D 206 24.54 -59.02 -6.09
CA ARG D 206 23.21 -59.13 -5.47
C ARG D 206 22.66 -60.55 -5.59
N GLN D 207 22.81 -61.16 -6.77
CA GLN D 207 22.46 -62.58 -6.95
C GLN D 207 23.20 -63.45 -5.95
N ARG D 208 24.52 -63.33 -5.92
CA ARG D 208 25.33 -64.09 -4.97
C ARG D 208 24.97 -63.80 -3.52
N ALA D 209 24.69 -62.54 -3.24
CA ALA D 209 24.31 -62.14 -1.89
C ALA D 209 23.01 -62.83 -1.47
N LEU D 210 22.08 -62.94 -2.43
CA LEU D 210 20.78 -63.56 -2.17
C LEU D 210 20.91 -65.05 -1.84
N SER D 211 21.77 -65.74 -2.58
CA SER D 211 22.05 -67.16 -2.31
C SER D 211 22.63 -67.32 -0.92
N THR D 212 23.83 -66.77 -0.76
CA THR D 212 24.63 -66.93 0.46
C THR D 212 23.94 -66.53 1.76
N TYR D 213 22.90 -65.71 1.67
CA TYR D 213 22.16 -65.32 2.88
C TYR D 213 21.44 -66.52 3.52
N LYS D 214 21.05 -67.48 2.68
CA LYS D 214 20.44 -68.70 3.19
C LYS D 214 21.29 -69.41 4.24
N GLN D 215 22.61 -69.36 4.05
CA GLN D 215 23.60 -70.02 4.92
C GLN D 215 23.46 -69.63 6.39
N MET D 216 23.13 -68.38 6.64
CA MET D 216 23.02 -67.89 8.01
C MET D 216 21.83 -68.47 8.74
N GLY D 217 20.86 -68.95 7.97
CA GLY D 217 19.65 -69.52 8.53
C GLY D 217 18.91 -68.53 9.39
N GLU D 218 18.44 -67.48 8.73
CA GLU D 218 17.68 -66.44 9.38
C GLU D 218 16.19 -66.62 9.10
N GLN D 219 15.35 -66.23 10.07
CA GLN D 219 13.90 -66.29 9.92
C GLN D 219 13.41 -65.33 8.84
N ARG D 220 13.71 -64.04 9.04
CA ARG D 220 13.42 -62.99 8.06
C ARG D 220 14.39 -63.11 6.91
N GLU D 221 13.90 -62.94 5.69
CA GLU D 221 14.80 -63.00 4.55
C GLU D 221 15.44 -61.69 4.23
N LEU D 222 16.31 -61.79 3.24
CA LEU D 222 16.96 -60.66 2.66
C LEU D 222 15.98 -59.87 1.81
N GLN D 223 15.77 -58.62 2.20
CA GLN D 223 14.98 -57.68 1.43
C GLN D 223 15.82 -57.11 0.29
N GLU D 224 15.18 -56.56 -0.71
CA GLU D 224 15.87 -55.90 -1.81
C GLU D 224 14.95 -54.73 -2.19
N GLY D 225 15.50 -53.60 -2.63
CA GLY D 225 14.71 -52.43 -2.85
C GLY D 225 15.45 -51.16 -3.22
N THR D 226 14.68 -50.09 -3.35
CA THR D 226 15.20 -48.78 -3.73
C THR D 226 15.42 -47.92 -2.48
N TYR D 227 16.59 -47.30 -2.42
CA TYR D 227 17.00 -46.45 -1.32
C TYR D 227 16.86 -45.02 -1.78
N VAL D 228 16.21 -44.18 -1.00
CA VAL D 228 16.13 -42.78 -1.36
C VAL D 228 17.00 -41.97 -0.41
N MET D 229 17.76 -41.04 -0.97
CA MET D 229 18.56 -40.14 -0.15
C MET D 229 17.87 -38.78 0.05
N VAL D 230 17.77 -38.39 1.31
CA VAL D 230 17.35 -37.06 1.68
C VAL D 230 18.50 -36.42 2.53
N ALA D 231 18.57 -35.10 2.54
CA ALA D 231 19.70 -34.42 3.18
C ALA D 231 19.68 -34.51 4.71
N GLY D 232 18.49 -34.42 5.30
CA GLY D 232 18.38 -34.48 6.74
C GLY D 232 18.72 -33.09 7.25
N PRO D 233 18.97 -32.96 8.56
CA PRO D 233 19.05 -34.03 9.56
C PRO D 233 17.75 -34.33 10.29
N SER D 234 16.72 -33.49 10.14
CA SER D 234 15.42 -33.83 10.78
C SER D 234 14.77 -35.00 10.06
N PHE D 235 13.98 -35.77 10.79
CA PHE D 235 13.25 -36.88 10.20
C PHE D 235 12.02 -36.45 9.41
N GLU D 236 11.51 -37.36 8.59
CA GLU D 236 10.40 -37.07 7.67
C GLU D 236 9.07 -36.81 8.37
N THR D 237 8.29 -35.92 7.85
CA THR D 237 6.89 -35.86 8.27
C THR D 237 6.12 -37.06 7.65
N VAL D 238 4.85 -37.22 8.05
CA VAL D 238 3.98 -38.23 7.45
C VAL D 238 3.80 -37.94 5.96
N ALA D 239 3.45 -36.69 5.61
CA ALA D 239 3.28 -36.35 4.21
C ALA D 239 4.54 -36.69 3.40
N GLU D 240 5.71 -36.48 4.00
CA GLU D 240 6.95 -36.67 3.26
C GLU D 240 7.16 -38.16 3.07
N CYS D 241 6.81 -38.91 4.10
CA CYS D 241 6.87 -40.34 4.01
C CYS D 241 6.03 -40.82 2.82
N ARG D 242 4.81 -40.28 2.76
CA ARG D 242 3.86 -40.60 1.69
CA ARG D 242 3.87 -40.61 1.69
C ARG D 242 4.45 -40.30 0.33
N VAL D 243 5.05 -39.14 0.22
CA VAL D 243 5.70 -38.72 -1.01
C VAL D 243 6.79 -39.71 -1.45
N LEU D 244 7.66 -40.08 -0.52
CA LEU D 244 8.74 -41.02 -0.83
C LEU D 244 8.23 -42.38 -1.25
N GLN D 245 7.12 -42.84 -0.63
CA GLN D 245 6.48 -44.10 -0.99
C GLN D 245 5.96 -44.02 -2.43
N LYS D 246 5.28 -42.93 -2.75
CA LYS D 246 4.74 -42.74 -4.10
C LYS D 246 5.83 -42.71 -5.12
N LEU D 247 6.99 -42.20 -4.76
CA LEU D 247 8.07 -42.13 -5.75
C LEU D 247 8.73 -43.49 -5.96
N GLY D 248 8.42 -44.46 -5.11
CA GLY D 248 8.90 -45.81 -5.30
C GLY D 248 10.07 -46.22 -4.44
N ALA D 249 10.30 -45.51 -3.33
CA ALA D 249 11.43 -45.86 -2.46
C ALA D 249 10.99 -46.83 -1.44
N ASP D 250 11.87 -47.75 -1.08
CA ASP D 250 11.55 -48.74 -0.01
C ASP D 250 12.15 -48.34 1.33
N ALA D 251 13.28 -47.62 1.25
CA ALA D 251 13.97 -47.18 2.45
C ALA D 251 14.49 -45.77 2.23
N VAL D 252 14.47 -44.99 3.30
CA VAL D 252 15.03 -43.62 3.27
C VAL D 252 16.22 -43.40 4.24
N GLY D 253 17.28 -42.81 3.71
CA GLY D 253 18.46 -42.44 4.50
C GLY D 253 19.09 -41.09 4.11
N MET D 254 20.19 -40.78 4.79
CA MET D 254 20.81 -39.47 4.69
C MET D 254 22.25 -39.57 4.21
N SER D 255 22.61 -40.74 3.68
CA SER D 255 23.96 -40.98 3.25
C SER D 255 24.07 -41.89 2.02
N THR D 256 25.30 -42.32 1.73
CA THR D 256 25.60 -43.41 0.78
C THR D 256 25.59 -43.03 -0.70
N VAL D 257 24.55 -42.34 -1.12
CA VAL D 257 24.37 -42.09 -2.53
C VAL D 257 25.53 -41.30 -3.12
N PRO D 258 25.96 -40.20 -2.46
CA PRO D 258 27.08 -39.49 -3.07
C PRO D 258 28.29 -40.41 -3.28
N GLU D 259 28.55 -41.26 -2.30
CA GLU D 259 29.69 -42.17 -2.38
C GLU D 259 29.55 -43.09 -3.60
N VAL D 260 28.37 -43.68 -3.73
CA VAL D 260 28.08 -44.57 -4.84
C VAL D 260 28.33 -43.89 -6.17
N ILE D 261 27.86 -42.65 -6.32
CA ILE D 261 28.04 -41.94 -7.56
C ILE D 261 29.53 -41.79 -7.87
N VAL D 262 30.32 -41.42 -6.85
CA VAL D 262 31.74 -41.21 -7.08
C VAL D 262 32.44 -42.53 -7.41
N ALA D 263 32.14 -43.56 -6.63
CA ALA D 263 32.67 -44.89 -6.95
C ALA D 263 32.41 -45.28 -8.42
N ARG D 264 31.15 -45.19 -8.86
CA ARG D 264 30.80 -45.58 -10.23
C ARG D 264 31.53 -44.71 -11.25
N HIS D 265 31.64 -43.42 -10.97
CA HIS D 265 32.37 -42.49 -11.84
C HIS D 265 33.79 -42.96 -12.12
N CYS D 266 34.44 -43.57 -11.14
CA CYS D 266 35.79 -44.05 -11.40
C CYS D 266 35.90 -45.57 -11.59
N GLY D 267 34.78 -46.23 -11.79
CA GLY D 267 34.81 -47.57 -12.31
C GLY D 267 34.66 -48.66 -11.29
N LEU D 268 34.49 -48.30 -10.02
CA LEU D 268 34.39 -49.31 -8.99
C LEU D 268 33.13 -50.16 -9.10
N ARG D 269 33.24 -51.42 -8.72
CA ARG D 269 32.08 -52.25 -8.52
C ARG D 269 31.48 -51.84 -7.18
N VAL D 270 30.16 -51.70 -7.11
CA VAL D 270 29.49 -51.22 -5.91
C VAL D 270 28.43 -52.20 -5.45
N PHE D 271 28.39 -52.42 -4.15
CA PHE D 271 27.39 -53.23 -3.53
C PHE D 271 27.04 -52.53 -2.22
N GLY D 272 25.75 -52.48 -1.89
CA GLY D 272 25.31 -51.74 -0.72
C GLY D 272 24.08 -52.31 -0.06
N PHE D 273 23.87 -52.00 1.21
CA PHE D 273 22.67 -52.45 1.86
C PHE D 273 22.36 -51.59 3.05
N SER D 274 21.11 -51.63 3.50
CA SER D 274 20.63 -50.83 4.61
C SER D 274 20.11 -51.73 5.67
N LEU D 275 20.35 -51.36 6.91
CA LEU D 275 19.73 -51.99 8.01
C LEU D 275 18.47 -51.19 8.30
N ILE D 276 17.32 -51.86 8.23
CA ILE D 276 16.08 -51.15 8.55
C ILE D 276 15.99 -50.96 10.05
N THR D 277 16.18 -49.73 10.50
CA THR D 277 16.29 -49.50 11.93
C THR D 277 15.00 -49.05 12.55
N ASN D 278 14.06 -48.63 11.74
CA ASN D 278 12.79 -48.11 12.23
C ASN D 278 11.84 -48.11 11.07
N LYS D 279 10.53 -48.08 11.36
CA LYS D 279 9.53 -48.03 10.32
C LYS D 279 8.99 -46.64 10.32
N VAL D 280 9.15 -45.92 9.21
CA VAL D 280 8.80 -44.50 9.13
C VAL D 280 7.32 -44.34 9.45
N ILE D 281 6.97 -43.36 10.29
CA ILE D 281 5.56 -43.08 10.61
C ILE D 281 4.75 -42.68 9.37
N MET D 282 3.64 -43.40 9.16
CA MET D 282 2.81 -43.34 7.95
C MET D 282 1.41 -42.78 8.18
N ASP D 283 1.07 -42.49 9.42
CA ASP D 283 -0.26 -42.00 9.71
C ASP D 283 -0.29 -41.05 10.89
N TYR D 284 -1.32 -40.21 10.94
CA TYR D 284 -1.40 -39.13 11.93
C TYR D 284 -1.84 -39.61 13.32
N GLU D 285 -2.37 -40.83 13.40
CA GLU D 285 -2.87 -41.40 14.66
C GLU D 285 -1.75 -41.82 15.58
N SER D 286 -0.74 -42.51 15.06
CA SER D 286 0.39 -42.97 15.86
C SER D 286 1.00 -41.89 16.77
N LEU D 287 1.54 -42.34 17.91
CA LEU D 287 2.20 -41.45 18.88
C LEU D 287 3.68 -41.78 18.93
N GLU D 288 4.06 -42.82 18.20
CA GLU D 288 5.45 -43.15 17.92
C GLU D 288 6.12 -42.03 17.12
N LYS D 289 7.44 -41.93 17.24
CA LYS D 289 8.24 -40.95 16.53
C LYS D 289 9.56 -41.58 16.22
N ALA D 290 10.13 -41.28 15.06
CA ALA D 290 11.51 -41.66 14.80
C ALA D 290 12.37 -40.96 15.85
N ASN D 291 13.46 -41.62 16.24
CA ASN D 291 14.42 -41.08 17.20
C ASN D 291 15.71 -41.85 17.08
N TRP D 292 16.83 -41.22 17.43
CA TRP D 292 18.14 -41.80 17.14
C TRP D 292 18.51 -42.96 18.10
N GLU D 293 17.93 -42.98 19.30
CA GLU D 293 18.25 -44.03 20.24
C GLU D 293 17.73 -45.37 19.76
N GLU D 294 16.49 -45.35 19.27
CA GLU D 294 15.89 -46.47 18.55
C GLU D 294 16.83 -46.99 17.47
N VAL D 295 17.33 -46.08 16.63
CA VAL D 295 18.28 -46.42 15.56
C VAL D 295 19.54 -47.13 16.13
N LEU D 296 20.11 -46.59 17.21
CA LEU D 296 21.29 -47.22 17.83
C LEU D 296 21.00 -48.60 18.40
N ALA D 297 19.84 -48.75 19.04
CA ALA D 297 19.40 -50.04 19.57
C ALA D 297 19.28 -51.10 18.48
N ALA D 298 18.61 -50.74 17.40
CA ALA D 298 18.49 -51.63 16.27
C ALA D 298 19.88 -52.02 15.74
N GLY D 299 20.76 -51.03 15.63
CA GLY D 299 22.14 -51.26 15.18
C GLY D 299 22.85 -52.27 16.07
N LYS D 300 22.55 -52.23 17.36
CA LYS D 300 23.11 -53.19 18.31
C LYS D 300 22.56 -54.59 18.13
N GLN D 301 21.23 -54.74 18.16
CA GLN D 301 20.59 -56.05 17.92
C GLN D 301 21.18 -56.75 16.70
N ALA D 302 21.41 -55.97 15.65
CA ALA D 302 21.76 -56.54 14.36
C ALA D 302 23.25 -56.73 14.16
N ALA D 303 24.03 -56.16 15.09
CA ALA D 303 25.50 -56.15 14.97
C ALA D 303 26.07 -57.49 14.48
N GLN D 304 25.71 -58.58 15.13
CA GLN D 304 26.28 -59.89 14.79
C GLN D 304 25.82 -60.41 13.45
N LYS D 305 24.51 -60.31 13.21
CA LYS D 305 23.96 -60.67 11.92
C LYS D 305 24.72 -59.95 10.82
N LEU D 306 24.95 -58.66 11.02
CA LEU D 306 25.63 -57.83 10.02
C LEU D 306 27.08 -58.21 9.82
N GLU D 307 27.77 -58.37 10.95
CA GLU D 307 29.16 -58.82 10.94
C GLU D 307 29.29 -60.11 10.16
N GLN D 308 28.49 -61.10 10.54
CA GLN D 308 28.44 -62.40 9.84
C GLN D 308 28.24 -62.22 8.34
N PHE D 309 27.23 -61.45 8.00
CA PHE D 309 26.84 -61.25 6.61
C PHE D 309 27.93 -60.65 5.73
N VAL D 310 28.63 -59.65 6.27
CA VAL D 310 29.69 -59.02 5.51
C VAL D 310 30.86 -59.97 5.26
N SER D 311 31.20 -60.77 6.27
CA SER D 311 32.26 -61.76 6.14
C SER D 311 31.91 -62.74 5.03
N ILE D 312 30.76 -63.39 5.16
CA ILE D 312 30.26 -64.32 4.15
C ILE D 312 30.41 -63.71 2.77
N LEU D 313 29.90 -62.49 2.65
CA LEU D 313 29.89 -61.80 1.37
C LEU D 313 31.28 -61.72 0.74
N MET D 314 32.31 -61.65 1.58
CA MET D 314 33.69 -61.52 1.10
C MET D 314 34.06 -62.62 0.12
N ALA D 315 33.60 -63.84 0.43
CA ALA D 315 33.78 -65.00 -0.42
C ALA D 315 33.16 -64.81 -1.80
N SER D 316 32.04 -64.11 -1.87
CA SER D 316 31.31 -63.91 -3.14
C SER D 316 31.99 -62.93 -4.07
N ILE D 317 32.95 -62.17 -3.59
CA ILE D 317 33.50 -61.09 -4.39
C ILE D 317 34.48 -61.61 -5.44
N PRO D 318 34.29 -61.20 -6.71
CA PRO D 318 35.23 -61.59 -7.78
C PRO D 318 36.68 -61.19 -7.47
N LEU D 319 37.62 -61.86 -8.12
CA LEU D 319 39.05 -61.57 -7.97
C LEU D 319 39.49 -60.50 -8.98
N PRO D 320 40.58 -59.77 -8.67
CA PRO D 320 41.05 -58.62 -9.47
C PRO D 320 41.25 -58.90 -10.97
N GLY E 39 26.92 -20.04 11.30
CA GLY E 39 26.35 -18.66 11.41
C GLY E 39 26.52 -18.03 12.78
N TYR E 40 25.61 -18.34 13.71
CA TYR E 40 25.60 -17.78 15.06
C TYR E 40 26.15 -18.76 16.09
N THR E 41 26.65 -18.24 17.22
CA THR E 41 27.08 -19.09 18.33
C THR E 41 25.97 -19.14 19.36
N TYR E 42 26.06 -20.10 20.29
CA TYR E 42 25.08 -20.15 21.36
C TYR E 42 24.99 -18.83 22.15
N GLU E 43 26.14 -18.22 22.43
CA GLU E 43 26.24 -16.88 23.04
C GLU E 43 25.39 -15.83 22.37
N ASP E 44 25.53 -15.74 21.04
CA ASP E 44 24.79 -14.75 20.26
C ASP E 44 23.31 -14.81 20.57
N TYR E 45 22.75 -16.03 20.56
CA TYR E 45 21.32 -16.23 20.84
C TYR E 45 21.01 -15.76 22.25
N LYS E 46 21.86 -16.18 23.17
CA LYS E 46 21.73 -15.85 24.57
C LYS E 46 21.78 -14.34 24.80
N ASN E 47 22.75 -13.65 24.19
CA ASN E 47 22.82 -12.18 24.27
C ASN E 47 21.54 -11.52 23.82
N THR E 48 21.06 -11.91 22.64
CA THR E 48 19.83 -11.38 22.08
C THR E 48 18.64 -11.55 23.02
N ALA E 49 18.56 -12.72 23.66
CA ALA E 49 17.46 -13.01 24.61
C ALA E 49 17.60 -12.18 25.89
N GLU E 50 18.82 -12.11 26.43
CA GLU E 50 19.12 -11.28 27.60
C GLU E 50 18.82 -9.81 27.36
N TYR E 51 19.20 -9.28 26.19
CA TYR E 51 18.86 -7.91 25.84
C TYR E 51 17.36 -7.68 25.98
N LEU E 52 16.57 -8.55 25.36
CA LEU E 52 15.12 -8.40 25.37
C LEU E 52 14.53 -8.60 26.75
N LEU E 53 14.98 -9.62 27.46
CA LEU E 53 14.50 -9.94 28.80
C LEU E 53 14.75 -8.78 29.79
N SER E 54 15.94 -8.20 29.70
CA SER E 54 16.32 -7.07 30.54
C SER E 54 15.61 -5.75 30.17
N HIS E 55 15.03 -5.66 28.98
CA HIS E 55 14.38 -4.42 28.54
C HIS E 55 12.85 -4.48 28.51
N THR E 56 12.30 -5.54 29.07
CA THR E 56 10.85 -5.65 29.21
C THR E 56 10.52 -6.58 30.36
N LYS E 57 9.37 -6.33 30.97
CA LYS E 57 8.88 -7.18 32.03
C LYS E 57 7.93 -8.25 31.49
N HIS E 58 7.48 -8.07 30.24
CA HIS E 58 6.69 -9.07 29.53
C HIS E 58 7.44 -10.39 29.47
N ARG E 59 6.71 -11.47 29.70
CA ARG E 59 7.26 -12.82 29.64
C ARG E 59 6.35 -13.71 28.77
N PRO E 60 6.61 -13.74 27.44
CA PRO E 60 5.64 -14.37 26.55
C PRO E 60 5.61 -15.91 26.64
N GLN E 61 4.40 -16.49 26.57
CA GLN E 61 4.22 -17.93 26.49
C GLN E 61 4.17 -18.37 25.02
N VAL E 62 3.60 -17.50 24.21
CA VAL E 62 3.28 -17.77 22.84
C VAL E 62 3.97 -16.78 21.91
N ALA E 63 4.71 -17.28 20.93
CA ALA E 63 5.20 -16.45 19.84
C ALA E 63 4.27 -16.61 18.65
N ILE E 64 3.96 -15.51 17.97
CA ILE E 64 3.11 -15.53 16.79
C ILE E 64 3.83 -14.89 15.63
N ILE E 65 4.11 -15.66 14.58
CA ILE E 65 4.71 -15.10 13.37
C ILE E 65 3.59 -14.75 12.39
N CYS E 66 3.41 -13.45 12.14
CA CYS E 66 2.31 -12.98 11.31
C CYS E 66 2.65 -13.06 9.84
N GLY E 67 1.79 -13.77 9.10
CA GLY E 67 1.87 -13.81 7.65
C GLY E 67 0.79 -12.90 7.11
N SER E 68 0.55 -12.98 5.80
CA SER E 68 -0.45 -12.12 5.15
C SER E 68 -1.79 -12.11 5.89
N GLY E 69 -2.35 -10.91 6.01
CA GLY E 69 -3.64 -10.68 6.65
C GLY E 69 -3.59 -10.39 8.15
N LEU E 70 -2.39 -10.47 8.74
CA LEU E 70 -2.23 -10.19 10.17
C LEU E 70 -1.33 -8.98 10.41
N GLY E 71 -1.18 -8.15 9.39
CA GLY E 71 -0.46 -6.88 9.50
C GLY E 71 -0.97 -6.03 10.65
N GLY E 72 -2.26 -6.11 10.91
CA GLY E 72 -2.87 -5.31 11.97
C GLY E 72 -3.20 -6.04 13.27
N LEU E 73 -2.65 -7.25 13.45
CA LEU E 73 -2.98 -8.00 14.66
C LEU E 73 -2.39 -7.37 15.94
N THR E 74 -1.33 -6.58 15.80
CA THR E 74 -0.74 -5.85 16.94
C THR E 74 -1.74 -4.91 17.62
N ASP E 75 -2.64 -4.35 16.83
CA ASP E 75 -3.69 -3.45 17.33
C ASP E 75 -4.58 -4.08 18.39
N LYS E 76 -4.63 -5.41 18.44
CA LYS E 76 -5.48 -6.07 19.43
C LYS E 76 -4.70 -6.42 20.71
N LEU E 77 -3.39 -6.19 20.67
CA LEU E 77 -2.54 -6.33 21.84
C LEU E 77 -2.83 -5.27 22.88
N THR E 78 -2.92 -5.69 24.13
CA THR E 78 -2.99 -4.76 25.26
C THR E 78 -1.63 -4.71 25.96
N GLN E 79 -1.25 -3.53 26.46
CA GLN E 79 0.05 -3.30 27.11
C GLN E 79 1.20 -3.57 26.15
N ALA E 80 1.00 -3.14 24.90
CA ALA E 80 1.98 -3.35 23.84
C ALA E 80 3.32 -2.70 24.15
N GLN E 81 4.40 -3.38 23.80
CA GLN E 81 5.73 -2.80 23.84
C GLN E 81 6.56 -3.24 22.63
N ILE E 82 6.95 -2.26 21.83
CA ILE E 82 7.64 -2.47 20.56
C ILE E 82 9.19 -2.45 20.66
N PHE E 83 9.86 -3.30 19.89
CA PHE E 83 11.30 -3.29 19.67
C PHE E 83 11.48 -3.37 18.16
N ASP E 84 12.28 -2.49 17.57
CA ASP E 84 12.57 -2.61 16.14
C ASP E 84 13.73 -3.55 15.95
N TYR E 85 13.80 -4.21 14.79
CA TYR E 85 14.87 -5.17 14.53
C TYR E 85 16.24 -4.48 14.61
N SER E 86 16.29 -3.22 14.16
CA SER E 86 17.48 -2.39 14.27
C SER E 86 17.99 -2.24 15.71
N GLU E 87 17.07 -2.14 16.68
CA GLU E 87 17.42 -2.11 18.13
C GLU E 87 18.00 -3.42 18.65
N ILE E 88 17.55 -4.55 18.09
CA ILE E 88 17.85 -5.86 18.70
C ILE E 88 19.19 -6.42 18.20
N PRO E 89 20.12 -6.70 19.14
CA PRO E 89 21.43 -7.24 18.77
C PRO E 89 21.33 -8.60 18.07
N ASN E 90 22.14 -8.75 17.00
CA ASN E 90 22.26 -9.97 16.21
C ASN E 90 21.11 -10.23 15.22
N PHE E 91 20.01 -9.49 15.38
CA PHE E 91 18.90 -9.61 14.45
C PHE E 91 19.29 -9.22 13.04
N PRO E 92 18.93 -10.06 12.06
CA PRO E 92 19.09 -9.70 10.66
C PRO E 92 18.13 -8.57 10.32
N ARG E 93 18.36 -7.85 9.23
CA ARG E 93 17.49 -6.72 8.89
C ARG E 93 17.05 -6.72 7.44
N SER E 94 15.75 -6.48 7.24
CA SER E 94 15.19 -6.36 5.89
C SER E 94 15.60 -5.04 5.25
N THR E 95 16.15 -5.10 4.02
CA THR E 95 16.46 -3.88 3.25
C THR E 95 15.19 -3.33 2.60
N VAL E 96 14.13 -4.16 2.57
CA VAL E 96 12.76 -3.75 2.20
C VAL E 96 12.42 -2.38 2.82
N PRO E 97 12.05 -1.39 1.97
CA PRO E 97 12.15 0.04 2.28
C PRO E 97 11.37 0.56 3.49
N GLY E 98 10.13 0.13 3.67
CA GLY E 98 9.25 0.66 4.70
C GLY E 98 9.80 0.65 6.11
N HIS E 99 10.30 -0.52 6.55
CA HIS E 99 10.78 -0.73 7.92
C HIS E 99 11.65 -1.99 8.01
N ALA E 100 12.46 -2.07 9.07
CA ALA E 100 13.19 -3.29 9.37
C ALA E 100 12.22 -4.36 9.84
N GLY E 101 11.15 -3.93 10.52
CA GLY E 101 10.20 -4.84 11.15
C GLY E 101 10.40 -4.81 12.66
N ARG E 102 9.48 -5.41 13.39
CA ARG E 102 9.43 -5.24 14.82
C ARG E 102 8.93 -6.45 15.56
N LEU E 103 9.41 -6.64 16.80
CA LEU E 103 8.77 -7.53 17.76
C LEU E 103 7.87 -6.71 18.68
N VAL E 104 6.65 -7.18 18.90
CA VAL E 104 5.73 -6.45 19.75
C VAL E 104 5.25 -7.37 20.84
N PHE E 105 5.66 -7.12 22.08
CA PHE E 105 5.17 -7.88 23.24
C PHE E 105 3.84 -7.35 23.70
N GLY E 106 3.11 -8.13 24.49
CA GLY E 106 1.78 -7.73 24.95
C GLY E 106 0.92 -8.88 25.40
N PHE E 107 -0.37 -8.60 25.56
CA PHE E 107 -1.34 -9.62 25.87
C PHE E 107 -2.34 -9.65 24.74
N LEU E 108 -2.66 -10.85 24.27
CA LEU E 108 -3.76 -11.05 23.34
C LEU E 108 -4.76 -11.95 24.05
N ASN E 109 -5.98 -11.44 24.25
CA ASN E 109 -6.96 -12.09 25.13
C ASN E 109 -6.35 -12.54 26.45
N GLY E 110 -5.62 -11.64 27.10
CA GLY E 110 -4.98 -11.93 28.37
C GLY E 110 -3.88 -12.97 28.28
N ARG E 111 -3.47 -13.29 27.06
CA ARG E 111 -2.40 -14.26 26.87
C ARG E 111 -1.10 -13.54 26.63
N ALA E 112 -0.08 -13.92 27.40
CA ALA E 112 1.24 -13.32 27.32
C ALA E 112 1.97 -13.77 26.06
N CYS E 113 2.10 -12.87 25.09
CA CYS E 113 2.70 -13.23 23.81
C CYS E 113 3.64 -12.20 23.21
N VAL E 114 4.49 -12.67 22.31
CA VAL E 114 5.33 -11.83 21.47
C VAL E 114 4.96 -12.06 20.00
N MET E 115 4.79 -10.97 19.27
CA MET E 115 4.38 -11.03 17.88
C MET E 115 5.48 -10.54 16.97
N MET E 116 5.72 -11.31 15.92
CA MET E 116 6.79 -11.00 14.99
C MET E 116 6.17 -10.51 13.69
N GLN E 117 6.52 -9.28 13.33
CA GLN E 117 5.99 -8.67 12.13
C GLN E 117 7.11 -8.28 11.20
N GLY E 118 7.07 -8.84 10.00
CA GLY E 118 8.20 -8.76 9.07
C GLY E 118 9.04 -10.01 9.26
N ARG E 119 9.25 -10.74 8.17
CA ARG E 119 10.04 -11.95 8.27
C ARG E 119 11.10 -12.00 7.20
N PHE E 120 11.94 -13.04 7.29
CA PHE E 120 13.00 -13.25 6.34
C PHE E 120 12.71 -14.52 5.57
N HIS E 121 12.97 -14.46 4.27
CA HIS E 121 12.65 -15.57 3.39
C HIS E 121 13.84 -16.04 2.61
N MET E 122 13.86 -17.34 2.35
CA MET E 122 14.89 -17.94 1.54
C MET E 122 14.99 -17.29 0.17
N TYR E 123 13.87 -16.92 -0.43
CA TYR E 123 13.93 -16.32 -1.78
C TYR E 123 14.60 -14.94 -1.78
N GLU E 124 14.67 -14.30 -0.61
CA GLU E 124 15.31 -12.99 -0.48
C GLU E 124 16.83 -13.11 -0.42
N GLY E 125 17.34 -14.32 -0.25
CA GLY E 125 18.79 -14.51 -0.16
C GLY E 125 19.26 -14.90 1.22
N TYR E 126 18.42 -14.74 2.24
CA TYR E 126 18.81 -15.13 3.60
C TYR E 126 19.15 -16.62 3.73
N PRO E 127 20.28 -16.93 4.38
CA PRO E 127 20.47 -18.32 4.76
C PRO E 127 19.42 -18.71 5.79
N LEU E 128 19.21 -20.01 5.95
CA LEU E 128 18.15 -20.49 6.81
C LEU E 128 18.38 -20.24 8.29
N TYR E 129 19.65 -20.22 8.72
CA TYR E 129 19.93 -19.93 10.13
C TYR E 129 19.57 -18.47 10.47
N LYS E 130 19.57 -17.59 9.47
CA LYS E 130 19.04 -16.26 9.65
C LYS E 130 17.53 -16.23 9.66
N VAL E 131 16.93 -16.95 8.71
CA VAL E 131 15.47 -17.04 8.63
C VAL E 131 14.88 -17.48 9.96
N THR E 132 15.57 -18.41 10.61
CA THR E 132 15.03 -19.07 11.81
C THR E 132 15.64 -18.60 13.11
N PHE E 133 16.50 -17.59 13.03
CA PHE E 133 17.10 -16.96 14.22
C PHE E 133 16.07 -16.57 15.29
N PRO E 134 15.01 -15.82 14.90
CA PRO E 134 14.03 -15.44 15.93
C PRO E 134 13.48 -16.60 16.75
N VAL E 135 13.28 -17.74 16.10
CA VAL E 135 12.60 -18.85 16.74
C VAL E 135 13.45 -19.34 17.91
N ARG E 136 14.75 -19.47 17.68
CA ARG E 136 15.66 -19.88 18.74
C ARG E 136 15.65 -18.86 19.90
N VAL E 137 15.54 -17.58 19.55
CA VAL E 137 15.45 -16.51 20.55
C VAL E 137 14.18 -16.67 21.38
N PHE E 138 13.04 -16.84 20.70
CA PHE E 138 11.77 -17.06 21.39
C PHE E 138 11.87 -18.17 22.43
N HIS E 139 12.52 -19.28 22.06
CA HIS E 139 12.71 -20.41 22.97
C HIS E 139 13.43 -19.94 24.25
N LEU E 140 14.51 -19.19 24.04
CA LEU E 140 15.28 -18.63 25.15
C LEU E 140 14.52 -17.58 25.97
N LEU E 141 13.57 -16.87 25.36
CA LEU E 141 12.65 -16.01 26.13
C LEU E 141 11.73 -16.80 27.06
N GLY E 142 11.71 -18.14 26.92
CA GLY E 142 10.76 -19.01 27.66
C GLY E 142 9.39 -19.21 27.02
N VAL E 143 9.22 -18.75 25.78
CA VAL E 143 8.08 -19.15 24.92
C VAL E 143 7.99 -20.68 24.84
N ASP E 144 6.78 -21.23 24.82
CA ASP E 144 6.64 -22.68 24.66
C ASP E 144 5.65 -23.08 23.55
N THR E 145 5.11 -22.09 22.85
CA THR E 145 4.15 -22.33 21.80
C THR E 145 4.42 -21.34 20.69
N LEU E 146 4.62 -21.86 19.48
CA LEU E 146 4.76 -21.06 18.29
C LEU E 146 3.56 -21.17 17.37
N VAL E 147 2.98 -20.02 17.01
CA VAL E 147 1.89 -19.95 16.05
C VAL E 147 2.41 -19.29 14.80
N VAL E 148 2.44 -20.03 13.70
CA VAL E 148 2.93 -19.51 12.43
C VAL E 148 1.78 -19.40 11.47
N THR E 149 1.76 -18.34 10.67
CA THR E 149 0.73 -18.18 9.66
C THR E 149 1.36 -17.70 8.41
N ASN E 150 0.65 -17.85 7.30
CA ASN E 150 1.18 -17.43 6.01
C ASN E 150 0.08 -17.32 4.99
N ALA E 151 0.44 -16.91 3.79
CA ALA E 151 -0.44 -17.01 2.63
C ALA E 151 0.01 -18.24 1.87
N ALA E 152 -0.91 -18.87 1.13
CA ALA E 152 -0.55 -20.03 0.30
C ALA E 152 -1.49 -20.14 -0.89
N GLY E 153 -1.00 -20.72 -1.98
CA GLY E 153 -1.85 -21.04 -3.14
C GLY E 153 -2.59 -22.35 -2.86
N GLY E 154 -3.85 -22.40 -3.31
CA GLY E 154 -4.69 -23.57 -3.12
C GLY E 154 -4.41 -24.60 -4.20
N LEU E 155 -4.02 -25.79 -3.76
CA LEU E 155 -3.84 -26.90 -4.68
C LEU E 155 -5.05 -27.82 -4.68
N ASN E 156 -5.66 -27.98 -3.49
CA ASN E 156 -6.85 -28.78 -3.29
C ASN E 156 -8.04 -28.08 -3.94
N PRO E 157 -8.68 -28.73 -4.92
CA PRO E 157 -9.82 -28.17 -5.68
C PRO E 157 -10.99 -27.72 -4.82
N LYS E 158 -11.16 -28.31 -3.63
CA LYS E 158 -12.22 -27.91 -2.71
C LYS E 158 -11.95 -26.55 -2.08
N PHE E 159 -10.72 -26.09 -2.09
CA PHE E 159 -10.39 -24.85 -1.40
C PHE E 159 -10.89 -23.65 -2.20
N GLU E 160 -11.27 -22.61 -1.47
CA GLU E 160 -11.70 -21.35 -2.07
C GLU E 160 -10.88 -20.21 -1.51
N VAL E 161 -10.60 -19.23 -2.36
CA VAL E 161 -9.95 -18.00 -1.93
C VAL E 161 -10.65 -17.47 -0.67
N GLY E 162 -9.89 -17.22 0.38
CA GLY E 162 -10.47 -16.79 1.61
C GLY E 162 -10.43 -17.86 2.69
N ASP E 163 -10.27 -19.11 2.29
CA ASP E 163 -10.26 -20.19 3.26
C ASP E 163 -9.06 -20.13 4.16
N ILE E 164 -9.25 -20.59 5.39
CA ILE E 164 -8.15 -20.85 6.31
C ILE E 164 -7.90 -22.37 6.30
N MET E 165 -6.65 -22.76 6.07
CA MET E 165 -6.31 -24.15 6.13
C MET E 165 -5.41 -24.39 7.31
N LEU E 166 -5.88 -25.20 8.26
CA LEU E 166 -4.99 -25.67 9.31
C LEU E 166 -3.92 -26.54 8.74
N ILE E 167 -2.67 -26.26 9.09
CA ILE E 167 -1.59 -27.11 8.63
C ILE E 167 -1.58 -28.38 9.49
N ARG E 168 -1.89 -29.51 8.87
CA ARG E 168 -1.80 -30.78 9.56
C ARG E 168 -0.39 -31.34 9.45
N ASP E 169 0.27 -31.00 8.36
CA ASP E 169 1.58 -31.60 8.05
C ASP E 169 2.21 -30.77 6.98
N HIS E 170 3.50 -30.97 6.73
CA HIS E 170 4.15 -30.27 5.61
C HIS E 170 4.99 -31.21 4.77
N ILE E 171 5.30 -30.76 3.57
CA ILE E 171 6.33 -31.37 2.73
C ILE E 171 7.45 -30.35 2.51
N ASN E 172 8.63 -30.67 3.03
CA ASN E 172 9.74 -29.75 2.95
C ASN E 172 10.67 -30.04 1.77
N LEU E 173 10.28 -29.59 0.59
CA LEU E 173 11.12 -29.82 -0.60
C LEU E 173 12.54 -29.29 -0.50
N PRO E 174 12.75 -28.03 -0.03
CA PRO E 174 14.16 -27.57 0.08
C PRO E 174 14.94 -28.44 1.04
N GLY E 175 14.30 -28.83 2.13
CA GLY E 175 14.90 -29.76 3.05
C GLY E 175 15.45 -31.03 2.42
N PHE E 176 14.74 -31.60 1.45
CA PHE E 176 15.22 -32.82 0.82
C PHE E 176 16.62 -32.65 0.19
N SER E 177 16.86 -31.46 -0.34
CA SER E 177 18.09 -31.15 -1.06
C SER E 177 19.25 -30.63 -0.23
N GLY E 178 19.04 -30.34 1.05
CA GLY E 178 20.12 -29.85 1.86
C GLY E 178 19.73 -28.58 2.57
N GLN E 179 18.76 -27.84 2.03
CA GLN E 179 18.30 -26.61 2.60
C GLN E 179 17.43 -26.85 3.81
N ASN E 180 18.04 -27.31 4.87
CA ASN E 180 17.40 -27.56 6.16
C ASN E 180 18.08 -26.69 7.22
N PRO E 181 17.29 -25.97 8.04
CA PRO E 181 17.89 -24.99 8.95
C PRO E 181 18.80 -25.61 9.97
N LEU E 182 18.65 -26.90 10.22
CA LEU E 182 19.48 -27.53 11.24
C LEU E 182 20.78 -28.05 10.68
N ARG E 183 21.04 -27.75 9.41
CA ARG E 183 22.26 -28.23 8.79
C ARG E 183 23.49 -27.60 9.48
N GLY E 184 24.54 -28.38 9.69
CA GLY E 184 25.69 -27.92 10.41
C GLY E 184 25.81 -28.65 11.72
N PRO E 185 26.68 -28.17 12.61
CA PRO E 185 26.88 -28.82 13.90
C PRO E 185 25.64 -28.68 14.76
N ASN E 186 25.29 -29.71 15.50
CA ASN E 186 24.12 -29.61 16.37
C ASN E 186 24.54 -29.13 17.75
N ASP E 187 23.70 -28.30 18.37
CA ASP E 187 23.92 -27.88 19.72
C ASP E 187 22.91 -28.55 20.63
N GLU E 188 23.39 -29.48 21.44
CA GLU E 188 22.55 -30.26 22.34
C GLU E 188 21.81 -29.40 23.35
N ARG E 189 22.21 -28.14 23.47
CA ARG E 189 21.50 -27.21 24.35
C ARG E 189 20.17 -26.79 23.74
N PHE E 190 20.06 -26.93 22.42
CA PHE E 190 18.80 -26.66 21.72
C PHE E 190 17.93 -27.89 21.53
N GLY E 191 18.54 -29.00 21.13
CA GLY E 191 17.79 -30.23 20.83
C GLY E 191 18.68 -31.33 20.30
N ASP E 192 18.03 -32.40 19.81
CA ASP E 192 18.78 -33.56 19.30
C ASP E 192 19.41 -33.35 17.91
N ARG E 193 20.46 -34.11 17.64
CA ARG E 193 21.04 -34.15 16.31
C ARG E 193 19.99 -34.49 15.20
N PHE E 194 19.10 -35.46 15.50
CA PHE E 194 18.11 -35.93 14.53
C PHE E 194 16.69 -35.81 15.07
N PRO E 195 16.12 -34.60 15.09
CA PRO E 195 14.76 -34.49 15.62
C PRO E 195 13.68 -35.10 14.69
N ALA E 196 12.58 -35.57 15.30
CA ALA E 196 11.45 -36.11 14.53
C ALA E 196 10.47 -35.00 14.16
N MET E 197 9.87 -35.10 12.97
CA MET E 197 8.89 -34.11 12.53
C MET E 197 7.48 -34.70 12.32
N SER E 198 7.33 -36.02 12.57
CA SER E 198 6.07 -36.71 12.30
C SER E 198 4.91 -36.19 13.14
N ASP E 199 5.22 -35.61 14.29
CA ASP E 199 4.21 -34.99 15.13
C ASP E 199 4.36 -33.48 15.26
N ALA E 200 4.90 -32.82 14.25
CA ALA E 200 5.21 -31.38 14.34
C ALA E 200 4.00 -30.54 14.69
N TYR E 201 2.86 -30.76 14.04
CA TYR E 201 1.71 -29.86 14.25
C TYR E 201 0.76 -30.41 15.28
N ASP E 202 0.75 -29.76 16.45
CA ASP E 202 0.03 -30.26 17.63
C ASP E 202 -1.41 -30.70 17.36
N ARG E 203 -1.62 -31.99 17.59
CA ARG E 203 -2.92 -32.66 17.47
C ARG E 203 -4.02 -31.96 18.23
N THR E 204 -3.77 -31.77 19.52
CA THR E 204 -4.75 -31.18 20.42
C THR E 204 -5.18 -29.77 20.01
N MET E 205 -4.21 -28.94 19.69
CA MET E 205 -4.45 -27.59 19.19
C MET E 205 -5.38 -27.59 18.01
N ARG E 206 -5.18 -28.58 17.14
CA ARG E 206 -5.97 -28.67 15.91
C ARG E 206 -7.40 -29.07 16.22
N GLN E 207 -7.56 -30.03 17.12
CA GLN E 207 -8.87 -30.45 17.62
C GLN E 207 -9.62 -29.29 18.22
N ARG E 208 -8.98 -28.62 19.17
CA ARG E 208 -9.56 -27.40 19.76
C ARG E 208 -9.84 -26.29 18.75
N ALA E 209 -8.94 -26.13 17.79
CA ALA E 209 -9.12 -25.12 16.76
C ALA E 209 -10.35 -25.42 15.92
N LEU E 210 -10.59 -26.70 15.67
CA LEU E 210 -11.71 -27.14 14.84
C LEU E 210 -13.06 -26.85 15.52
N SER E 211 -13.13 -27.13 16.83
CA SER E 211 -14.32 -26.81 17.63
C SER E 211 -14.58 -25.32 17.60
N THR E 212 -13.65 -24.57 18.19
CA THR E 212 -13.79 -23.14 18.39
C THR E 212 -14.06 -22.31 17.12
N TYR E 213 -13.78 -22.86 15.94
CA TYR E 213 -14.05 -22.14 14.70
C TYR E 213 -15.56 -21.97 14.47
N LYS E 214 -16.34 -22.92 14.98
CA LYS E 214 -17.80 -22.83 14.91
C LYS E 214 -18.36 -21.52 15.51
N GLN E 215 -17.72 -21.05 16.58
CA GLN E 215 -18.11 -19.84 17.30
C GLN E 215 -18.23 -18.61 16.41
N MET E 216 -17.33 -18.48 15.44
CA MET E 216 -17.33 -17.33 14.56
C MET E 216 -18.53 -17.31 13.62
N GLY E 217 -19.16 -18.46 13.43
CA GLY E 217 -20.32 -18.60 12.57
C GLY E 217 -19.96 -18.16 11.17
N GLU E 218 -19.08 -18.92 10.54
CA GLU E 218 -18.64 -18.66 9.19
C GLU E 218 -19.33 -19.62 8.24
N GLN E 219 -19.57 -19.17 7.00
CA GLN E 219 -20.18 -20.01 5.97
C GLN E 219 -19.25 -21.15 5.55
N ARG E 220 -18.06 -20.78 5.07
CA ARG E 220 -16.98 -21.72 4.73
C ARG E 220 -16.38 -22.27 6.01
N GLU E 221 -16.16 -23.57 6.05
CA GLU E 221 -15.50 -24.13 7.23
C GLU E 221 -14.00 -24.05 7.20
N LEU E 222 -13.46 -24.48 8.33
CA LEU E 222 -12.06 -24.62 8.52
C LEU E 222 -11.55 -25.80 7.70
N GLN E 223 -10.64 -25.51 6.78
CA GLN E 223 -9.94 -26.53 6.03
C GLN E 223 -8.78 -27.10 6.85
N GLU E 224 -8.31 -28.29 6.51
CA GLU E 224 -7.16 -28.88 7.16
C GLU E 224 -6.41 -29.61 6.05
N GLY E 225 -5.08 -29.61 6.08
CA GLY E 225 -4.32 -30.20 5.00
C GLY E 225 -2.83 -30.07 5.11
N THR E 226 -2.17 -30.51 4.03
CA THR E 226 -0.72 -30.53 3.92
C THR E 226 -0.24 -29.29 3.19
N TYR E 227 0.74 -28.61 3.81
CA TYR E 227 1.39 -27.45 3.24
C TYR E 227 2.73 -27.86 2.63
N VAL E 228 2.95 -27.49 1.38
CA VAL E 228 4.24 -27.77 0.77
C VAL E 228 5.06 -26.48 0.65
N MET E 229 6.33 -26.55 1.05
CA MET E 229 7.23 -25.43 0.86
C MET E 229 8.08 -25.53 -0.39
N VAL E 230 8.02 -24.48 -1.19
CA VAL E 230 8.93 -24.30 -2.32
C VAL E 230 9.71 -23.01 -2.08
N ALA E 231 10.90 -22.90 -2.67
CA ALA E 231 11.80 -21.76 -2.39
C ALA E 231 11.28 -20.45 -2.96
N GLY E 232 10.72 -20.50 -4.17
CA GLY E 232 10.27 -19.29 -4.86
C GLY E 232 11.48 -18.62 -5.47
N PRO E 233 11.32 -17.34 -5.87
CA PRO E 233 10.16 -16.46 -5.69
C PRO E 233 9.16 -16.46 -6.84
N SER E 234 9.50 -17.05 -7.97
CA SER E 234 8.53 -17.13 -9.06
C SER E 234 7.44 -18.15 -8.73
N PHE E 235 6.25 -17.94 -9.30
CA PHE E 235 5.11 -18.83 -9.06
C PHE E 235 5.20 -20.09 -9.90
N GLU E 236 4.41 -21.10 -9.52
CA GLU E 236 4.48 -22.42 -10.11
C GLU E 236 3.95 -22.41 -11.53
N THR E 237 4.52 -23.25 -12.38
CA THR E 237 3.91 -23.54 -13.67
C THR E 237 2.75 -24.51 -13.45
N VAL E 238 2.00 -24.79 -14.52
CA VAL E 238 0.92 -25.76 -14.43
C VAL E 238 1.45 -27.15 -14.12
N ALA E 239 2.48 -27.56 -14.85
CA ALA E 239 3.10 -28.87 -14.58
C ALA E 239 3.56 -28.97 -13.13
N GLU E 240 4.12 -27.90 -12.59
CA GLU E 240 4.60 -27.94 -11.22
C GLU E 240 3.44 -28.10 -10.25
N CYS E 241 2.34 -27.41 -10.57
CA CYS E 241 1.10 -27.45 -9.81
C CYS E 241 0.66 -28.91 -9.73
N ARG E 242 0.63 -29.55 -10.88
CA ARG E 242 0.22 -30.93 -10.95
C ARG E 242 1.14 -31.86 -10.16
N VAL E 243 2.44 -31.62 -10.22
CA VAL E 243 3.41 -32.36 -9.43
C VAL E 243 3.07 -32.24 -7.95
N LEU E 244 2.82 -31.03 -7.48
CA LEU E 244 2.58 -30.79 -6.05
C LEU E 244 1.29 -31.45 -5.57
N GLN E 245 0.30 -31.49 -6.46
CA GLN E 245 -0.93 -32.19 -6.20
C GLN E 245 -0.74 -33.68 -6.08
N LYS E 246 -0.05 -34.28 -7.05
CA LYS E 246 0.27 -35.69 -6.97
C LYS E 246 1.01 -36.03 -5.70
N LEU E 247 1.89 -35.14 -5.23
CA LEU E 247 2.68 -35.45 -4.03
C LEU E 247 1.83 -35.40 -2.77
N GLY E 248 0.62 -34.85 -2.91
CA GLY E 248 -0.33 -34.84 -1.79
C GLY E 248 -0.45 -33.51 -1.04
N ALA E 249 -0.03 -32.43 -1.67
CA ALA E 249 -0.04 -31.15 -0.97
C ALA E 249 -1.36 -30.46 -1.24
N ASP E 250 -1.88 -29.75 -0.24
CA ASP E 250 -3.17 -29.07 -0.41
C ASP E 250 -2.95 -27.59 -0.65
N ALA E 251 -1.87 -27.08 -0.10
CA ALA E 251 -1.47 -25.68 -0.26
C ALA E 251 0.04 -25.54 -0.47
N VAL E 252 0.42 -24.57 -1.31
CA VAL E 252 1.83 -24.28 -1.55
C VAL E 252 2.27 -22.87 -1.13
N GLY E 253 3.38 -22.80 -0.39
CA GLY E 253 3.94 -21.52 0.03
C GLY E 253 5.46 -21.49 0.03
N MET E 254 5.99 -20.35 0.45
CA MET E 254 7.43 -20.07 0.33
C MET E 254 8.05 -19.81 1.68
N SER E 255 7.35 -20.17 2.76
CA SER E 255 7.84 -19.90 4.09
C SER E 255 7.43 -20.98 5.11
N THR E 256 7.62 -20.63 6.40
CA THR E 256 7.05 -21.34 7.53
C THR E 256 7.79 -22.61 7.95
N VAL E 257 8.06 -23.47 6.98
CA VAL E 257 8.58 -24.80 7.28
C VAL E 257 9.91 -24.74 8.03
N PRO E 258 10.84 -23.87 7.57
CA PRO E 258 12.10 -23.83 8.33
C PRO E 258 11.87 -23.44 9.81
N GLU E 259 10.97 -22.49 10.03
CA GLU E 259 10.64 -22.08 11.38
C GLU E 259 10.11 -23.23 12.22
N VAL E 260 9.13 -23.95 11.64
CA VAL E 260 8.53 -25.11 12.30
C VAL E 260 9.61 -26.12 12.70
N ILE E 261 10.53 -26.39 11.79
CA ILE E 261 11.56 -27.39 12.07
C ILE E 261 12.40 -26.93 13.27
N VAL E 262 12.76 -25.65 13.28
CA VAL E 262 13.57 -25.16 14.39
C VAL E 262 12.80 -25.16 15.73
N ALA E 263 11.55 -24.68 15.69
CA ALA E 263 10.70 -24.76 16.85
C ALA E 263 10.65 -26.16 17.44
N ARG E 264 10.37 -27.16 16.58
CA ARG E 264 10.23 -28.54 17.08
C ARG E 264 11.54 -29.04 17.64
N HIS E 265 12.65 -28.70 16.96
CA HIS E 265 13.99 -29.07 17.44
C HIS E 265 14.22 -28.66 18.88
N CYS E 266 13.71 -27.51 19.29
CA CYS E 266 13.91 -27.11 20.67
C CYS E 266 12.71 -27.30 21.58
N GLY E 267 11.75 -28.11 21.15
CA GLY E 267 10.70 -28.56 22.02
C GLY E 267 9.41 -27.73 22.03
N LEU E 268 9.32 -26.69 21.20
CA LEU E 268 8.10 -25.88 21.19
C LEU E 268 6.88 -26.65 20.65
N ARG E 269 5.72 -26.35 21.23
CA ARG E 269 4.45 -26.72 20.63
C ARG E 269 4.22 -25.81 19.42
N VAL E 270 3.79 -26.40 18.30
CA VAL E 270 3.61 -25.65 17.06
C VAL E 270 2.20 -25.81 16.55
N PHE E 271 1.63 -24.71 16.10
CA PHE E 271 0.35 -24.68 15.47
C PHE E 271 0.48 -23.69 14.32
N GLY E 272 -0.14 -24.01 13.20
CA GLY E 272 0.01 -23.16 12.01
C GLY E 272 -1.17 -23.20 11.08
N PHE E 273 -1.31 -22.18 10.25
CA PHE E 273 -2.35 -22.20 9.24
C PHE E 273 -2.06 -21.24 8.10
N SER E 274 -2.73 -21.47 6.98
CA SER E 274 -2.50 -20.73 5.78
C SER E 274 -3.78 -20.13 5.37
N LEU E 275 -3.70 -18.88 4.90
CA LEU E 275 -4.80 -18.24 4.26
C LEU E 275 -4.70 -18.56 2.79
N ILE E 276 -5.72 -19.21 2.24
CA ILE E 276 -5.71 -19.50 0.81
C ILE E 276 -5.99 -18.21 0.05
N THR E 277 -4.97 -17.66 -0.57
CA THR E 277 -5.09 -16.36 -1.18
C THR E 277 -5.35 -16.42 -2.68
N ASN E 278 -5.16 -17.58 -3.27
CA ASN E 278 -5.36 -17.73 -4.71
C ASN E 278 -5.45 -19.22 -5.01
N LYS E 279 -6.04 -19.57 -6.15
CA LYS E 279 -6.14 -20.96 -6.53
C LYS E 279 -5.14 -21.16 -7.64
N VAL E 280 -4.13 -21.98 -7.38
CA VAL E 280 -3.05 -22.20 -8.32
C VAL E 280 -3.60 -22.65 -9.68
N ILE E 281 -3.07 -22.10 -10.76
CA ILE E 281 -3.52 -22.46 -12.11
C ILE E 281 -3.18 -23.90 -12.41
N MET E 282 -4.20 -24.67 -12.83
CA MET E 282 -4.15 -26.12 -13.01
C MET E 282 -4.29 -26.56 -14.45
N ASP E 283 -4.51 -25.63 -15.36
CA ASP E 283 -4.72 -26.00 -16.76
C ASP E 283 -4.20 -24.94 -17.71
N TYR E 284 -3.93 -25.38 -18.94
CA TYR E 284 -3.32 -24.51 -19.95
C TYR E 284 -4.29 -23.54 -20.62
N GLU E 285 -5.59 -23.78 -20.45
CA GLU E 285 -6.64 -22.93 -21.05
C GLU E 285 -6.76 -21.58 -20.37
N SER E 286 -6.82 -21.57 -19.04
CA SER E 286 -6.96 -20.34 -18.27
C SER E 286 -6.02 -19.21 -18.70
N LEU E 287 -6.48 -17.98 -18.53
CA LEU E 287 -5.71 -16.78 -18.85
C LEU E 287 -5.39 -16.04 -17.56
N GLU E 288 -5.97 -16.55 -16.47
CA GLU E 288 -5.60 -16.11 -15.12
C GLU E 288 -4.13 -16.44 -14.83
N LYS E 289 -3.54 -15.66 -13.92
CA LYS E 289 -2.16 -15.88 -13.48
C LYS E 289 -2.07 -15.51 -12.03
N ALA E 290 -1.26 -16.25 -11.28
CA ALA E 290 -0.98 -15.84 -9.91
C ALA E 290 -0.28 -14.48 -9.98
N ASN E 291 -0.52 -13.64 -8.98
CA ASN E 291 0.07 -12.31 -8.90
C ASN E 291 -0.03 -11.85 -7.46
N TRP E 292 0.89 -10.98 -7.05
CA TRP E 292 0.98 -10.60 -5.64
C TRP E 292 -0.12 -9.62 -5.16
N GLU E 293 -0.69 -8.85 -6.07
CA GLU E 293 -1.77 -7.93 -5.70
C GLU E 293 -3.01 -8.66 -5.26
N GLU E 294 -3.36 -9.69 -6.03
CA GLU E 294 -4.39 -10.65 -5.68
C GLU E 294 -4.18 -11.18 -4.26
N VAL E 295 -2.94 -11.58 -3.97
CA VAL E 295 -2.57 -12.09 -2.65
C VAL E 295 -2.82 -11.04 -1.56
N LEU E 296 -2.41 -9.80 -1.81
CA LEU E 296 -2.64 -8.72 -0.83
C LEU E 296 -4.12 -8.43 -0.60
N ALA E 297 -4.91 -8.42 -1.69
CA ALA E 297 -6.36 -8.21 -1.63
C ALA E 297 -7.03 -9.26 -0.76
N ALA E 298 -6.71 -10.53 -1.02
CA ALA E 298 -7.23 -11.62 -0.22
C ALA E 298 -6.85 -11.46 1.26
N GLY E 299 -5.60 -11.06 1.51
CA GLY E 299 -5.12 -10.79 2.86
C GLY E 299 -5.94 -9.72 3.56
N LYS E 300 -6.40 -8.73 2.77
CA LYS E 300 -7.24 -7.67 3.30
C LYS E 300 -8.66 -8.14 3.62
N GLN E 301 -9.34 -8.77 2.66
CA GLN E 301 -10.68 -9.33 2.90
C GLN E 301 -10.72 -10.16 4.17
N ALA E 302 -9.68 -10.94 4.41
CA ALA E 302 -9.68 -11.91 5.49
C ALA E 302 -9.16 -11.37 6.80
N ALA E 303 -8.59 -10.15 6.76
CA ALA E 303 -7.95 -9.54 7.94
C ALA E 303 -8.73 -9.74 9.23
N GLN E 304 -10.01 -9.40 9.22
CA GLN E 304 -10.82 -9.48 10.43
C GLN E 304 -11.09 -10.91 10.88
N LYS E 305 -11.48 -11.75 9.92
CA LYS E 305 -11.69 -13.17 10.18
C LYS E 305 -10.46 -13.76 10.87
N LEU E 306 -9.28 -13.40 10.34
CA LEU E 306 -8.03 -13.91 10.85
C LEU E 306 -7.73 -13.38 12.24
N GLU E 307 -7.86 -12.06 12.41
CA GLU E 307 -7.68 -11.41 13.70
C GLU E 307 -8.55 -12.08 14.76
N GLN E 308 -9.84 -12.21 14.46
CA GLN E 308 -10.80 -12.86 15.33
C GLN E 308 -10.33 -14.28 15.70
N PHE E 309 -9.97 -15.04 14.69
CA PHE E 309 -9.59 -16.44 14.85
C PHE E 309 -8.37 -16.64 15.75
N VAL E 310 -7.36 -15.79 15.59
CA VAL E 310 -6.17 -15.93 16.41
C VAL E 310 -6.47 -15.62 17.87
N SER E 311 -7.30 -14.61 18.11
CA SER E 311 -7.70 -14.25 19.47
C SER E 311 -8.39 -15.42 20.14
N ILE E 312 -9.47 -15.88 19.51
CA ILE E 312 -10.22 -17.05 19.98
C ILE E 312 -9.25 -18.18 20.36
N LEU E 313 -8.37 -18.49 19.43
CA LEU E 313 -7.42 -19.57 19.60
C LEU E 313 -6.61 -19.44 20.88
N MET E 314 -6.34 -18.20 21.31
CA MET E 314 -5.53 -17.95 22.50
C MET E 314 -6.09 -18.66 23.71
N ALA E 315 -7.43 -18.65 23.83
CA ALA E 315 -8.14 -19.36 24.89
C ALA E 315 -7.89 -20.87 24.88
N SER E 316 -7.71 -21.46 23.70
CA SER E 316 -7.48 -22.91 23.54
C SER E 316 -6.09 -23.37 24.00
N ILE E 317 -5.14 -22.43 24.14
CA ILE E 317 -3.75 -22.80 24.38
C ILE E 317 -3.54 -23.28 25.82
N PRO E 318 -2.92 -24.46 26.00
CA PRO E 318 -2.60 -24.97 27.34
C PRO E 318 -1.73 -23.98 28.14
N LEU E 319 -1.76 -24.12 29.46
CA LEU E 319 -0.95 -23.28 30.35
C LEU E 319 0.43 -23.90 30.57
N PRO E 320 1.43 -23.07 30.93
CA PRO E 320 2.85 -23.48 31.06
C PRO E 320 3.11 -24.69 31.95
N GLY F 39 25.58 -11.38 -7.61
CA GLY F 39 26.56 -11.58 -8.71
C GLY F 39 26.89 -10.31 -9.49
N TYR F 40 26.05 -9.98 -10.47
CA TYR F 40 26.23 -8.81 -11.33
C TYR F 40 25.34 -7.64 -10.95
N THR F 41 25.77 -6.42 -11.27
CA THR F 41 24.93 -5.22 -11.08
C THR F 41 24.21 -4.89 -12.37
N TYR F 42 23.19 -4.04 -12.29
CA TYR F 42 22.51 -3.60 -13.51
C TYR F 42 23.50 -2.99 -14.53
N GLU F 43 24.43 -2.17 -14.04
CA GLU F 43 25.51 -1.59 -14.85
C GLU F 43 26.25 -2.61 -15.68
N ASP F 44 26.68 -3.69 -15.02
CA ASP F 44 27.45 -4.73 -15.68
C ASP F 44 26.75 -5.23 -16.94
N TYR F 45 25.45 -5.50 -16.82
CA TYR F 45 24.64 -5.99 -17.95
C TYR F 45 24.62 -4.94 -19.04
N LYS F 46 24.39 -3.71 -18.61
CA LYS F 46 24.32 -2.55 -19.48
C LYS F 46 25.63 -2.35 -20.25
N ASN F 47 26.76 -2.41 -19.53
CA ASN F 47 28.07 -2.30 -20.16
C ASN F 47 28.26 -3.34 -21.25
N THR F 48 27.96 -4.59 -20.91
CA THR F 48 28.10 -5.70 -21.86
C THR F 48 27.27 -5.47 -23.12
N ALA F 49 26.05 -4.97 -22.94
CA ALA F 49 25.16 -4.69 -24.07
C ALA F 49 25.68 -3.53 -24.92
N GLU F 50 26.10 -2.45 -24.25
CA GLU F 50 26.69 -1.30 -24.93
C GLU F 50 27.92 -1.66 -25.72
N TYR F 51 28.80 -2.47 -25.14
CA TYR F 51 29.98 -2.95 -25.86
C TYR F 51 29.55 -3.59 -27.18
N LEU F 52 28.60 -4.52 -27.11
CA LEU F 52 28.16 -5.25 -28.30
C LEU F 52 27.45 -4.34 -29.30
N LEU F 53 26.56 -3.49 -28.79
CA LEU F 53 25.79 -2.58 -29.63
C LEU F 53 26.70 -1.63 -30.41
N SER F 54 27.71 -1.10 -29.71
CA SER F 54 28.67 -0.19 -30.31
C SER F 54 29.64 -0.88 -31.29
N HIS F 55 29.75 -2.20 -31.24
CA HIS F 55 30.71 -2.91 -32.11
C HIS F 55 30.06 -3.70 -33.24
N THR F 56 28.77 -3.50 -33.44
CA THR F 56 28.06 -4.11 -34.56
C THR F 56 26.86 -3.27 -34.91
N LYS F 57 26.48 -3.33 -36.18
CA LYS F 57 25.29 -2.65 -36.66
C LYS F 57 24.09 -3.59 -36.66
N HIS F 58 24.35 -4.89 -36.53
CA HIS F 58 23.30 -5.90 -36.37
C HIS F 58 22.43 -5.55 -35.17
N ARG F 59 21.13 -5.72 -35.34
CA ARG F 59 20.18 -5.49 -34.26
C ARG F 59 19.22 -6.70 -34.18
N PRO F 60 19.57 -7.72 -33.38
CA PRO F 60 18.82 -8.98 -33.43
C PRO F 60 17.43 -8.90 -32.80
N GLN F 61 16.46 -9.56 -33.43
CA GLN F 61 15.12 -9.70 -32.86
C GLN F 61 15.05 -10.98 -32.04
N VAL F 62 15.78 -11.97 -32.50
CA VAL F 62 15.70 -13.33 -32.02
C VAL F 62 17.06 -13.79 -31.51
N ALA F 63 17.12 -14.26 -30.27
CA ALA F 63 18.30 -14.97 -29.77
C ALA F 63 18.06 -16.46 -29.86
N ILE F 64 19.07 -17.20 -30.31
CA ILE F 64 18.98 -18.66 -30.42
C ILE F 64 20.11 -19.31 -29.64
N ILE F 65 19.76 -20.08 -28.60
CA ILE F 65 20.76 -20.82 -27.85
C ILE F 65 20.84 -22.23 -28.42
N CYS F 66 21.99 -22.54 -29.02
CA CYS F 66 22.15 -23.81 -29.72
C CYS F 66 22.54 -24.91 -28.75
N GLY F 67 21.76 -25.98 -28.76
CA GLY F 67 22.08 -27.19 -28.02
C GLY F 67 22.56 -28.21 -29.03
N SER F 68 22.68 -29.46 -28.60
CA SER F 68 23.20 -30.52 -29.46
C SER F 68 22.51 -30.58 -30.81
N GLY F 69 23.33 -30.78 -31.84
CA GLY F 69 22.90 -30.85 -33.24
C GLY F 69 22.85 -29.54 -34.00
N LEU F 70 23.11 -28.42 -33.31
CA LEU F 70 23.10 -27.11 -33.96
C LEU F 70 24.48 -26.45 -33.92
N GLY F 71 25.51 -27.28 -33.73
CA GLY F 71 26.89 -26.81 -33.79
C GLY F 71 27.20 -26.08 -35.09
N GLY F 72 26.57 -26.50 -36.18
CA GLY F 72 26.80 -25.89 -37.49
C GLY F 72 25.73 -24.94 -37.99
N LEU F 73 24.83 -24.50 -37.10
CA LEU F 73 23.76 -23.60 -37.56
C LEU F 73 24.27 -22.21 -37.96
N THR F 74 25.43 -21.80 -37.44
CA THR F 74 26.06 -20.54 -37.83
C THR F 74 26.34 -20.46 -39.33
N ASP F 75 26.66 -21.60 -39.93
CA ASP F 75 26.94 -21.70 -41.36
C ASP F 75 25.79 -21.23 -42.25
N LYS F 76 24.58 -21.19 -41.72
CA LYS F 76 23.44 -20.77 -42.51
C LYS F 76 23.14 -19.28 -42.32
N LEU F 77 23.87 -18.64 -41.40
CA LEU F 77 23.82 -17.20 -41.22
C LEU F 77 24.42 -16.47 -42.41
N THR F 78 23.73 -15.41 -42.85
CA THR F 78 24.29 -14.49 -43.83
C THR F 78 24.70 -13.21 -43.11
N GLN F 79 25.80 -12.59 -43.59
CA GLN F 79 26.37 -11.38 -42.99
C GLN F 79 26.80 -11.64 -41.54
N ALA F 80 27.37 -12.81 -41.32
CA ALA F 80 27.82 -13.24 -40.00
C ALA F 80 28.86 -12.29 -39.41
N GLN F 81 28.76 -12.04 -38.11
CA GLN F 81 29.79 -11.33 -37.38
C GLN F 81 29.99 -11.95 -35.99
N ILE F 82 31.20 -12.46 -35.76
CA ILE F 82 31.57 -13.21 -34.55
C ILE F 82 32.18 -12.34 -33.43
N PHE F 83 31.83 -12.68 -32.18
CA PHE F 83 32.46 -12.14 -30.98
C PHE F 83 32.79 -13.35 -30.12
N ASP F 84 34.03 -13.46 -29.64
CA ASP F 84 34.37 -14.55 -28.71
C ASP F 84 34.02 -14.13 -27.30
N TYR F 85 33.72 -15.09 -26.43
CA TYR F 85 33.34 -14.75 -25.06
C TYR F 85 34.48 -14.02 -24.35
N SER F 86 35.71 -14.38 -24.70
CA SER F 86 36.91 -13.70 -24.21
C SER F 86 36.92 -12.19 -24.53
N GLU F 87 36.43 -11.83 -25.72
CA GLU F 87 36.26 -10.42 -26.11
C GLU F 87 35.22 -9.66 -25.30
N ILE F 88 34.16 -10.35 -24.87
CA ILE F 88 32.99 -9.66 -24.33
C ILE F 88 33.13 -9.41 -22.84
N PRO F 89 33.02 -8.13 -22.42
CA PRO F 89 33.16 -7.79 -21.00
C PRO F 89 32.07 -8.43 -20.14
N ASN F 90 32.48 -8.93 -18.97
CA ASN F 90 31.62 -9.56 -17.97
C ASN F 90 31.13 -10.98 -18.29
N PHE F 91 31.33 -11.41 -19.54
CA PHE F 91 31.00 -12.77 -19.92
C PHE F 91 31.83 -13.80 -19.16
N PRO F 92 31.16 -14.82 -18.61
CA PRO F 92 31.85 -15.96 -18.02
C PRO F 92 32.54 -16.74 -19.13
N ARG F 93 33.53 -17.56 -18.78
CA ARG F 93 34.27 -18.29 -19.80
C ARG F 93 34.43 -19.78 -19.49
N SER F 94 34.18 -20.61 -20.49
CA SER F 94 34.35 -22.06 -20.38
C SER F 94 35.83 -22.42 -20.37
N THR F 95 36.27 -23.19 -19.37
CA THR F 95 37.65 -23.70 -19.34
C THR F 95 37.79 -24.92 -20.27
N VAL F 96 36.64 -25.47 -20.69
CA VAL F 96 36.53 -26.49 -21.75
C VAL F 96 37.49 -26.14 -22.92
N PRO F 97 38.41 -27.07 -23.26
CA PRO F 97 39.67 -26.76 -23.98
C PRO F 97 39.55 -26.10 -25.36
N GLY F 98 38.63 -26.57 -26.19
CA GLY F 98 38.52 -26.12 -27.58
C GLY F 98 38.41 -24.62 -27.79
N HIS F 99 37.47 -23.99 -27.08
CA HIS F 99 37.17 -22.56 -27.23
C HIS F 99 36.37 -22.04 -26.05
N ALA F 100 36.39 -20.72 -25.86
CA ALA F 100 35.52 -20.09 -24.87
C ALA F 100 34.07 -20.16 -25.35
N GLY F 101 33.89 -20.13 -26.68
CA GLY F 101 32.56 -20.03 -27.28
C GLY F 101 32.33 -18.63 -27.81
N ARG F 102 31.26 -18.46 -28.58
CA ARG F 102 31.10 -17.24 -29.34
C ARG F 102 29.63 -16.85 -29.51
N LEU F 103 29.39 -15.55 -29.63
CA LEU F 103 28.12 -15.04 -30.15
C LEU F 103 28.30 -14.71 -31.62
N VAL F 104 27.35 -15.13 -32.44
CA VAL F 104 27.44 -14.85 -33.86
C VAL F 104 26.17 -14.14 -34.32
N PHE F 105 26.30 -12.86 -34.66
CA PHE F 105 25.18 -12.09 -35.22
C PHE F 105 25.03 -12.39 -36.71
N GLY F 106 23.87 -12.05 -37.26
CA GLY F 106 23.59 -12.32 -38.67
C GLY F 106 22.11 -12.36 -39.01
N PHE F 107 21.82 -12.88 -40.20
CA PHE F 107 20.46 -13.09 -40.61
C PHE F 107 20.29 -14.57 -40.88
N LEU F 108 19.20 -15.13 -40.37
CA LEU F 108 18.80 -16.49 -40.71
C LEU F 108 17.45 -16.36 -41.39
N ASN F 109 17.37 -16.83 -42.64
CA ASN F 109 16.22 -16.55 -43.51
C ASN F 109 15.75 -15.10 -43.42
N GLY F 110 16.69 -14.18 -43.56
CA GLY F 110 16.39 -12.75 -43.51
C GLY F 110 15.92 -12.28 -42.15
N ARG F 111 16.08 -13.13 -41.14
CA ARG F 111 15.70 -12.75 -39.80
C ARG F 111 16.91 -12.30 -39.00
N ALA F 112 16.79 -11.12 -38.40
CA ALA F 112 17.87 -10.51 -37.62
C ALA F 112 18.03 -11.23 -36.28
N CYS F 113 19.10 -12.00 -36.14
CA CYS F 113 19.29 -12.81 -34.94
C CYS F 113 20.72 -12.85 -34.42
N VAL F 114 20.84 -13.20 -33.14
CA VAL F 114 22.11 -13.51 -32.50
C VAL F 114 22.08 -14.97 -32.04
N MET F 115 23.15 -15.70 -32.34
CA MET F 115 23.24 -17.11 -32.00
C MET F 115 24.31 -17.35 -30.95
N MET F 116 23.96 -18.12 -29.94
CA MET F 116 24.86 -18.41 -28.84
C MET F 116 25.36 -19.83 -28.95
N GLN F 117 26.67 -19.98 -29.08
CA GLN F 117 27.26 -21.30 -29.22
C GLN F 117 28.26 -21.52 -28.11
N GLY F 118 28.01 -22.58 -27.34
CA GLY F 118 28.73 -22.83 -26.11
C GLY F 118 27.91 -22.23 -24.97
N ARG F 119 27.57 -23.05 -24.00
CA ARG F 119 26.79 -22.55 -22.87
C ARG F 119 27.41 -22.94 -21.55
N PHE F 120 26.80 -22.43 -20.49
CA PHE F 120 27.23 -22.72 -19.14
C PHE F 120 26.16 -23.53 -18.43
N HIS F 121 26.61 -24.52 -17.68
CA HIS F 121 25.70 -25.44 -17.03
C HIS F 121 25.92 -25.50 -15.54
N MET F 122 24.82 -25.68 -14.82
CA MET F 122 24.87 -25.87 -13.39
C MET F 122 25.82 -27.01 -12.99
N TYR F 123 25.85 -28.09 -13.76
CA TYR F 123 26.67 -29.22 -13.37
C TYR F 123 28.16 -28.91 -13.49
N GLU F 124 28.50 -27.87 -14.25
CA GLU F 124 29.89 -27.45 -14.40
C GLU F 124 30.37 -26.63 -13.22
N GLY F 125 29.45 -26.20 -12.36
CA GLY F 125 29.84 -25.42 -11.21
C GLY F 125 29.39 -23.98 -11.27
N TYR F 126 28.96 -23.52 -12.44
CA TYR F 126 28.48 -22.14 -12.59
C TYR F 126 27.25 -21.85 -11.72
N PRO F 127 27.27 -20.72 -11.00
CA PRO F 127 26.03 -20.28 -10.39
C PRO F 127 25.02 -19.93 -11.48
N LEU F 128 23.75 -19.88 -11.11
CA LEU F 128 22.71 -19.67 -12.10
C LEU F 128 22.71 -18.28 -12.71
N TYR F 129 23.11 -17.26 -11.94
CA TYR F 129 23.18 -15.91 -12.49
C TYR F 129 24.26 -15.80 -13.59
N LYS F 130 25.26 -16.67 -13.53
CA LYS F 130 26.21 -16.79 -14.62
C LYS F 130 25.63 -17.57 -15.79
N VAL F 131 24.96 -18.67 -15.50
CA VAL F 131 24.32 -19.47 -16.54
C VAL F 131 23.38 -18.63 -17.41
N THR F 132 22.67 -17.71 -16.76
CA THR F 132 21.63 -16.93 -17.42
C THR F 132 22.00 -15.49 -17.73
N PHE F 133 23.26 -15.13 -17.49
CA PHE F 133 23.79 -13.82 -17.85
C PHE F 133 23.48 -13.42 -19.32
N PRO F 134 23.82 -14.29 -20.31
CA PRO F 134 23.57 -13.91 -21.71
C PRO F 134 22.13 -13.48 -21.98
N VAL F 135 21.17 -14.14 -21.33
CA VAL F 135 19.75 -13.90 -21.60
C VAL F 135 19.39 -12.45 -21.25
N ARG F 136 19.85 -11.99 -20.09
CA ARG F 136 19.60 -10.62 -19.70
C ARG F 136 20.25 -9.64 -20.68
N VAL F 137 21.43 -10.01 -21.19
CA VAL F 137 22.13 -9.20 -22.18
C VAL F 137 21.30 -9.12 -23.47
N PHE F 138 20.86 -10.27 -23.97
CA PHE F 138 20.00 -10.31 -25.16
C PHE F 138 18.81 -9.37 -25.05
N HIS F 139 18.18 -9.33 -23.89
CA HIS F 139 17.04 -8.45 -23.64
C HIS F 139 17.46 -7.01 -23.89
N LEU F 140 18.60 -6.64 -23.31
CA LEU F 140 19.15 -5.29 -23.45
C LEU F 140 19.62 -4.97 -24.87
N LEU F 141 19.98 -5.98 -25.66
CA LEU F 141 20.22 -5.79 -27.10
C LEU F 141 18.95 -5.45 -27.88
N GLY F 142 17.78 -5.57 -27.23
CA GLY F 142 16.49 -5.40 -27.89
C GLY F 142 15.89 -6.63 -28.55
N VAL F 143 16.49 -7.80 -28.31
CA VAL F 143 15.89 -9.10 -28.65
C VAL F 143 14.52 -9.22 -27.97
N ASP F 144 13.56 -9.84 -28.64
CA ASP F 144 12.24 -10.03 -28.02
C ASP F 144 11.75 -11.47 -28.10
N THR F 145 12.56 -12.35 -28.67
CA THR F 145 12.21 -13.75 -28.81
C THR F 145 13.45 -14.59 -28.55
N LEU F 146 13.33 -15.54 -27.62
CA LEU F 146 14.38 -16.50 -27.34
C LEU F 146 13.99 -17.90 -27.80
N VAL F 147 14.87 -18.50 -28.60
CA VAL F 147 14.71 -19.88 -29.02
C VAL F 147 15.80 -20.70 -28.35
N VAL F 148 15.40 -21.63 -27.48
CA VAL F 148 16.35 -22.48 -26.76
C VAL F 148 16.20 -23.90 -27.26
N THR F 149 17.31 -24.59 -27.42
CA THR F 149 17.26 -25.98 -27.83
C THR F 149 18.22 -26.78 -26.97
N ASN F 150 18.05 -28.09 -26.94
CA ASN F 150 18.93 -28.92 -26.16
C ASN F 150 18.79 -30.36 -26.59
N ALA F 151 19.58 -31.23 -25.97
CA ALA F 151 19.39 -32.66 -26.09
C ALA F 151 18.63 -33.09 -24.82
N ALA F 152 17.89 -34.19 -24.90
CA ALA F 152 17.19 -34.72 -23.74
C ALA F 152 16.96 -36.21 -23.89
N GLY F 153 16.86 -36.90 -22.76
CA GLY F 153 16.51 -38.32 -22.74
C GLY F 153 15.02 -38.44 -22.85
N GLY F 154 14.58 -39.46 -23.59
CA GLY F 154 13.15 -39.72 -23.80
C GLY F 154 12.57 -40.50 -22.64
N LEU F 155 11.57 -39.91 -21.99
CA LEU F 155 10.85 -40.62 -20.92
C LEU F 155 9.55 -41.22 -21.42
N ASN F 156 8.90 -40.48 -22.33
CA ASN F 156 7.69 -40.92 -23.02
C ASN F 156 7.99 -42.09 -23.95
N PRO F 157 7.35 -43.24 -23.71
CA PRO F 157 7.58 -44.47 -24.48
C PRO F 157 7.34 -44.33 -25.99
N LYS F 158 6.51 -43.37 -26.39
CA LYS F 158 6.23 -43.11 -27.79
C LYS F 158 7.40 -42.45 -28.50
N PHE F 159 8.29 -41.81 -27.74
CA PHE F 159 9.38 -41.08 -28.38
C PHE F 159 10.41 -42.03 -28.95
N GLU F 160 11.04 -41.61 -30.03
CA GLU F 160 12.13 -42.36 -30.67
C GLU F 160 13.36 -41.47 -30.80
N VAL F 161 14.53 -42.08 -30.66
CA VAL F 161 15.79 -41.39 -30.90
C VAL F 161 15.68 -40.66 -32.23
N GLY F 162 16.00 -39.37 -32.24
CA GLY F 162 15.89 -38.59 -33.45
C GLY F 162 14.71 -37.64 -33.44
N ASP F 163 13.73 -37.90 -32.57
CA ASP F 163 12.54 -37.05 -32.51
C ASP F 163 12.88 -35.66 -32.02
N ILE F 164 12.12 -34.67 -32.50
CA ILE F 164 12.13 -33.34 -31.94
C ILE F 164 10.88 -33.20 -31.06
N MET F 165 11.07 -32.76 -29.83
CA MET F 165 9.95 -32.53 -28.95
C MET F 165 9.82 -31.05 -28.68
N LEU F 166 8.70 -30.47 -29.08
CA LEU F 166 8.41 -29.11 -28.69
C LEU F 166 8.16 -29.06 -27.20
N ILE F 167 8.81 -28.11 -26.54
CA ILE F 167 8.59 -27.98 -25.12
C ILE F 167 7.30 -27.21 -24.89
N ARG F 168 6.30 -27.89 -24.35
CA ARG F 168 5.05 -27.23 -24.02
C ARG F 168 5.12 -26.61 -22.64
N ASP F 169 5.91 -27.23 -21.77
CA ASP F 169 5.99 -26.83 -20.37
C ASP F 169 7.22 -27.50 -19.76
N HIS F 170 7.62 -27.03 -18.59
CA HIS F 170 8.71 -27.67 -17.88
C HIS F 170 8.42 -27.95 -16.41
N ILE F 171 9.21 -28.84 -15.82
CA ILE F 171 9.24 -29.05 -14.39
C ILE F 171 10.64 -28.71 -13.90
N ASN F 172 10.72 -27.66 -13.10
CA ASN F 172 12.01 -27.17 -12.64
C ASN F 172 12.38 -27.72 -11.25
N LEU F 173 12.90 -28.95 -11.22
CA LEU F 173 13.26 -29.55 -9.94
C LEU F 173 14.28 -28.74 -9.11
N PRO F 174 15.38 -28.22 -9.75
CA PRO F 174 16.33 -27.43 -8.95
C PRO F 174 15.66 -26.21 -8.37
N GLY F 175 14.79 -25.60 -9.16
CA GLY F 175 14.01 -24.47 -8.71
C GLY F 175 13.25 -24.74 -7.43
N PHE F 176 12.66 -25.93 -7.28
CA PHE F 176 11.90 -26.23 -6.06
C PHE F 176 12.74 -26.05 -4.80
N SER F 177 14.02 -26.41 -4.90
CA SER F 177 14.95 -26.40 -3.77
C SER F 177 15.68 -25.13 -3.47
N GLY F 178 15.59 -24.14 -4.35
CA GLY F 178 16.28 -22.88 -4.11
C GLY F 178 17.11 -22.47 -5.32
N GLN F 179 17.47 -23.45 -6.14
CA GLN F 179 18.26 -23.18 -7.33
C GLN F 179 17.42 -22.59 -8.44
N ASN F 180 17.00 -21.34 -8.21
CA ASN F 180 16.26 -20.57 -9.17
C ASN F 180 17.07 -19.31 -9.54
N PRO F 181 17.24 -19.02 -10.85
CA PRO F 181 18.13 -17.93 -11.25
C PRO F 181 17.72 -16.57 -10.72
N LEU F 182 16.46 -16.41 -10.34
CA LEU F 182 15.96 -15.12 -9.88
C LEU F 182 16.15 -14.95 -8.40
N ARG F 183 16.80 -15.91 -7.78
CA ARG F 183 17.00 -15.84 -6.34
C ARG F 183 17.89 -14.63 -5.98
N GLY F 184 17.56 -13.94 -4.90
CA GLY F 184 18.26 -12.73 -4.53
C GLY F 184 17.36 -11.53 -4.71
N PRO F 185 17.93 -10.30 -4.68
CA PRO F 185 17.14 -9.08 -4.82
C PRO F 185 16.59 -8.98 -6.23
N ASN F 186 15.35 -8.51 -6.38
CA ASN F 186 14.78 -8.34 -7.71
C ASN F 186 15.08 -6.95 -8.22
N ASP F 187 15.38 -6.85 -9.52
CA ASP F 187 15.53 -5.56 -10.16
C ASP F 187 14.32 -5.28 -11.04
N GLU F 188 13.50 -4.33 -10.60
CA GLU F 188 12.28 -3.97 -11.31
C GLU F 188 12.52 -3.48 -12.73
N ARG F 189 13.77 -3.16 -13.05
CA ARG F 189 14.14 -2.79 -14.41
C ARG F 189 14.13 -3.98 -15.34
N PHE F 190 14.22 -5.18 -14.77
CA PHE F 190 14.14 -6.41 -15.56
C PHE F 190 12.75 -7.02 -15.58
N GLY F 191 12.07 -7.02 -14.43
CA GLY F 191 10.77 -7.66 -14.30
C GLY F 191 10.26 -7.67 -12.87
N ASP F 192 9.18 -8.42 -12.66
CA ASP F 192 8.53 -8.47 -11.35
C ASP F 192 9.27 -9.35 -10.32
N ARG F 193 9.04 -9.06 -9.04
CA ARG F 193 9.54 -9.91 -7.97
C ARG F 193 9.07 -11.38 -8.10
N PHE F 194 7.81 -11.57 -8.51
CA PHE F 194 7.19 -12.89 -8.62
C PHE F 194 6.61 -13.15 -10.01
N PRO F 195 7.47 -13.41 -11.01
CA PRO F 195 6.92 -13.67 -12.35
C PRO F 195 6.15 -15.01 -12.46
N ALA F 196 5.17 -15.07 -13.36
CA ALA F 196 4.43 -16.29 -13.61
C ALA F 196 5.11 -17.09 -14.71
N MET F 197 5.01 -18.42 -14.62
CA MET F 197 5.60 -19.29 -15.61
C MET F 197 4.59 -20.18 -16.31
N SER F 198 3.30 -20.02 -15.95
CA SER F 198 2.26 -20.89 -16.52
C SER F 198 2.09 -20.76 -18.03
N ASP F 199 2.49 -19.62 -18.58
CA ASP F 199 2.42 -19.41 -20.03
C ASP F 199 3.81 -19.24 -20.67
N ALA F 200 4.83 -19.84 -20.07
CA ALA F 200 6.21 -19.61 -20.52
C ALA F 200 6.43 -19.91 -22.00
N TYR F 201 5.92 -21.04 -22.48
CA TYR F 201 6.22 -21.45 -23.85
C TYR F 201 5.11 -21.05 -24.82
N ASP F 202 5.43 -20.04 -25.65
CA ASP F 202 4.46 -19.39 -26.51
C ASP F 202 3.54 -20.34 -27.29
N ARG F 203 2.26 -20.24 -26.97
CA ARG F 203 1.18 -21.00 -27.60
C ARG F 203 1.22 -20.91 -29.12
N THR F 204 1.21 -19.68 -29.61
CA THR F 204 1.12 -19.39 -31.03
C THR F 204 2.28 -19.97 -31.81
N MET F 205 3.49 -19.75 -31.30
CA MET F 205 4.70 -20.29 -31.87
C MET F 205 4.60 -21.79 -32.05
N ARG F 206 4.02 -22.45 -31.06
CA ARG F 206 3.89 -23.90 -31.07
C ARG F 206 2.88 -24.36 -32.12
N GLN F 207 1.76 -23.63 -32.23
CA GLN F 207 0.77 -23.88 -33.26
C GLN F 207 1.40 -23.77 -34.64
N ARG F 208 2.05 -22.63 -34.87
CA ARG F 208 2.73 -22.39 -36.15
C ARG F 208 3.82 -23.39 -36.41
N ALA F 209 4.55 -23.76 -35.36
CA ALA F 209 5.61 -24.76 -35.49
C ALA F 209 5.04 -26.12 -35.91
N LEU F 210 3.87 -26.46 -35.39
CA LEU F 210 3.22 -27.73 -35.69
C LEU F 210 2.79 -27.82 -37.16
N SER F 211 2.23 -26.72 -37.68
CA SER F 211 1.86 -26.62 -39.09
C SER F 211 3.09 -26.78 -39.98
N THR F 212 4.00 -25.82 -39.86
CA THR F 212 5.18 -25.71 -40.72
C THR F 212 6.08 -26.96 -40.74
N TYR F 213 5.98 -27.82 -39.72
CA TYR F 213 6.78 -29.05 -39.70
C TYR F 213 6.37 -30.01 -40.82
N LYS F 214 5.11 -29.95 -41.22
CA LYS F 214 4.63 -30.76 -42.34
C LYS F 214 5.44 -30.53 -43.62
N GLN F 215 5.88 -29.29 -43.83
CA GLN F 215 6.65 -28.87 -45.01
C GLN F 215 7.90 -29.71 -45.26
N MET F 216 8.58 -30.09 -44.19
CA MET F 216 9.82 -30.86 -44.32
C MET F 216 9.58 -32.26 -44.83
N GLY F 217 8.33 -32.73 -44.70
CA GLY F 217 7.95 -34.08 -45.14
C GLY F 217 8.80 -35.11 -44.44
N GLU F 218 8.61 -35.19 -43.12
CA GLU F 218 9.32 -36.15 -42.28
C GLU F 218 8.39 -37.32 -41.93
N GLN F 219 8.96 -38.51 -41.79
CA GLN F 219 8.20 -39.69 -41.41
C GLN F 219 7.65 -39.58 -39.99
N ARG F 220 8.56 -39.41 -39.03
CA ARG F 220 8.21 -39.16 -37.63
C ARG F 220 7.68 -37.74 -37.49
N GLU F 221 6.61 -37.56 -36.72
CA GLU F 221 6.09 -36.22 -36.53
C GLU F 221 6.75 -35.48 -35.40
N LEU F 222 6.34 -34.23 -35.31
CA LEU F 222 6.72 -33.37 -34.24
C LEU F 222 6.05 -33.81 -32.94
N GLN F 223 6.87 -34.15 -31.96
CA GLN F 223 6.39 -34.44 -30.62
C GLN F 223 6.19 -33.14 -29.86
N GLU F 224 5.39 -33.20 -28.79
CA GLU F 224 5.19 -32.05 -27.92
C GLU F 224 5.07 -32.63 -26.52
N GLY F 225 5.56 -31.90 -25.51
CA GLY F 225 5.58 -32.46 -24.17
C GLY F 225 6.23 -31.63 -23.10
N THR F 226 6.36 -32.25 -21.93
CA THR F 226 6.94 -31.59 -20.77
C THR F 226 8.40 -31.98 -20.62
N TYR F 227 9.23 -30.97 -20.45
CA TYR F 227 10.67 -31.13 -20.22
C TYR F 227 10.97 -30.99 -18.74
N VAL F 228 11.68 -31.95 -18.18
CA VAL F 228 12.09 -31.83 -16.77
C VAL F 228 13.58 -31.52 -16.67
N MET F 229 13.91 -30.53 -15.86
CA MET F 229 15.31 -30.24 -15.59
C MET F 229 15.84 -30.90 -14.30
N VAL F 230 16.93 -31.63 -14.46
CA VAL F 230 17.71 -32.15 -13.35
C VAL F 230 19.11 -31.57 -13.45
N ALA F 231 19.79 -31.44 -12.32
CA ALA F 231 21.11 -30.78 -12.28
C ALA F 231 22.21 -31.59 -13.01
N GLY F 232 22.19 -32.91 -12.88
CA GLY F 232 23.25 -33.73 -13.46
C GLY F 232 24.49 -33.65 -12.56
N PRO F 233 25.66 -34.08 -13.07
CA PRO F 233 25.95 -34.51 -14.45
C PRO F 233 25.82 -36.02 -14.69
N SER F 234 25.65 -36.82 -13.65
CA SER F 234 25.43 -38.25 -13.88
C SER F 234 24.03 -38.50 -14.40
N PHE F 235 23.86 -39.58 -15.14
CA PHE F 235 22.56 -39.94 -15.71
C PHE F 235 21.66 -40.62 -14.70
N GLU F 236 20.38 -40.68 -15.02
CA GLU F 236 19.36 -41.15 -14.10
C GLU F 236 19.46 -42.63 -13.87
N THR F 237 19.13 -43.09 -12.69
CA THR F 237 18.94 -44.49 -12.44
C THR F 237 17.56 -44.90 -13.03
N VAL F 238 17.25 -46.19 -12.98
CA VAL F 238 15.95 -46.65 -13.40
C VAL F 238 14.86 -46.09 -12.48
N ALA F 239 15.04 -46.21 -11.16
CA ALA F 239 14.08 -45.66 -10.22
C ALA F 239 13.85 -44.17 -10.49
N GLU F 240 14.91 -43.44 -10.80
CA GLU F 240 14.76 -42.00 -11.01
C GLU F 240 13.97 -41.74 -12.28
N CYS F 241 14.19 -42.58 -13.30
CA CYS F 241 13.47 -42.48 -14.57
C CYS F 241 12.00 -42.66 -14.29
N ARG F 242 11.68 -43.69 -13.52
CA ARG F 242 10.30 -43.95 -13.18
C ARG F 242 9.66 -42.79 -12.41
N VAL F 243 10.41 -42.19 -11.48
CA VAL F 243 9.94 -41.02 -10.74
C VAL F 243 9.57 -39.90 -11.72
N LEU F 244 10.47 -39.62 -12.66
CA LEU F 244 10.24 -38.50 -13.58
C LEU F 244 9.05 -38.75 -14.51
N GLN F 245 8.82 -40.01 -14.86
CA GLN F 245 7.64 -40.41 -15.61
C GLN F 245 6.39 -40.19 -14.83
N LYS F 246 6.35 -40.64 -13.58
CA LYS F 246 5.19 -40.44 -12.70
C LYS F 246 4.88 -38.96 -12.56
N LEU F 247 5.90 -38.12 -12.53
CA LEU F 247 5.66 -36.70 -12.32
C LEU F 247 5.10 -36.05 -13.56
N GLY F 248 5.12 -36.78 -14.68
CA GLY F 248 4.54 -36.28 -15.92
C GLY F 248 5.49 -35.69 -16.93
N ALA F 249 6.77 -36.01 -16.83
CA ALA F 249 7.73 -35.44 -17.75
C ALA F 249 7.86 -36.33 -18.96
N ASP F 250 8.05 -35.75 -20.13
CA ASP F 250 8.24 -36.55 -21.36
C ASP F 250 9.72 -36.68 -21.76
N ALA F 251 10.47 -35.62 -21.44
CA ALA F 251 11.90 -35.61 -21.67
C ALA F 251 12.68 -35.02 -20.46
N VAL F 252 13.88 -35.55 -20.23
CA VAL F 252 14.74 -35.05 -19.16
C VAL F 252 16.05 -34.48 -19.66
N GLY F 253 16.39 -33.28 -19.19
CA GLY F 253 17.69 -32.68 -19.51
C GLY F 253 18.31 -31.92 -18.35
N MET F 254 19.45 -31.29 -18.63
CA MET F 254 20.28 -30.66 -17.61
C MET F 254 20.46 -29.19 -17.86
N SER F 255 19.61 -28.62 -18.72
CA SER F 255 19.75 -27.21 -19.08
C SER F 255 18.43 -26.53 -19.37
N THR F 256 18.52 -25.32 -19.95
CA THR F 256 17.40 -24.61 -20.61
C THR F 256 16.46 -23.89 -19.65
N VAL F 257 16.02 -24.58 -18.60
CA VAL F 257 14.98 -24.05 -17.73
C VAL F 257 15.38 -22.74 -17.08
N PRO F 258 16.63 -22.66 -16.53
CA PRO F 258 16.98 -21.37 -15.91
C PRO F 258 16.92 -20.24 -16.94
N GLU F 259 17.34 -20.51 -18.17
CA GLU F 259 17.30 -19.50 -19.22
C GLU F 259 15.88 -19.03 -19.47
N VAL F 260 14.97 -20.00 -19.66
CA VAL F 260 13.56 -19.73 -19.88
C VAL F 260 13.00 -18.85 -18.77
N ILE F 261 13.30 -19.18 -17.53
CA ILE F 261 12.79 -18.40 -16.41
C ILE F 261 13.25 -16.97 -16.52
N VAL F 262 14.52 -16.76 -16.85
CA VAL F 262 15.04 -15.40 -16.94
C VAL F 262 14.43 -14.64 -18.11
N ALA F 263 14.40 -15.29 -19.28
CA ALA F 263 13.73 -14.70 -20.44
C ALA F 263 12.31 -14.23 -20.12
N ARG F 264 11.49 -15.09 -19.52
CA ARG F 264 10.12 -14.73 -19.19
C ARG F 264 10.05 -13.58 -18.18
N HIS F 265 10.95 -13.60 -17.20
CA HIS F 265 11.05 -12.52 -16.21
C HIS F 265 11.19 -11.17 -16.86
N CYS F 266 11.91 -11.09 -17.98
CA CYS F 266 12.05 -9.79 -18.63
C CYS F 266 11.21 -9.61 -19.90
N GLY F 267 10.23 -10.47 -20.08
CA GLY F 267 9.21 -10.24 -21.06
C GLY F 267 9.42 -10.89 -22.41
N LEU F 268 10.48 -11.64 -22.58
CA LEU F 268 10.73 -12.28 -23.87
C LEU F 268 9.70 -13.35 -24.23
N ARG F 269 9.41 -13.46 -25.51
CA ARG F 269 8.67 -14.59 -26.04
C ARG F 269 9.65 -15.75 -26.06
N VAL F 270 9.21 -16.92 -25.62
CA VAL F 270 10.08 -18.08 -25.56
C VAL F 270 9.50 -19.24 -26.35
N PHE F 271 10.37 -19.90 -27.09
CA PHE F 271 10.03 -21.11 -27.80
C PHE F 271 11.22 -22.05 -27.61
N GLY F 272 10.95 -23.34 -27.42
CA GLY F 272 12.04 -24.29 -27.18
C GLY F 272 11.71 -25.69 -27.63
N PHE F 273 12.75 -26.49 -27.85
CA PHE F 273 12.55 -27.89 -28.19
C PHE F 273 13.76 -28.72 -27.87
N SER F 274 13.54 -30.03 -27.81
CA SER F 274 14.57 -30.96 -27.42
C SER F 274 14.72 -31.98 -28.50
N LEU F 275 15.97 -32.35 -28.75
CA LEU F 275 16.21 -33.45 -29.61
C LEU F 275 16.30 -34.66 -28.73
N ILE F 276 15.45 -35.65 -28.95
CA ILE F 276 15.51 -36.87 -28.19
C ILE F 276 16.72 -37.69 -28.65
N THR F 277 17.76 -37.71 -27.82
CA THR F 277 19.01 -38.31 -28.22
C THR F 277 19.18 -39.74 -27.73
N ASN F 278 18.34 -40.13 -26.79
CA ASN F 278 18.43 -41.48 -26.25
C ASN F 278 17.14 -41.76 -25.51
N LYS F 279 16.84 -43.02 -25.30
CA LYS F 279 15.67 -43.40 -24.54
C LYS F 279 16.13 -43.88 -23.19
N VAL F 280 15.75 -43.14 -22.15
CA VAL F 280 16.18 -43.40 -20.79
C VAL F 280 15.86 -44.84 -20.40
N ILE F 281 16.81 -45.50 -19.74
CA ILE F 281 16.61 -46.90 -19.33
C ILE F 281 15.52 -47.00 -18.27
N MET F 282 14.55 -47.88 -18.52
CA MET F 282 13.30 -47.99 -17.77
C MET F 282 13.16 -49.28 -17.01
N ASP F 283 14.11 -50.20 -17.19
CA ASP F 283 14.01 -51.52 -16.55
C ASP F 283 15.37 -52.09 -16.20
N TYR F 284 15.38 -53.01 -15.24
CA TYR F 284 16.61 -53.58 -14.71
C TYR F 284 17.25 -54.65 -15.60
N GLU F 285 16.48 -55.17 -16.56
CA GLU F 285 16.97 -56.21 -17.46
C GLU F 285 17.96 -55.69 -18.48
N SER F 286 17.64 -54.56 -19.12
CA SER F 286 18.50 -53.98 -20.15
C SER F 286 19.98 -53.88 -19.75
N LEU F 287 20.86 -53.97 -20.75
CA LEU F 287 22.31 -53.87 -20.56
C LEU F 287 22.81 -52.60 -21.24
N GLU F 288 21.89 -51.93 -21.93
CA GLU F 288 22.11 -50.60 -22.45
C GLU F 288 22.34 -49.61 -21.32
N LYS F 289 23.04 -48.52 -21.63
CA LYS F 289 23.31 -47.46 -20.67
C LYS F 289 23.36 -46.17 -21.41
N ALA F 290 22.85 -45.10 -20.81
CA ALA F 290 23.03 -43.79 -21.39
C ALA F 290 24.53 -43.51 -21.44
N ASN F 291 24.97 -42.78 -22.44
CA ASN F 291 26.37 -42.41 -22.63
C ASN F 291 26.41 -41.22 -23.56
N TRP F 292 27.44 -40.39 -23.43
CA TRP F 292 27.51 -39.14 -24.17
C TRP F 292 27.84 -39.29 -25.67
N GLU F 293 28.51 -40.38 -26.05
CA GLU F 293 28.84 -40.60 -27.46
C GLU F 293 27.58 -40.84 -28.28
N GLU F 294 26.70 -41.69 -27.75
CA GLU F 294 25.35 -41.88 -28.25
C GLU F 294 24.66 -40.54 -28.49
N VAL F 295 24.72 -39.66 -27.49
CA VAL F 295 24.13 -38.33 -27.59
C VAL F 295 24.73 -37.55 -28.73
N LEU F 296 26.05 -37.58 -28.88
CA LEU F 296 26.70 -36.83 -29.97
C LEU F 296 26.34 -37.38 -31.35
N ALA F 297 26.27 -38.72 -31.45
CA ALA F 297 25.87 -39.40 -32.69
C ALA F 297 24.47 -38.98 -33.12
N ALA F 298 23.51 -39.04 -32.19
CA ALA F 298 22.16 -38.59 -32.45
C ALA F 298 22.14 -37.12 -32.91
N GLY F 299 22.94 -36.28 -32.23
CA GLY F 299 23.08 -34.87 -32.61
C GLY F 299 23.54 -34.69 -34.04
N LYS F 300 24.39 -35.60 -34.49
CA LYS F 300 24.89 -35.58 -35.86
C LYS F 300 23.85 -36.01 -36.88
N GLN F 301 23.25 -37.18 -36.69
CA GLN F 301 22.16 -37.65 -37.57
C GLN F 301 21.12 -36.56 -37.80
N ALA F 302 20.80 -35.82 -36.75
CA ALA F 302 19.68 -34.88 -36.80
C ALA F 302 20.09 -33.48 -37.24
N ALA F 303 21.39 -33.26 -37.35
CA ALA F 303 21.93 -31.93 -37.64
C ALA F 303 21.14 -31.18 -38.72
N GLN F 304 20.95 -31.84 -39.86
CA GLN F 304 20.28 -31.21 -41.00
C GLN F 304 18.81 -30.94 -40.77
N LYS F 305 18.11 -31.97 -40.27
CA LYS F 305 16.71 -31.85 -39.90
C LYS F 305 16.53 -30.62 -38.99
N LEU F 306 17.43 -30.49 -38.02
CA LEU F 306 17.36 -29.40 -37.05
C LEU F 306 17.64 -28.06 -37.69
N GLU F 307 18.72 -28.01 -38.47
CA GLU F 307 19.08 -26.79 -39.19
C GLU F 307 17.91 -26.31 -40.04
N GLN F 308 17.36 -27.22 -40.85
CA GLN F 308 16.19 -26.94 -41.68
C GLN F 308 15.03 -26.37 -40.84
N PHE F 309 14.71 -27.06 -39.75
CA PHE F 309 13.58 -26.72 -38.91
C PHE F 309 13.68 -25.33 -38.28
N VAL F 310 14.87 -24.96 -37.84
CA VAL F 310 15.05 -23.66 -37.22
C VAL F 310 14.88 -22.54 -38.24
N SER F 311 15.38 -22.78 -39.44
CA SER F 311 15.26 -21.80 -40.54
C SER F 311 13.79 -21.56 -40.84
N ILE F 312 13.08 -22.63 -41.17
CA ILE F 312 11.64 -22.60 -41.43
C ILE F 312 10.95 -21.77 -40.34
N LEU F 313 11.23 -22.14 -39.10
CA LEU F 313 10.62 -21.51 -37.95
C LEU F 313 10.76 -19.98 -37.96
N MET F 314 11.86 -19.49 -38.51
CA MET F 314 12.14 -18.06 -38.54
C MET F 314 11.00 -17.28 -39.19
N ALA F 315 10.47 -17.86 -40.26
CA ALA F 315 9.32 -17.31 -40.98
C ALA F 315 8.08 -17.17 -40.09
N SER F 316 7.90 -18.10 -39.16
CA SER F 316 6.73 -18.10 -38.25
C SER F 316 6.78 -17.03 -37.17
N ILE F 317 7.93 -16.42 -36.97
CA ILE F 317 8.09 -15.51 -35.84
C ILE F 317 7.44 -14.16 -36.11
N PRO F 318 6.59 -13.69 -35.18
CA PRO F 318 5.97 -12.35 -35.29
C PRO F 318 7.01 -11.24 -35.43
N LEU F 319 6.58 -10.11 -35.98
CA LEU F 319 7.44 -8.94 -36.16
C LEU F 319 7.39 -8.04 -34.91
N PRO F 320 8.44 -7.23 -34.67
CA PRO F 320 8.60 -6.40 -33.45
C PRO F 320 7.42 -5.50 -33.11
N9 GUN G . -7.74 28.38 -12.86
C8 GUN G . -7.70 28.66 -14.21
N7 GUN G . -8.87 29.21 -14.66
C5 GUN G . -9.68 29.27 -13.59
C6 GUN G . -11.04 29.78 -13.38
O6 GUN G . -11.67 30.27 -14.36
N1 GUN G . -11.59 29.68 -12.14
C2 GUN G . -10.89 29.17 -11.10
N2 GUN G . -11.56 29.15 -9.94
N3 GUN G . -9.61 28.70 -11.21
C4 GUN G . -8.97 28.72 -12.41
N9 GUN H . -35.93 29.78 3.58
C8 GUN H . -37.13 30.41 3.65
N7 GUN H . -36.91 31.66 4.14
C5 GUN H . -35.60 31.85 4.37
C6 GUN H . -34.77 32.97 4.86
O6 GUN H . -35.30 34.03 5.20
N1 GUN H . -33.44 32.78 4.98
C2 GUN H . -32.89 31.59 4.65
N2 GUN H . -31.54 31.48 4.77
N3 GUN H . -33.62 30.51 4.18
C4 GUN H . -34.95 30.61 4.02
N9 GUN I . -8.32 41.77 16.58
C8 GUN I . -7.76 42.98 16.90
N7 GUN I . -7.38 43.64 15.78
C5 GUN I . -7.73 42.88 14.73
C6 GUN I . -7.59 42.98 13.28
O6 GUN I . -7.07 43.96 12.79
N1 GUN I . -8.02 41.99 12.49
C2 GUN I . -8.60 40.89 13.01
N2 GUN I . -9.01 39.95 12.12
N3 GUN I . -8.76 40.70 14.37
C4 GUN I . -8.34 41.64 15.25
N9 GUN J . 18.14 -43.56 9.18
C8 GUN J . 17.50 -44.40 10.03
N7 GUN J . 16.18 -44.12 10.06
C5 GUN J . 15.96 -43.08 9.23
C6 GUN J . 14.78 -42.29 8.79
O6 GUN J . 13.64 -42.52 9.24
N1 GUN J . 14.99 -41.27 7.94
C2 GUN J . 16.21 -41.00 7.47
N2 GUN J . 16.33 -39.98 6.58
N3 GUN J . 17.31 -41.68 7.83
C4 GUN J . 17.26 -42.71 8.67
N9 GUN K . 1.89 -17.75 -1.66
C8 GUN K . 0.69 -17.24 -2.06
N7 GUN K . 0.32 -17.76 -3.27
C5 GUN K . 1.29 -18.61 -3.69
C6 GUN K . 1.52 -19.50 -4.86
O6 GUN K . 0.70 -19.56 -5.83
N1 GUN K . 2.66 -20.22 -4.89
C2 GUN K . 3.55 -20.19 -3.88
N2 GUN K . 4.66 -20.94 -3.94
N3 GUN K . 3.42 -19.39 -2.76
C4 GUN K . 2.32 -18.60 -2.62
N9 GUN L . 20.65 -34.88 -21.72
C8 GUN L . 20.58 -35.58 -22.88
N7 GUN L . 20.18 -36.87 -22.66
C5 GUN L . 19.97 -37.02 -21.33
C6 GUN L . 19.53 -38.13 -20.45
O6 GUN L . 19.26 -39.27 -20.91
N1 GUN L . 19.45 -37.87 -19.12
C2 GUN L . 19.73 -36.64 -18.59
N2 GUN L . 19.59 -36.43 -17.25
N3 GUN L . 20.12 -35.60 -19.36
C4 GUN L . 20.26 -35.73 -20.72
#